data_1TTY
#
_entry.id   1TTY
#
_entity_poly.entity_id   1
_entity_poly.type   'polypeptide(L)'
_entity_poly.pdbx_seq_one_letter_code
;KEAMRMLMREELEKVLKTLSPREAMVLRMRYGLLDGKPKTLEEVGQYFNVTRERIRQIEVKALRKLRHPSRSKYLKSLLS
LMDENEG
;
_entity_poly.pdbx_strand_id   A
#
# COMPACT_ATOMS: atom_id res chain seq x y z
N LYS A 1 -2.35 -29.25 0.77
CA LYS A 1 -3.46 -29.02 -0.16
C LYS A 1 -4.41 -27.97 0.39
N GLU A 2 -5.15 -28.34 1.44
CA GLU A 2 -6.12 -27.42 2.05
C GLU A 2 -5.42 -26.18 2.59
N ALA A 3 -6.08 -25.03 2.48
CA ALA A 3 -5.53 -23.77 2.95
C ALA A 3 -4.25 -23.41 2.21
N MET A 4 -4.17 -23.82 0.94
CA MET A 4 -2.99 -23.55 0.13
C MET A 4 -3.31 -22.58 -1.01
N ARG A 5 -2.45 -21.60 -1.22
CA ARG A 5 -2.66 -20.61 -2.28
C ARG A 5 -1.34 -20.01 -2.71
N MET A 6 -0.79 -19.12 -1.88
CA MET A 6 0.47 -18.45 -2.17
C MET A 6 0.44 -17.80 -3.56
N LEU A 7 -0.62 -17.06 -3.83
CA LEU A 7 -0.78 -16.38 -5.10
C LEU A 7 0.40 -15.45 -5.39
N MET A 8 0.75 -14.63 -4.40
CA MET A 8 1.85 -13.69 -4.53
C MET A 8 1.98 -12.82 -3.29
N ARG A 9 3.22 -12.50 -2.90
CA ARG A 9 3.46 -11.67 -1.72
C ARG A 9 4.83 -11.00 -1.77
N GLU A 10 5.20 -10.53 -2.96
CA GLU A 10 6.49 -9.86 -3.17
C GLU A 10 6.39 -8.36 -2.98
N GLU A 11 5.63 -7.72 -3.84
CA GLU A 11 5.47 -6.27 -3.81
C GLU A 11 4.90 -5.80 -2.47
N LEU A 12 4.01 -6.59 -1.88
CA LEU A 12 3.43 -6.23 -0.60
C LEU A 12 4.49 -6.20 0.49
N GLU A 13 5.41 -7.17 0.45
CA GLU A 13 6.49 -7.26 1.43
C GLU A 13 7.58 -6.21 1.20
N LYS A 14 7.93 -5.98 -0.06
CA LYS A 14 8.97 -5.01 -0.39
C LYS A 14 8.57 -3.59 0.00
N VAL A 15 7.29 -3.29 -0.10
CA VAL A 15 6.79 -1.96 0.23
C VAL A 15 6.61 -1.76 1.73
N LEU A 16 5.99 -2.72 2.40
CA LEU A 16 5.73 -2.62 3.84
C LEU A 16 7.01 -2.37 4.67
N LYS A 17 8.14 -2.91 4.23
CA LYS A 17 9.40 -2.75 4.98
C LYS A 17 9.78 -1.28 5.17
N THR A 18 9.39 -0.42 4.23
CA THR A 18 9.73 1.00 4.33
C THR A 18 8.67 1.78 5.09
N LEU A 19 7.40 1.43 4.89
CA LEU A 19 6.30 2.10 5.56
C LEU A 19 6.21 1.69 7.02
N SER A 20 5.93 2.66 7.90
CA SER A 20 5.80 2.41 9.33
C SER A 20 4.47 1.69 9.59
N PRO A 21 4.27 1.19 10.81
CA PRO A 21 3.04 0.49 11.18
C PRO A 21 1.79 1.30 10.90
N ARG A 22 1.84 2.60 11.21
CA ARG A 22 0.71 3.49 10.99
C ARG A 22 0.52 3.80 9.51
N GLU A 23 1.61 4.02 8.80
CA GLU A 23 1.55 4.33 7.37
C GLU A 23 1.05 3.13 6.58
N ALA A 24 1.63 1.96 6.86
CA ALA A 24 1.24 0.74 6.17
C ALA A 24 -0.23 0.40 6.43
N MET A 25 -0.71 0.67 7.64
CA MET A 25 -2.09 0.38 8.00
C MET A 25 -3.06 1.10 7.07
N VAL A 26 -2.75 2.35 6.73
CA VAL A 26 -3.63 3.14 5.84
C VAL A 26 -3.73 2.44 4.49
N LEU A 27 -2.61 1.93 4.00
CA LEU A 27 -2.61 1.24 2.72
C LEU A 27 -3.24 -0.14 2.89
N ARG A 28 -3.12 -0.73 4.09
CA ARG A 28 -3.72 -2.03 4.34
C ARG A 28 -5.21 -1.93 4.09
N MET A 29 -5.81 -0.86 4.61
CA MET A 29 -7.23 -0.61 4.43
C MET A 29 -7.51 -0.36 2.96
N ARG A 30 -6.70 0.51 2.36
CA ARG A 30 -6.84 0.87 0.95
C ARG A 30 -6.71 -0.37 0.07
N TYR A 31 -5.88 -1.32 0.49
CA TYR A 31 -5.66 -2.55 -0.28
C TYR A 31 -6.78 -3.56 -0.05
N GLY A 32 -7.54 -3.38 1.03
CA GLY A 32 -8.62 -4.32 1.34
C GLY A 32 -8.12 -5.51 2.13
N LEU A 33 -6.93 -5.39 2.71
CA LEU A 33 -6.33 -6.47 3.49
C LEU A 33 -6.96 -6.58 4.88
N LEU A 34 -7.42 -5.46 5.41
CA LEU A 34 -8.03 -5.44 6.74
C LEU A 34 -9.25 -6.35 6.84
N ASP A 35 -10.12 -6.30 5.83
CA ASP A 35 -11.34 -7.13 5.84
C ASP A 35 -11.48 -7.97 4.57
N GLY A 36 -10.61 -7.75 3.59
CA GLY A 36 -10.69 -8.50 2.36
C GLY A 36 -11.36 -7.73 1.23
N LYS A 37 -11.83 -6.53 1.54
CA LYS A 37 -12.50 -5.68 0.56
C LYS A 37 -11.74 -4.37 0.38
N PRO A 38 -11.13 -4.14 -0.80
CA PRO A 38 -10.38 -2.91 -1.06
C PRO A 38 -11.27 -1.66 -1.02
N LYS A 39 -10.83 -0.67 -0.25
CA LYS A 39 -11.57 0.57 -0.11
C LYS A 39 -10.73 1.75 -0.59
N THR A 40 -11.38 2.85 -0.93
CA THR A 40 -10.67 4.03 -1.39
C THR A 40 -10.06 4.78 -0.21
N LEU A 41 -9.12 5.68 -0.49
CA LEU A 41 -8.47 6.43 0.57
C LEU A 41 -9.49 7.17 1.43
N GLU A 42 -10.55 7.64 0.80
CA GLU A 42 -11.60 8.37 1.52
C GLU A 42 -12.11 7.58 2.72
N GLU A 43 -12.25 6.27 2.53
CA GLU A 43 -12.73 5.39 3.60
C GLU A 43 -11.67 5.21 4.69
N VAL A 44 -10.42 5.06 4.26
CA VAL A 44 -9.32 4.86 5.21
C VAL A 44 -9.00 6.12 5.99
N GLY A 45 -8.72 7.21 5.28
CA GLY A 45 -8.39 8.46 5.95
C GLY A 45 -9.50 8.90 6.88
N GLN A 46 -10.73 8.90 6.38
CA GLN A 46 -11.88 9.28 7.17
C GLN A 46 -12.08 8.33 8.35
N TYR A 47 -11.65 7.09 8.17
CA TYR A 47 -11.77 6.08 9.22
C TYR A 47 -10.88 6.44 10.41
N PHE A 48 -9.73 7.02 10.10
CA PHE A 48 -8.79 7.44 11.15
C PHE A 48 -9.07 8.87 11.59
N ASN A 49 -8.42 9.83 10.95
CA ASN A 49 -8.62 11.24 11.28
C ASN A 49 -7.87 12.14 10.30
N VAL A 50 -7.67 11.66 9.08
CA VAL A 50 -6.94 12.43 8.07
C VAL A 50 -7.52 12.24 6.67
N THR A 51 -7.27 13.22 5.80
CA THR A 51 -7.75 13.18 4.42
C THR A 51 -6.78 12.43 3.52
N ARG A 52 -7.09 12.40 2.22
CA ARG A 52 -6.23 11.72 1.25
C ARG A 52 -4.78 12.17 1.36
N GLU A 53 -4.60 13.43 1.76
CA GLU A 53 -3.28 14.01 1.91
C GLU A 53 -2.34 13.17 2.77
N ARG A 54 -2.87 12.49 3.78
CA ARG A 54 -2.03 11.67 4.65
C ARG A 54 -1.39 10.52 3.88
N ILE A 55 -2.20 9.72 3.18
CA ILE A 55 -1.64 8.65 2.38
C ILE A 55 -0.84 9.25 1.23
N ARG A 56 -1.31 10.41 0.77
CA ARG A 56 -0.62 11.15 -0.28
C ARG A 56 0.80 11.45 0.18
N GLN A 57 0.91 11.82 1.45
CA GLN A 57 2.18 12.11 2.07
C GLN A 57 3.03 10.85 2.19
N ILE A 58 2.42 9.75 2.65
CA ILE A 58 3.12 8.48 2.80
C ILE A 58 3.68 8.00 1.46
N GLU A 59 2.85 8.07 0.41
CA GLU A 59 3.30 7.65 -0.91
C GLU A 59 4.56 8.39 -1.31
N VAL A 60 4.62 9.68 -0.97
CA VAL A 60 5.78 10.51 -1.27
C VAL A 60 7.00 10.03 -0.48
N LYS A 61 6.92 10.12 0.84
CA LYS A 61 8.01 9.70 1.72
C LYS A 61 8.38 8.24 1.46
N ALA A 62 7.39 7.42 1.15
CA ALA A 62 7.64 6.02 0.87
C ALA A 62 8.59 5.90 -0.30
N LEU A 63 8.37 6.75 -1.31
CA LEU A 63 9.22 6.78 -2.50
C LEU A 63 10.66 7.13 -2.13
N ARG A 64 10.81 8.11 -1.24
CA ARG A 64 12.13 8.52 -0.79
C ARG A 64 12.83 7.38 -0.06
N LYS A 65 12.08 6.71 0.81
CA LYS A 65 12.61 5.60 1.59
C LYS A 65 12.84 4.36 0.72
N LEU A 66 12.09 4.22 -0.36
CA LEU A 66 12.24 3.06 -1.24
C LEU A 66 13.52 3.13 -2.05
N ARG A 67 14.03 4.34 -2.27
CA ARG A 67 15.25 4.51 -3.05
C ARG A 67 16.47 4.00 -2.30
N HIS A 68 16.52 2.69 -2.09
CA HIS A 68 17.63 2.06 -1.42
C HIS A 68 17.39 0.54 -1.35
N PRO A 69 16.35 0.09 -0.62
CA PRO A 69 16.06 -1.33 -0.51
C PRO A 69 15.49 -1.93 -1.80
N SER A 70 14.55 -1.21 -2.40
CA SER A 70 13.92 -1.64 -3.64
C SER A 70 14.11 -0.60 -4.75
N ARG A 71 14.20 -1.06 -5.99
CA ARG A 71 14.39 -0.17 -7.13
C ARG A 71 13.18 0.75 -7.30
N SER A 72 11.99 0.16 -7.32
CA SER A 72 10.76 0.92 -7.47
C SER A 72 9.54 0.01 -7.47
N LYS A 73 9.53 -0.96 -6.55
CA LYS A 73 8.43 -1.90 -6.44
C LYS A 73 7.10 -1.19 -6.15
N TYR A 74 7.17 -0.12 -5.37
CA TYR A 74 5.98 0.66 -5.03
C TYR A 74 5.28 1.18 -6.27
N LEU A 75 6.09 1.70 -7.18
CA LEU A 75 5.60 2.26 -8.43
C LEU A 75 4.91 1.20 -9.29
N LYS A 76 5.62 0.12 -9.56
CA LYS A 76 5.10 -0.96 -10.38
C LYS A 76 3.89 -1.63 -9.72
N SER A 77 3.99 -1.86 -8.41
CA SER A 77 2.90 -2.49 -7.67
C SER A 77 1.66 -1.59 -7.67
N LEU A 78 1.87 -0.30 -7.47
CA LEU A 78 0.77 0.65 -7.45
C LEU A 78 0.18 0.80 -8.85
N LEU A 79 1.07 0.76 -9.84
CA LEU A 79 0.66 0.88 -11.24
C LEU A 79 -0.18 -0.33 -11.66
N SER A 80 0.27 -1.52 -11.26
CA SER A 80 -0.42 -2.75 -11.60
C SER A 80 -1.71 -2.91 -10.79
N LEU A 81 -1.75 -2.32 -9.61
CA LEU A 81 -2.91 -2.42 -8.73
C LEU A 81 -4.09 -1.56 -9.22
N MET A 82 -3.80 -0.36 -9.74
CA MET A 82 -4.88 0.51 -10.20
C MET A 82 -5.16 0.40 -11.71
N ASP A 83 -6.04 1.25 -12.23
CA ASP A 83 -6.36 1.21 -13.66
C ASP A 83 -5.38 2.00 -14.52
N GLU A 84 -4.13 2.08 -14.09
CA GLU A 84 -3.12 2.82 -14.84
C GLU A 84 -2.68 2.06 -16.09
N ASN A 85 -3.10 0.80 -16.16
CA ASN A 85 -2.77 -0.05 -17.31
C ASN A 85 -3.80 0.09 -18.42
N GLU A 86 -3.32 0.12 -19.67
CA GLU A 86 -4.20 0.25 -20.81
C GLU A 86 -4.94 -1.05 -21.09
N GLY A 87 -6.18 -0.94 -21.55
CA GLY A 87 -6.97 -2.12 -21.84
C GLY A 87 -7.29 -2.24 -23.32
N LYS A 1 1.22 -19.26 18.21
CA LYS A 1 0.92 -20.21 17.15
C LYS A 1 0.65 -19.51 15.84
N GLU A 2 1.33 -19.94 14.78
CA GLU A 2 1.16 -19.34 13.46
C GLU A 2 0.24 -20.18 12.58
N ALA A 3 -0.69 -19.53 11.89
CA ALA A 3 -1.63 -20.22 11.01
C ALA A 3 -1.42 -19.83 9.56
N MET A 4 -0.19 -19.46 9.22
CA MET A 4 0.14 -19.05 7.85
C MET A 4 0.78 -20.19 7.09
N ARG A 5 0.34 -20.41 5.85
CA ARG A 5 0.89 -21.48 5.02
C ARG A 5 1.97 -20.93 4.10
N MET A 6 1.56 -20.09 3.13
CA MET A 6 2.50 -19.50 2.18
C MET A 6 2.36 -17.98 2.13
N LEU A 7 3.46 -17.30 1.86
CA LEU A 7 3.46 -15.84 1.78
C LEU A 7 2.60 -15.35 0.62
N MET A 8 2.80 -15.93 -0.55
CA MET A 8 2.04 -15.57 -1.74
C MET A 8 2.27 -14.10 -2.10
N ARG A 9 1.61 -13.19 -1.37
CA ARG A 9 1.75 -11.77 -1.65
C ARG A 9 3.22 -11.33 -1.70
N GLU A 10 3.67 -10.91 -2.86
CA GLU A 10 5.05 -10.48 -3.07
C GLU A 10 5.17 -8.96 -3.02
N GLU A 11 4.54 -8.30 -3.97
CA GLU A 11 4.60 -6.86 -4.07
C GLU A 11 4.10 -6.17 -2.81
N LEU A 12 3.05 -6.71 -2.20
CA LEU A 12 2.51 -6.14 -0.99
C LEU A 12 3.51 -6.26 0.16
N GLU A 13 4.22 -7.39 0.20
CA GLU A 13 5.21 -7.64 1.25
C GLU A 13 6.48 -6.80 1.06
N LYS A 14 6.99 -6.76 -0.17
CA LYS A 14 8.22 -6.00 -0.45
C LYS A 14 8.00 -4.50 -0.24
N VAL A 15 6.82 -4.02 -0.55
CA VAL A 15 6.51 -2.59 -0.42
C VAL A 15 6.23 -2.19 1.04
N LEU A 16 5.43 -2.99 1.75
CA LEU A 16 5.07 -2.69 3.13
C LEU A 16 6.29 -2.58 4.06
N LYS A 17 7.32 -3.38 3.83
CA LYS A 17 8.51 -3.35 4.70
C LYS A 17 9.14 -1.96 4.78
N THR A 18 8.86 -1.10 3.80
CA THR A 18 9.44 0.23 3.80
C THR A 18 8.59 1.22 4.58
N LEU A 19 7.26 1.05 4.51
CA LEU A 19 6.34 1.93 5.23
C LEU A 19 6.30 1.59 6.71
N SER A 20 6.07 2.61 7.54
CA SER A 20 5.98 2.43 8.98
C SER A 20 4.69 1.68 9.33
N PRO A 21 4.62 1.05 10.51
CA PRO A 21 3.44 0.31 10.93
C PRO A 21 2.15 1.09 10.72
N ARG A 22 2.21 2.40 10.96
CA ARG A 22 1.03 3.25 10.79
C ARG A 22 0.83 3.65 9.33
N GLU A 23 1.93 3.77 8.59
CA GLU A 23 1.86 4.16 7.19
C GLU A 23 1.23 3.04 6.36
N ALA A 24 1.78 1.83 6.50
CA ALA A 24 1.27 0.68 5.76
C ALA A 24 -0.16 0.35 6.18
N MET A 25 -0.47 0.54 7.45
CA MET A 25 -1.80 0.24 7.96
C MET A 25 -2.88 1.00 7.19
N VAL A 26 -2.66 2.29 6.94
CA VAL A 26 -3.63 3.09 6.21
C VAL A 26 -3.77 2.57 4.79
N LEU A 27 -2.68 2.06 4.23
CA LEU A 27 -2.71 1.52 2.89
C LEU A 27 -3.40 0.14 2.92
N ARG A 28 -3.26 -0.57 4.03
CA ARG A 28 -3.90 -1.88 4.17
C ARG A 28 -5.40 -1.70 3.91
N MET A 29 -5.93 -0.60 4.43
CA MET A 29 -7.34 -0.28 4.25
C MET A 29 -7.62 -0.05 2.78
N ARG A 30 -6.86 0.85 2.17
CA ARG A 30 -7.02 1.17 0.76
C ARG A 30 -6.81 -0.07 -0.12
N TYR A 31 -5.95 -0.97 0.34
CA TYR A 31 -5.64 -2.20 -0.40
C TYR A 31 -6.73 -3.26 -0.17
N GLY A 32 -7.51 -3.10 0.88
CA GLY A 32 -8.54 -4.09 1.20
C GLY A 32 -8.00 -5.27 1.97
N LEU A 33 -6.82 -5.09 2.54
CA LEU A 33 -6.16 -6.15 3.32
C LEU A 33 -6.78 -6.31 4.70
N LEU A 34 -7.30 -5.21 5.24
CA LEU A 34 -7.92 -5.22 6.56
C LEU A 34 -9.08 -6.23 6.66
N ASP A 35 -9.94 -6.25 5.65
CA ASP A 35 -11.09 -7.17 5.66
C ASP A 35 -11.16 -8.02 4.39
N GLY A 36 -10.30 -7.75 3.43
CA GLY A 36 -10.31 -8.50 2.19
C GLY A 36 -11.00 -7.77 1.05
N LYS A 37 -11.60 -6.63 1.37
CA LYS A 37 -12.30 -5.82 0.37
C LYS A 37 -11.65 -4.45 0.24
N PRO A 38 -11.09 -4.10 -0.93
CA PRO A 38 -10.46 -2.81 -1.16
C PRO A 38 -11.44 -1.65 -1.03
N LYS A 39 -11.03 -0.63 -0.28
CA LYS A 39 -11.85 0.55 -0.07
C LYS A 39 -11.16 1.79 -0.62
N THR A 40 -11.95 2.81 -0.95
CA THR A 40 -11.38 4.05 -1.47
C THR A 40 -10.74 4.86 -0.36
N LEU A 41 -9.86 5.79 -0.72
CA LEU A 41 -9.19 6.61 0.28
C LEU A 41 -10.19 7.33 1.17
N GLU A 42 -11.34 7.68 0.61
CA GLU A 42 -12.39 8.37 1.37
C GLU A 42 -12.69 7.66 2.68
N GLU A 43 -12.85 6.33 2.61
CA GLU A 43 -13.13 5.53 3.80
C GLU A 43 -11.87 5.33 4.63
N VAL A 44 -10.73 5.23 3.96
CA VAL A 44 -9.46 4.99 4.63
C VAL A 44 -9.08 6.15 5.55
N GLY A 45 -8.91 7.34 4.98
CA GLY A 45 -8.54 8.49 5.77
C GLY A 45 -9.58 8.81 6.83
N GLN A 46 -10.85 8.75 6.44
CA GLN A 46 -11.94 9.03 7.35
C GLN A 46 -11.95 8.02 8.50
N TYR A 47 -11.48 6.81 8.23
CA TYR A 47 -11.45 5.76 9.24
C TYR A 47 -10.53 6.16 10.38
N PHE A 48 -9.42 6.81 10.03
CA PHE A 48 -8.46 7.26 11.03
C PHE A 48 -8.80 8.68 11.49
N ASN A 49 -8.20 9.67 10.82
CA ASN A 49 -8.45 11.07 11.17
C ASN A 49 -7.72 12.01 10.22
N VAL A 50 -7.49 11.57 8.99
CA VAL A 50 -6.78 12.37 8.02
C VAL A 50 -7.34 12.21 6.60
N THR A 51 -7.08 13.21 5.76
CA THR A 51 -7.54 13.21 4.38
C THR A 51 -6.53 12.52 3.46
N ARG A 52 -6.76 12.59 2.16
CA ARG A 52 -5.87 11.99 1.18
C ARG A 52 -4.42 12.41 1.40
N GLU A 53 -4.25 13.63 1.88
CA GLU A 53 -2.93 14.18 2.12
C GLU A 53 -2.04 13.26 2.95
N ARG A 54 -2.62 12.54 3.91
CA ARG A 54 -1.82 11.65 4.74
C ARG A 54 -1.21 10.52 3.92
N ILE A 55 -2.03 9.80 3.15
CA ILE A 55 -1.49 8.75 2.30
C ILE A 55 -0.62 9.39 1.21
N ARG A 56 -1.02 10.59 0.82
CA ARG A 56 -0.26 11.36 -0.16
C ARG A 56 1.15 11.55 0.36
N GLN A 57 1.24 11.83 1.66
CA GLN A 57 2.52 12.01 2.32
C GLN A 57 3.31 10.70 2.37
N ILE A 58 2.63 9.61 2.75
CA ILE A 58 3.26 8.30 2.83
C ILE A 58 3.85 7.90 1.48
N GLU A 59 3.10 8.10 0.40
CA GLU A 59 3.58 7.76 -0.93
C GLU A 59 4.90 8.47 -1.20
N VAL A 60 4.95 9.76 -0.87
CA VAL A 60 6.16 10.55 -1.07
C VAL A 60 7.27 10.10 -0.11
N LYS A 61 6.96 10.09 1.19
CA LYS A 61 7.93 9.67 2.19
C LYS A 61 8.46 8.27 1.90
N ALA A 62 7.58 7.38 1.46
CA ALA A 62 7.98 6.02 1.13
C ALA A 62 9.13 6.07 0.13
N LEU A 63 9.01 6.96 -0.84
CA LEU A 63 10.03 7.15 -1.85
C LEU A 63 11.31 7.71 -1.23
N ARG A 64 11.15 8.69 -0.34
CA ARG A 64 12.29 9.30 0.33
C ARG A 64 12.97 8.28 1.25
N LYS A 65 12.15 7.51 1.95
CA LYS A 65 12.65 6.50 2.88
C LYS A 65 13.43 5.39 2.17
N LEU A 66 13.10 5.13 0.91
CA LEU A 66 13.78 4.09 0.15
C LEU A 66 15.17 4.54 -0.29
N ARG A 67 15.23 5.53 -1.17
CA ARG A 67 16.50 6.05 -1.66
C ARG A 67 17.47 4.92 -1.99
N HIS A 68 17.18 4.20 -3.08
CA HIS A 68 18.03 3.11 -3.53
C HIS A 68 17.64 2.74 -4.95
N PRO A 69 18.06 3.50 -5.96
CA PRO A 69 17.72 3.20 -7.36
C PRO A 69 18.05 1.76 -7.74
N SER A 70 17.01 0.92 -7.78
CA SER A 70 17.17 -0.49 -8.13
C SER A 70 15.82 -1.20 -8.10
N ARG A 71 15.08 -1.04 -7.01
CA ARG A 71 13.77 -1.67 -6.86
C ARG A 71 12.68 -0.64 -6.63
N SER A 72 11.48 -0.90 -7.18
CA SER A 72 10.35 0.00 -7.04
C SER A 72 9.03 -0.77 -7.04
N LYS A 73 8.91 -1.74 -6.14
CA LYS A 73 7.70 -2.54 -6.05
C LYS A 73 6.46 -1.68 -5.79
N TYR A 74 6.65 -0.57 -5.08
CA TYR A 74 5.56 0.35 -4.76
C TYR A 74 4.88 0.84 -6.04
N LEU A 75 5.70 1.28 -6.98
CA LEU A 75 5.22 1.80 -8.25
C LEU A 75 4.49 0.73 -9.06
N LYS A 76 5.21 -0.31 -9.44
CA LYS A 76 4.63 -1.40 -10.23
C LYS A 76 3.41 -2.00 -9.53
N SER A 77 3.48 -2.12 -8.21
CA SER A 77 2.38 -2.68 -7.44
C SER A 77 1.13 -1.83 -7.59
N LEU A 78 1.31 -0.51 -7.68
CA LEU A 78 0.19 0.40 -7.83
C LEU A 78 -0.48 0.18 -9.18
N LEU A 79 0.33 -0.08 -10.19
CA LEU A 79 -0.16 -0.32 -11.54
C LEU A 79 -0.93 -1.64 -11.60
N SER A 80 -0.48 -2.61 -10.82
CA SER A 80 -1.11 -3.92 -10.79
C SER A 80 -2.48 -3.88 -10.11
N LEU A 81 -2.69 -2.84 -9.29
CA LEU A 81 -3.95 -2.69 -8.57
C LEU A 81 -5.12 -2.35 -9.49
N MET A 82 -4.94 -1.40 -10.42
CA MET A 82 -6.03 -1.03 -11.32
C MET A 82 -5.56 -0.28 -12.57
N ASP A 83 -5.31 1.01 -12.45
CA ASP A 83 -4.88 1.82 -13.60
C ASP A 83 -4.25 3.16 -13.20
N GLU A 84 -3.43 3.14 -12.16
CA GLU A 84 -2.76 4.36 -11.69
C GLU A 84 -1.60 4.73 -12.59
N ASN A 85 -1.45 6.04 -12.84
CA ASN A 85 -0.38 6.54 -13.69
C ASN A 85 0.06 7.93 -13.26
N GLU A 86 -0.05 8.21 -11.96
CA GLU A 86 0.34 9.51 -11.42
C GLU A 86 0.52 9.44 -9.91
N GLY A 87 -0.46 8.85 -9.23
CA GLY A 87 -0.39 8.72 -7.78
C GLY A 87 -0.93 7.39 -7.29
N LYS A 1 9.61 -21.84 10.79
CA LYS A 1 8.57 -22.80 11.17
C LYS A 1 7.91 -23.39 9.94
N GLU A 2 7.35 -24.60 10.09
CA GLU A 2 6.68 -25.27 8.99
C GLU A 2 5.52 -24.44 8.45
N ALA A 3 4.86 -23.70 9.34
CA ALA A 3 3.74 -22.87 8.95
C ALA A 3 4.14 -21.40 8.88
N MET A 4 3.48 -20.65 8.00
CA MET A 4 3.77 -19.23 7.84
C MET A 4 5.23 -19.01 7.44
N ARG A 5 5.74 -19.87 6.56
CA ARG A 5 7.12 -19.77 6.10
C ARG A 5 7.37 -18.41 5.45
N MET A 6 6.44 -18.00 4.58
CA MET A 6 6.55 -16.72 3.87
C MET A 6 5.42 -16.54 2.87
N LEU A 7 5.28 -15.33 2.35
CA LEU A 7 4.25 -15.02 1.36
C LEU A 7 4.84 -14.91 -0.04
N MET A 8 4.14 -15.49 -1.01
CA MET A 8 4.59 -15.46 -2.39
C MET A 8 4.64 -14.02 -2.92
N ARG A 9 3.70 -13.19 -2.48
CA ARG A 9 3.65 -11.80 -2.93
C ARG A 9 4.92 -11.05 -2.55
N GLU A 10 5.56 -10.44 -3.55
CA GLU A 10 6.79 -9.67 -3.34
C GLU A 10 6.53 -8.18 -3.20
N GLU A 11 6.02 -7.59 -4.26
CA GLU A 11 5.76 -6.16 -4.29
C GLU A 11 4.99 -5.70 -3.06
N LEU A 12 4.08 -6.53 -2.57
CA LEU A 12 3.31 -6.19 -1.39
C LEU A 12 4.24 -6.03 -0.18
N GLU A 13 5.20 -6.94 -0.05
CA GLU A 13 6.16 -6.90 1.06
C GLU A 13 7.24 -5.83 0.85
N LYS A 14 7.60 -5.56 -0.40
CA LYS A 14 8.63 -4.58 -0.70
C LYS A 14 8.25 -3.19 -0.19
N VAL A 15 6.96 -2.87 -0.25
CA VAL A 15 6.49 -1.56 0.19
C VAL A 15 6.31 -1.49 1.71
N LEU A 16 5.73 -2.52 2.30
CA LEU A 16 5.48 -2.55 3.75
C LEU A 16 6.75 -2.35 4.59
N LYS A 17 7.89 -2.85 4.11
CA LYS A 17 9.15 -2.72 4.86
C LYS A 17 9.48 -1.27 5.22
N THR A 18 9.12 -0.33 4.34
CA THR A 18 9.40 1.08 4.61
C THR A 18 8.19 1.77 5.25
N LEU A 19 7.01 1.21 5.04
CA LEU A 19 5.78 1.78 5.61
C LEU A 19 5.70 1.53 7.12
N SER A 20 5.45 2.59 7.87
CA SER A 20 5.32 2.48 9.33
C SER A 20 4.00 1.78 9.68
N PRO A 21 3.82 1.41 10.96
CA PRO A 21 2.59 0.74 11.40
C PRO A 21 1.33 1.49 11.00
N ARG A 22 1.32 2.80 11.26
CA ARG A 22 0.17 3.64 10.92
C ARG A 22 0.07 3.87 9.42
N GLU A 23 1.21 3.97 8.76
CA GLU A 23 1.23 4.21 7.31
C GLU A 23 0.68 2.99 6.56
N ALA A 24 1.21 1.83 6.89
CA ALA A 24 0.78 0.58 6.24
C ALA A 24 -0.68 0.27 6.58
N MET A 25 -1.11 0.65 7.78
CA MET A 25 -2.47 0.37 8.22
C MET A 25 -3.50 1.00 7.26
N VAL A 26 -3.28 2.25 6.88
CA VAL A 26 -4.20 2.93 5.96
C VAL A 26 -4.22 2.23 4.62
N LEU A 27 -3.05 1.76 4.19
CA LEU A 27 -2.96 1.06 2.92
C LEU A 27 -3.59 -0.33 3.06
N ARG A 28 -3.55 -0.90 4.27
CA ARG A 28 -4.16 -2.20 4.50
C ARG A 28 -5.64 -2.10 4.20
N MET A 29 -6.25 -1.04 4.73
CA MET A 29 -7.67 -0.79 4.51
C MET A 29 -7.90 -0.49 3.04
N ARG A 30 -7.01 0.32 2.47
CA ARG A 30 -7.10 0.70 1.06
C ARG A 30 -7.04 -0.53 0.16
N TYR A 31 -6.25 -1.53 0.57
CA TYR A 31 -6.10 -2.75 -0.21
C TYR A 31 -7.26 -3.73 0.04
N GLY A 32 -7.95 -3.55 1.16
CA GLY A 32 -9.05 -4.44 1.49
C GLY A 32 -8.59 -5.68 2.24
N LEU A 33 -7.33 -5.65 2.68
CA LEU A 33 -6.74 -6.79 3.40
C LEU A 33 -7.22 -6.84 4.85
N LEU A 34 -7.54 -5.67 5.41
CA LEU A 34 -7.99 -5.58 6.80
C LEU A 34 -9.24 -6.41 7.06
N ASP A 35 -10.25 -6.29 6.19
CA ASP A 35 -11.50 -7.04 6.37
C ASP A 35 -11.89 -7.82 5.12
N GLY A 36 -11.13 -7.66 4.05
CA GLY A 36 -11.44 -8.36 2.81
C GLY A 36 -12.17 -7.50 1.79
N LYS A 37 -12.57 -6.31 2.21
CA LYS A 37 -13.28 -5.39 1.33
C LYS A 37 -12.49 -4.09 1.17
N PRO A 38 -11.88 -3.85 0.00
CA PRO A 38 -11.09 -2.64 -0.24
C PRO A 38 -11.94 -1.38 -0.19
N LYS A 39 -11.46 -0.40 0.57
CA LYS A 39 -12.16 0.87 0.71
C LYS A 39 -11.29 2.02 0.21
N THR A 40 -11.93 3.14 -0.13
CA THR A 40 -11.19 4.30 -0.61
C THR A 40 -10.50 5.01 0.54
N LEU A 41 -9.50 5.83 0.24
CA LEU A 41 -8.78 6.56 1.27
C LEU A 41 -9.71 7.42 2.10
N GLU A 42 -10.77 7.93 1.48
CA GLU A 42 -11.74 8.77 2.17
C GLU A 42 -12.25 8.09 3.43
N GLU A 43 -12.53 6.80 3.34
CA GLU A 43 -13.03 6.03 4.48
C GLU A 43 -11.90 5.71 5.46
N VAL A 44 -10.73 5.37 4.92
CA VAL A 44 -9.58 5.03 5.74
C VAL A 44 -9.01 6.24 6.48
N GLY A 45 -8.71 7.30 5.75
CA GLY A 45 -8.16 8.49 6.37
C GLY A 45 -9.12 9.06 7.39
N GLN A 46 -10.37 9.25 6.99
CA GLN A 46 -11.38 9.78 7.89
C GLN A 46 -11.60 8.85 9.07
N TYR A 47 -11.33 7.56 8.88
CA TYR A 47 -11.50 6.57 9.94
C TYR A 47 -10.58 6.91 11.11
N PHE A 48 -9.38 7.38 10.79
CA PHE A 48 -8.41 7.76 11.82
C PHE A 48 -8.55 9.24 12.17
N ASN A 49 -7.84 10.09 11.44
CA ASN A 49 -7.91 11.54 11.67
C ASN A 49 -7.11 12.30 10.64
N VAL A 50 -7.01 11.74 9.43
CA VAL A 50 -6.24 12.38 8.36
C VAL A 50 -6.91 12.23 7.00
N THR A 51 -6.74 13.24 6.15
CA THR A 51 -7.30 13.23 4.81
C THR A 51 -6.39 12.51 3.83
N ARG A 52 -6.78 12.50 2.56
CA ARG A 52 -5.99 11.85 1.51
C ARG A 52 -4.54 12.33 1.52
N GLU A 53 -4.36 13.59 1.87
CA GLU A 53 -3.04 14.21 1.90
C GLU A 53 -2.03 13.41 2.72
N ARG A 54 -2.45 12.83 3.84
CA ARG A 54 -1.53 12.06 4.67
C ARG A 54 -1.06 10.81 3.94
N ILE A 55 -1.98 10.04 3.37
CA ILE A 55 -1.57 8.85 2.62
C ILE A 55 -0.81 9.29 1.38
N ARG A 56 -1.20 10.44 0.86
CA ARG A 56 -0.53 11.04 -0.29
C ARG A 56 0.94 11.21 0.05
N GLN A 57 1.19 11.63 1.29
CA GLN A 57 2.55 11.80 1.79
C GLN A 57 3.26 10.46 1.95
N ILE A 58 2.55 9.49 2.53
CA ILE A 58 3.11 8.15 2.74
C ILE A 58 3.56 7.55 1.42
N GLU A 59 2.74 7.67 0.37
CA GLU A 59 3.10 7.13 -0.94
C GLU A 59 4.44 7.71 -1.39
N VAL A 60 4.57 9.03 -1.31
CA VAL A 60 5.80 9.71 -1.70
C VAL A 60 6.93 9.38 -0.73
N LYS A 61 6.70 9.62 0.57
CA LYS A 61 7.71 9.35 1.58
C LYS A 61 8.14 7.89 1.54
N ALA A 62 7.19 6.99 1.31
CA ALA A 62 7.51 5.57 1.24
C ALA A 62 8.57 5.33 0.17
N LEU A 63 8.41 6.02 -0.95
CA LEU A 63 9.35 5.94 -2.06
C LEU A 63 10.73 6.45 -1.64
N ARG A 64 10.73 7.62 -0.99
CA ARG A 64 11.98 8.21 -0.51
C ARG A 64 12.59 7.35 0.59
N LYS A 65 11.72 6.71 1.38
CA LYS A 65 12.14 5.87 2.48
C LYS A 65 12.93 4.65 2.01
N LEU A 66 12.49 4.02 0.93
CA LEU A 66 13.17 2.84 0.40
C LEU A 66 14.46 3.22 -0.33
N ARG A 67 14.34 4.13 -1.31
CA ARG A 67 15.51 4.55 -2.07
C ARG A 67 15.31 5.91 -2.70
N HIS A 68 16.39 6.47 -3.25
CA HIS A 68 16.33 7.77 -3.91
C HIS A 68 15.43 7.67 -5.14
N PRO A 69 14.72 8.74 -5.51
CA PRO A 69 13.82 8.71 -6.67
C PRO A 69 14.52 8.17 -7.93
N SER A 70 13.95 7.11 -8.49
CA SER A 70 14.49 6.50 -9.70
C SER A 70 13.66 5.28 -10.12
N ARG A 71 13.90 4.15 -9.47
CA ARG A 71 13.16 2.93 -9.78
C ARG A 71 12.90 2.11 -8.52
N SER A 72 11.68 1.59 -8.40
CA SER A 72 11.29 0.78 -7.24
C SER A 72 10.11 -0.11 -7.58
N LYS A 73 10.03 -1.26 -6.89
CA LYS A 73 8.94 -2.21 -7.11
C LYS A 73 7.57 -1.56 -6.90
N TYR A 74 7.53 -0.58 -6.01
CA TYR A 74 6.28 0.12 -5.70
C TYR A 74 5.64 0.67 -6.98
N LEU A 75 6.48 1.30 -7.80
CA LEU A 75 6.06 1.90 -9.05
C LEU A 75 5.43 0.86 -9.99
N LYS A 76 6.20 -0.18 -10.31
CA LYS A 76 5.73 -1.22 -11.21
C LYS A 76 4.51 -1.95 -10.63
N SER A 77 4.51 -2.17 -9.32
CA SER A 77 3.40 -2.84 -8.67
C SER A 77 2.11 -2.05 -8.82
N LEU A 78 2.16 -0.77 -8.45
CA LEU A 78 1.00 0.09 -8.57
C LEU A 78 0.67 0.35 -10.03
N LEU A 79 1.71 0.41 -10.86
CA LEU A 79 1.56 0.64 -12.28
C LEU A 79 0.83 -0.53 -12.93
N SER A 80 1.31 -1.74 -12.67
CA SER A 80 0.71 -2.94 -13.23
C SER A 80 -0.60 -3.31 -12.53
N LEU A 81 -0.76 -2.85 -11.30
CA LEU A 81 -1.96 -3.14 -10.52
C LEU A 81 -3.15 -2.27 -10.93
N MET A 82 -2.90 -1.12 -11.58
CA MET A 82 -3.99 -0.24 -11.97
C MET A 82 -4.54 -0.54 -13.38
N ASP A 83 -3.87 -0.03 -14.41
CA ASP A 83 -4.33 -0.24 -15.79
C ASP A 83 -3.24 0.05 -16.82
N GLU A 84 -1.98 -0.02 -16.41
CA GLU A 84 -0.88 0.25 -17.34
C GLU A 84 -0.52 -1.00 -18.14
N ASN A 85 -0.30 -0.81 -19.43
CA ASN A 85 0.05 -1.91 -20.32
C ASN A 85 0.94 -1.44 -21.47
N GLU A 86 0.46 -0.44 -22.20
CA GLU A 86 1.21 0.11 -23.32
C GLU A 86 2.34 1.00 -22.84
N GLY A 87 3.46 0.98 -23.56
CA GLY A 87 4.60 1.80 -23.19
C GLY A 87 5.57 1.99 -24.34
N LYS A 1 9.28 -33.34 8.81
CA LYS A 1 8.15 -32.52 9.24
C LYS A 1 8.51 -31.04 9.26
N GLU A 2 8.28 -30.37 8.14
CA GLU A 2 8.59 -28.94 8.02
C GLU A 2 7.31 -28.12 7.94
N ALA A 3 7.38 -26.88 8.42
CA ALA A 3 6.23 -25.98 8.39
C ALA A 3 6.39 -24.91 7.31
N MET A 4 5.27 -24.55 6.67
CA MET A 4 5.29 -23.54 5.62
C MET A 4 4.03 -22.67 5.66
N ARG A 5 4.18 -21.42 6.08
CA ARG A 5 3.05 -20.50 6.16
C ARG A 5 3.41 -19.16 5.56
N MET A 6 2.49 -18.61 4.77
CA MET A 6 2.71 -17.33 4.11
C MET A 6 3.91 -17.37 3.17
N LEU A 7 3.67 -17.05 1.90
CA LEU A 7 4.73 -17.06 0.89
C LEU A 7 4.20 -16.62 -0.46
N MET A 8 3.28 -15.65 -0.46
CA MET A 8 2.69 -15.14 -1.68
C MET A 8 2.62 -13.61 -1.66
N ARG A 9 2.35 -13.01 -2.82
CA ARG A 9 2.26 -11.56 -2.91
C ARG A 9 3.57 -10.89 -2.49
N GLU A 10 4.32 -10.40 -3.46
CA GLU A 10 5.60 -9.74 -3.20
C GLU A 10 5.46 -8.22 -3.15
N GLU A 11 5.03 -7.65 -4.27
CA GLU A 11 4.88 -6.22 -4.39
C GLU A 11 4.03 -5.64 -3.28
N LEU A 12 3.00 -6.37 -2.87
CA LEU A 12 2.13 -5.91 -1.80
C LEU A 12 2.88 -5.91 -0.46
N GLU A 13 3.69 -6.93 -0.25
CA GLU A 13 4.47 -7.05 0.98
C GLU A 13 5.72 -6.17 0.97
N LYS A 14 6.33 -6.00 -0.19
CA LYS A 14 7.54 -5.19 -0.31
C LYS A 14 7.27 -3.72 0.05
N VAL A 15 6.08 -3.24 -0.26
CA VAL A 15 5.73 -1.86 0.03
C VAL A 15 5.35 -1.63 1.49
N LEU A 16 4.51 -2.51 2.04
CA LEU A 16 4.08 -2.38 3.44
C LEU A 16 5.22 -2.50 4.45
N LYS A 17 6.18 -3.39 4.20
CA LYS A 17 7.29 -3.60 5.13
C LYS A 17 8.16 -2.35 5.30
N THR A 18 8.16 -1.47 4.31
CA THR A 18 8.98 -0.26 4.38
C THR A 18 8.24 0.88 5.09
N LEU A 19 6.92 0.89 5.00
CA LEU A 19 6.12 1.92 5.65
C LEU A 19 6.06 1.70 7.16
N SER A 20 5.93 2.79 7.91
CA SER A 20 5.84 2.70 9.36
C SER A 20 4.51 2.08 9.77
N PRO A 21 4.37 1.67 11.04
CA PRO A 21 3.15 1.03 11.53
C PRO A 21 1.90 1.85 11.24
N ARG A 22 2.00 3.17 11.42
CA ARG A 22 0.87 4.07 11.18
C ARG A 22 0.65 4.30 9.69
N GLU A 23 1.73 4.45 8.94
CA GLU A 23 1.64 4.69 7.50
C GLU A 23 1.05 3.47 6.80
N ALA A 24 1.62 2.31 7.07
CA ALA A 24 1.14 1.06 6.46
C ALA A 24 -0.29 0.74 6.90
N MET A 25 -0.66 1.20 8.09
CA MET A 25 -2.00 0.94 8.60
C MET A 25 -3.06 1.57 7.71
N VAL A 26 -2.75 2.73 7.11
CA VAL A 26 -3.69 3.40 6.23
C VAL A 26 -3.66 2.77 4.85
N LEU A 27 -2.49 2.30 4.44
CA LEU A 27 -2.35 1.70 3.13
C LEU A 27 -2.93 0.28 3.17
N ARG A 28 -2.66 -0.46 4.25
CA ARG A 28 -3.17 -1.81 4.39
C ARG A 28 -4.69 -1.77 4.26
N MET A 29 -5.27 -0.73 4.86
CA MET A 29 -6.70 -0.53 4.81
C MET A 29 -7.13 -0.30 3.37
N ARG A 30 -6.36 0.54 2.67
CA ARG A 30 -6.63 0.85 1.27
C ARG A 30 -6.38 -0.36 0.38
N TYR A 31 -5.47 -1.23 0.81
CA TYR A 31 -5.13 -2.43 0.05
C TYR A 31 -6.17 -3.54 0.23
N GLY A 32 -6.96 -3.44 1.29
CA GLY A 32 -7.97 -4.46 1.55
C GLY A 32 -7.40 -5.64 2.32
N LEU A 33 -6.25 -5.42 2.96
CA LEU A 33 -5.58 -6.46 3.73
C LEU A 33 -6.27 -6.71 5.07
N LEU A 34 -6.91 -5.68 5.61
CA LEU A 34 -7.59 -5.77 6.90
C LEU A 34 -8.69 -6.85 6.88
N ASP A 35 -9.49 -6.88 5.82
CA ASP A 35 -10.57 -7.86 5.74
C ASP A 35 -10.52 -8.68 4.43
N GLY A 36 -9.59 -8.34 3.55
CA GLY A 36 -9.49 -9.06 2.29
C GLY A 36 -10.10 -8.30 1.12
N LYS A 37 -10.81 -7.22 1.42
CA LYS A 37 -11.45 -6.40 0.40
C LYS A 37 -10.86 -4.99 0.38
N PRO A 38 -10.36 -4.53 -0.77
CA PRO A 38 -9.78 -3.19 -0.89
C PRO A 38 -10.78 -2.08 -0.58
N LYS A 39 -10.31 -1.08 0.15
CA LYS A 39 -11.15 0.05 0.54
C LYS A 39 -10.60 1.35 -0.05
N THR A 40 -11.48 2.30 -0.34
CA THR A 40 -11.06 3.58 -0.88
C THR A 40 -10.49 4.46 0.22
N LEU A 41 -9.66 5.44 -0.16
CA LEU A 41 -9.06 6.33 0.82
C LEU A 41 -10.13 7.02 1.65
N GLU A 42 -11.26 7.35 1.03
CA GLU A 42 -12.34 8.02 1.73
C GLU A 42 -12.73 7.27 3.01
N GLU A 43 -12.73 5.95 2.93
CA GLU A 43 -13.09 5.10 4.07
C GLU A 43 -11.94 5.04 5.07
N VAL A 44 -10.72 4.91 4.58
CA VAL A 44 -9.54 4.83 5.43
C VAL A 44 -9.21 6.16 6.09
N GLY A 45 -9.09 7.21 5.29
CA GLY A 45 -8.78 8.51 5.84
C GLY A 45 -9.81 8.96 6.84
N GLN A 46 -11.07 8.94 6.44
CA GLN A 46 -12.16 9.34 7.32
C GLN A 46 -12.22 8.45 8.55
N TYR A 47 -11.78 7.20 8.39
CA TYR A 47 -11.77 6.25 9.50
C TYR A 47 -10.87 6.75 10.62
N PHE A 48 -9.77 7.40 10.23
CA PHE A 48 -8.83 7.94 11.21
C PHE A 48 -9.17 9.40 11.51
N ASN A 49 -8.54 10.32 10.78
CA ASN A 49 -8.79 11.75 10.98
C ASN A 49 -7.98 12.59 10.00
N VAL A 50 -7.75 12.05 8.80
CA VAL A 50 -6.96 12.75 7.79
C VAL A 50 -7.53 12.56 6.38
N THR A 51 -7.24 13.54 5.52
CA THR A 51 -7.70 13.50 4.13
C THR A 51 -6.68 12.77 3.24
N ARG A 52 -6.96 12.76 1.95
CA ARG A 52 -6.08 12.10 0.98
C ARG A 52 -4.63 12.56 1.13
N GLU A 53 -4.47 13.82 1.51
CA GLU A 53 -3.14 14.41 1.67
C GLU A 53 -2.23 13.58 2.57
N ARG A 54 -2.78 12.94 3.59
CA ARG A 54 -1.95 12.13 4.49
C ARG A 54 -1.37 10.92 3.75
N ILE A 55 -2.20 10.14 3.07
CA ILE A 55 -1.69 9.01 2.32
C ILE A 55 -0.86 9.54 1.16
N ARG A 56 -1.25 10.72 0.67
CA ARG A 56 -0.52 11.40 -0.40
C ARG A 56 0.92 11.59 0.06
N GLN A 57 1.06 11.98 1.33
CA GLN A 57 2.37 12.19 1.94
C GLN A 57 3.11 10.86 2.09
N ILE A 58 2.42 9.85 2.60
CA ILE A 58 3.00 8.53 2.79
C ILE A 58 3.53 7.96 1.48
N GLU A 59 2.73 8.06 0.42
CA GLU A 59 3.14 7.57 -0.89
C GLU A 59 4.48 8.18 -1.29
N VAL A 60 4.63 9.48 -1.01
CA VAL A 60 5.87 10.19 -1.33
C VAL A 60 7.05 9.62 -0.55
N LYS A 61 6.97 9.69 0.77
CA LYS A 61 8.03 9.17 1.63
C LYS A 61 8.32 7.70 1.32
N ALA A 62 7.30 6.98 0.90
CA ALA A 62 7.47 5.58 0.56
C ALA A 62 8.50 5.44 -0.54
N LEU A 63 8.49 6.42 -1.45
CA LEU A 63 9.44 6.45 -2.55
C LEU A 63 10.86 6.65 -2.04
N ARG A 64 11.04 7.62 -1.15
CA ARG A 64 12.34 7.91 -0.57
C ARG A 64 12.82 6.72 0.27
N LYS A 65 11.94 6.23 1.13
CA LYS A 65 12.25 5.11 2.01
C LYS A 65 12.43 3.81 1.23
N LEU A 66 11.61 3.59 0.21
CA LEU A 66 11.69 2.37 -0.59
C LEU A 66 12.84 2.44 -1.59
N ARG A 67 13.27 3.64 -1.93
CA ARG A 67 14.36 3.82 -2.89
C ARG A 67 15.72 3.51 -2.27
N HIS A 68 16.07 2.23 -2.25
CA HIS A 68 17.35 1.79 -1.70
C HIS A 68 17.45 0.27 -1.82
N PRO A 69 16.62 -0.49 -1.11
CA PRO A 69 16.66 -1.96 -1.17
C PRO A 69 16.08 -2.50 -2.47
N SER A 70 15.09 -1.79 -3.01
CA SER A 70 14.44 -2.20 -4.25
C SER A 70 14.44 -1.05 -5.26
N ARG A 71 14.38 -1.39 -6.55
CA ARG A 71 14.38 -0.38 -7.61
C ARG A 71 13.21 0.58 -7.45
N SER A 72 12.00 0.05 -7.47
CA SER A 72 10.79 0.86 -7.32
C SER A 72 9.53 0.00 -7.42
N LYS A 73 9.40 -0.95 -6.51
CA LYS A 73 8.25 -1.85 -6.49
C LYS A 73 6.95 -1.06 -6.30
N TYR A 74 7.02 0.03 -5.55
CA TYR A 74 5.85 0.87 -5.30
C TYR A 74 5.24 1.35 -6.60
N LEU A 75 6.09 1.88 -7.47
CA LEU A 75 5.68 2.40 -8.77
C LEU A 75 4.99 1.33 -9.61
N LYS A 76 5.73 0.29 -9.96
CA LYS A 76 5.19 -0.79 -10.78
C LYS A 76 3.99 -1.45 -10.11
N SER A 77 4.08 -1.66 -8.79
CA SER A 77 2.98 -2.27 -8.05
C SER A 77 1.74 -1.39 -8.07
N LEU A 78 1.95 -0.10 -7.84
CA LEU A 78 0.84 0.86 -7.85
C LEU A 78 0.30 1.03 -9.26
N LEU A 79 1.20 0.96 -10.24
CA LEU A 79 0.84 1.11 -11.64
C LEU A 79 -0.04 -0.05 -12.08
N SER A 80 0.29 -1.25 -11.61
CA SER A 80 -0.47 -2.45 -11.96
C SER A 80 -1.86 -2.44 -11.33
N LEU A 81 -1.97 -1.87 -10.13
CA LEU A 81 -3.25 -1.82 -9.41
C LEU A 81 -4.20 -0.77 -10.00
N MET A 82 -3.67 0.30 -10.60
CA MET A 82 -4.53 1.33 -11.16
C MET A 82 -4.96 1.06 -12.61
N ASP A 83 -5.43 2.08 -13.32
CA ASP A 83 -5.87 1.90 -14.71
C ASP A 83 -4.72 1.97 -15.71
N GLU A 84 -3.49 1.91 -15.21
CA GLU A 84 -2.32 1.96 -16.08
C GLU A 84 -2.07 0.61 -16.75
N ASN A 85 -1.71 0.65 -18.03
CA ASN A 85 -1.44 -0.57 -18.79
C ASN A 85 0.03 -0.93 -18.74
N GLU A 86 0.31 -2.18 -18.36
CA GLU A 86 1.69 -2.66 -18.27
C GLU A 86 2.26 -2.94 -19.66
N GLY A 87 3.55 -2.66 -19.83
CA GLY A 87 4.20 -2.88 -21.11
C GLY A 87 5.59 -3.46 -20.97
N LYS A 1 4.18 -26.15 15.10
CA LYS A 1 3.74 -26.04 13.72
C LYS A 1 3.31 -27.41 13.17
N GLU A 2 2.12 -27.85 13.58
CA GLU A 2 1.60 -29.14 13.14
C GLU A 2 1.48 -29.19 11.62
N ALA A 3 1.10 -28.07 11.02
CA ALA A 3 0.94 -27.99 9.57
C ALA A 3 0.52 -26.59 9.14
N MET A 4 1.50 -25.75 8.80
CA MET A 4 1.23 -24.38 8.37
C MET A 4 1.89 -24.10 7.02
N ARG A 5 1.22 -23.31 6.19
CA ARG A 5 1.75 -22.96 4.88
C ARG A 5 0.83 -21.98 4.17
N MET A 6 1.31 -20.74 3.99
CA MET A 6 0.52 -19.70 3.33
C MET A 6 1.42 -18.74 2.55
N LEU A 7 0.89 -18.21 1.45
CA LEU A 7 1.63 -17.28 0.60
C LEU A 7 1.08 -15.87 0.75
N MET A 8 1.99 -14.89 0.77
CA MET A 8 1.60 -13.49 0.91
C MET A 8 2.33 -12.62 -0.10
N ARG A 9 2.76 -13.22 -1.22
CA ARG A 9 3.48 -12.48 -2.25
C ARG A 9 4.64 -11.67 -1.66
N GLU A 10 5.31 -10.91 -2.52
CA GLU A 10 6.45 -10.09 -2.10
C GLU A 10 6.04 -8.65 -1.83
N GLU A 11 5.62 -7.96 -2.88
CA GLU A 11 5.25 -6.56 -2.78
C GLU A 11 4.30 -6.30 -1.63
N LEU A 12 3.48 -7.28 -1.28
CA LEU A 12 2.55 -7.14 -0.18
C LEU A 12 3.29 -6.71 1.09
N GLU A 13 4.31 -7.48 1.47
CA GLU A 13 5.10 -7.19 2.66
C GLU A 13 6.18 -6.13 2.40
N LYS A 14 6.72 -6.11 1.19
CA LYS A 14 7.77 -5.15 0.85
C LYS A 14 7.27 -3.72 0.92
N VAL A 15 6.01 -3.51 0.57
CA VAL A 15 5.41 -2.18 0.58
C VAL A 15 4.98 -1.74 1.98
N LEU A 16 4.27 -2.60 2.69
CA LEU A 16 3.78 -2.27 4.04
C LEU A 16 4.88 -2.27 5.10
N LYS A 17 5.81 -3.23 5.03
CA LYS A 17 6.89 -3.30 6.04
C LYS A 17 7.79 -2.08 6.03
N THR A 18 7.79 -1.32 4.94
CA THR A 18 8.65 -0.14 4.84
C THR A 18 7.97 1.10 5.43
N LEU A 19 6.65 1.18 5.27
CA LEU A 19 5.89 2.31 5.80
C LEU A 19 5.80 2.26 7.32
N SER A 20 5.56 3.41 7.94
CA SER A 20 5.43 3.48 9.40
C SER A 20 4.16 2.77 9.85
N PRO A 21 4.02 2.50 11.15
CA PRO A 21 2.84 1.82 11.69
C PRO A 21 1.53 2.44 11.21
N ARG A 22 1.36 3.73 11.47
CA ARG A 22 0.14 4.43 11.06
C ARG A 22 0.08 4.59 9.53
N GLU A 23 1.23 4.73 8.90
CA GLU A 23 1.28 4.89 7.44
C GLU A 23 0.88 3.60 6.75
N ALA A 24 1.50 2.49 7.17
CA ALA A 24 1.22 1.20 6.57
C ALA A 24 -0.20 0.74 6.89
N MET A 25 -0.71 1.14 8.06
CA MET A 25 -2.05 0.76 8.47
C MET A 25 -3.11 1.28 7.50
N VAL A 26 -2.97 2.55 7.09
CA VAL A 26 -3.93 3.14 6.17
C VAL A 26 -3.87 2.44 4.82
N LEU A 27 -2.65 2.11 4.39
CA LEU A 27 -2.47 1.44 3.12
C LEU A 27 -2.94 -0.01 3.24
N ARG A 28 -2.88 -0.57 4.45
CA ARG A 28 -3.31 -1.94 4.68
C ARG A 28 -4.80 -2.02 4.35
N MET A 29 -5.51 -0.97 4.73
CA MET A 29 -6.95 -0.88 4.47
C MET A 29 -7.16 -0.60 2.99
N ARG A 30 -6.36 0.33 2.44
CA ARG A 30 -6.45 0.71 1.04
C ARG A 30 -6.25 -0.50 0.14
N TYR A 31 -5.44 -1.46 0.59
CA TYR A 31 -5.16 -2.66 -0.18
C TYR A 31 -6.29 -3.70 -0.05
N GLY A 32 -7.09 -3.56 1.00
CA GLY A 32 -8.18 -4.51 1.23
C GLY A 32 -7.70 -5.78 1.91
N LEU A 33 -6.56 -5.68 2.59
CA LEU A 33 -5.98 -6.82 3.29
C LEU A 33 -6.71 -7.14 4.60
N LEU A 34 -7.28 -6.10 5.20
CA LEU A 34 -8.00 -6.26 6.47
C LEU A 34 -9.15 -7.26 6.36
N ASP A 35 -9.96 -7.14 5.31
CA ASP A 35 -11.10 -8.05 5.12
C ASP A 35 -11.10 -8.72 3.75
N GLY A 36 -10.20 -8.29 2.88
CA GLY A 36 -10.15 -8.88 1.55
C GLY A 36 -10.80 -8.02 0.49
N LYS A 37 -11.43 -6.93 0.93
CA LYS A 37 -12.10 -6.01 0.02
C LYS A 37 -11.49 -4.60 0.11
N PRO A 38 -10.73 -4.18 -0.91
CA PRO A 38 -10.09 -2.86 -0.91
C PRO A 38 -11.09 -1.74 -0.66
N LYS A 39 -10.67 -0.76 0.14
CA LYS A 39 -11.51 0.38 0.47
C LYS A 39 -10.86 1.67 0.00
N THR A 40 -11.67 2.71 -0.20
CA THR A 40 -11.14 3.99 -0.63
C THR A 40 -10.47 4.72 0.53
N LEU A 41 -9.52 5.60 0.21
CA LEU A 41 -8.81 6.33 1.25
C LEU A 41 -9.77 7.13 2.12
N GLU A 42 -10.85 7.61 1.53
CA GLU A 42 -11.85 8.39 2.25
C GLU A 42 -12.30 7.66 3.51
N GLU A 43 -12.52 6.35 3.38
CA GLU A 43 -12.96 5.53 4.52
C GLU A 43 -11.82 5.32 5.51
N VAL A 44 -10.62 5.07 4.99
CA VAL A 44 -9.46 4.83 5.84
C VAL A 44 -8.99 6.10 6.56
N GLY A 45 -8.75 7.16 5.80
CA GLY A 45 -8.31 8.40 6.40
C GLY A 45 -9.31 8.93 7.41
N GLN A 46 -10.57 9.00 6.99
CA GLN A 46 -11.63 9.47 7.86
C GLN A 46 -11.79 8.54 9.07
N TYR A 47 -11.43 7.28 8.88
CA TYR A 47 -11.53 6.29 9.96
C TYR A 47 -10.67 6.72 11.14
N PHE A 48 -9.51 7.29 10.85
CA PHE A 48 -8.60 7.75 11.88
C PHE A 48 -8.87 9.22 12.21
N ASN A 49 -8.21 10.12 11.48
CA ASN A 49 -8.40 11.55 11.70
C ASN A 49 -7.64 12.37 10.65
N VAL A 50 -7.48 11.80 9.46
CA VAL A 50 -6.75 12.47 8.40
C VAL A 50 -7.39 12.27 7.03
N THR A 51 -7.28 13.29 6.18
CA THR A 51 -7.82 13.23 4.82
C THR A 51 -6.85 12.58 3.85
N ARG A 52 -7.22 12.54 2.58
CA ARG A 52 -6.37 11.94 1.56
C ARG A 52 -4.96 12.53 1.58
N GLU A 53 -4.88 13.81 1.93
CA GLU A 53 -3.60 14.51 1.99
C GLU A 53 -2.55 13.78 2.83
N ARG A 54 -2.96 13.16 3.94
CA ARG A 54 -2.00 12.45 4.77
C ARG A 54 -1.43 11.24 4.05
N ILE A 55 -2.29 10.40 3.46
CA ILE A 55 -1.79 9.25 2.73
C ILE A 55 -1.05 9.75 1.49
N ARG A 56 -1.51 10.88 0.97
CA ARG A 56 -0.87 11.52 -0.17
C ARG A 56 0.59 11.77 0.18
N GLN A 57 0.80 12.22 1.42
CA GLN A 57 2.14 12.48 1.93
C GLN A 57 2.92 11.17 2.09
N ILE A 58 2.26 10.16 2.63
CA ILE A 58 2.90 8.85 2.83
C ILE A 58 3.42 8.28 1.51
N GLU A 59 2.59 8.31 0.47
CA GLU A 59 2.99 7.80 -0.83
C GLU A 59 4.28 8.48 -1.28
N VAL A 60 4.38 9.79 -1.02
CA VAL A 60 5.56 10.56 -1.38
C VAL A 60 6.78 10.09 -0.60
N LYS A 61 6.72 10.23 0.73
CA LYS A 61 7.82 9.80 1.59
C LYS A 61 8.14 8.32 1.38
N ALA A 62 7.11 7.52 1.16
CA ALA A 62 7.30 6.10 0.93
C ALA A 62 8.20 5.89 -0.28
N LEU A 63 7.97 6.70 -1.31
CA LEU A 63 8.76 6.66 -2.53
C LEU A 63 10.22 7.00 -2.23
N ARG A 64 10.42 7.99 -1.37
CA ARG A 64 11.78 8.39 -0.99
C ARG A 64 12.52 7.24 -0.33
N LYS A 65 11.79 6.49 0.49
CA LYS A 65 12.35 5.35 1.22
C LYS A 65 12.70 4.19 0.28
N LEU A 66 12.03 4.12 -0.87
CA LEU A 66 12.29 3.04 -1.83
C LEU A 66 13.56 3.29 -2.62
N ARG A 67 14.21 4.43 -2.39
CA ARG A 67 15.44 4.76 -3.10
C ARG A 67 16.65 4.13 -2.45
N HIS A 68 16.90 2.87 -2.78
CA HIS A 68 18.05 2.14 -2.25
C HIS A 68 18.06 0.72 -2.84
N PRO A 69 17.00 -0.07 -2.61
CA PRO A 69 16.94 -1.43 -3.13
C PRO A 69 17.32 -1.52 -4.60
N SER A 70 17.97 -2.62 -4.99
CA SER A 70 18.39 -2.83 -6.36
C SER A 70 17.18 -2.81 -7.30
N ARG A 71 16.05 -3.33 -6.83
CA ARG A 71 14.83 -3.36 -7.63
C ARG A 71 13.73 -2.53 -6.99
N SER A 72 12.79 -2.07 -7.81
CA SER A 72 11.68 -1.25 -7.33
C SER A 72 10.34 -1.84 -7.78
N LYS A 73 9.93 -2.92 -7.13
CA LYS A 73 8.66 -3.57 -7.45
C LYS A 73 7.48 -2.62 -7.26
N TYR A 74 7.65 -1.63 -6.40
CA TYR A 74 6.61 -0.64 -6.13
C TYR A 74 6.08 -0.03 -7.42
N LEU A 75 7.03 0.26 -8.32
CA LEU A 75 6.72 0.88 -9.60
C LEU A 75 5.77 0.01 -10.43
N LYS A 76 6.00 -1.30 -10.42
CA LYS A 76 5.17 -2.22 -11.18
C LYS A 76 3.88 -2.57 -10.43
N SER A 77 4.00 -2.79 -9.13
CA SER A 77 2.84 -3.13 -8.31
C SER A 77 1.84 -1.98 -8.28
N LEU A 78 2.35 -0.76 -8.12
CA LEU A 78 1.50 0.42 -8.09
C LEU A 78 0.87 0.66 -9.46
N LEU A 79 1.66 0.39 -10.49
CA LEU A 79 1.20 0.57 -11.86
C LEU A 79 0.13 -0.46 -12.22
N SER A 80 0.28 -1.66 -11.68
CA SER A 80 -0.67 -2.74 -11.94
C SER A 80 -2.04 -2.44 -11.35
N LEU A 81 -2.05 -1.91 -10.13
CA LEU A 81 -3.30 -1.58 -9.45
C LEU A 81 -3.89 -0.24 -9.90
N MET A 82 -3.08 0.59 -10.56
CA MET A 82 -3.59 1.90 -11.00
C MET A 82 -4.26 1.86 -12.38
N ASP A 83 -3.48 1.68 -13.43
CA ASP A 83 -4.05 1.65 -14.79
C ASP A 83 -3.12 0.97 -15.80
N GLU A 84 -2.23 0.11 -15.32
CA GLU A 84 -1.31 -0.60 -16.21
C GLU A 84 -1.98 -1.79 -16.87
N ASN A 85 -1.82 -1.90 -18.18
CA ASN A 85 -2.41 -3.00 -18.95
C ASN A 85 -1.57 -3.31 -20.19
N GLU A 86 -1.33 -2.29 -21.02
CA GLU A 86 -0.54 -2.46 -22.23
C GLU A 86 -0.07 -1.11 -22.77
N GLY A 87 1.24 -1.00 -22.95
CA GLY A 87 1.81 0.25 -23.45
C GLY A 87 3.19 0.06 -24.03
N LYS A 1 8.44 -29.77 8.55
CA LYS A 1 8.41 -29.02 9.80
C LYS A 1 8.67 -27.54 9.54
N GLU A 2 8.07 -27.01 8.49
CA GLU A 2 8.24 -25.59 8.14
C GLU A 2 7.73 -24.68 9.25
N ALA A 3 6.64 -25.11 9.91
CA ALA A 3 6.06 -24.33 10.98
C ALA A 3 5.58 -22.97 10.50
N MET A 4 5.20 -22.90 9.22
CA MET A 4 4.73 -21.65 8.62
C MET A 4 3.86 -21.92 7.41
N ARG A 5 2.65 -21.39 7.42
CA ARG A 5 1.71 -21.58 6.31
C ARG A 5 0.94 -20.30 6.02
N MET A 6 1.57 -19.16 6.31
CA MET A 6 0.94 -17.86 6.11
C MET A 6 1.61 -17.09 4.97
N LEU A 7 1.31 -17.52 3.74
CA LEU A 7 1.87 -16.87 2.55
C LEU A 7 0.78 -16.27 1.68
N MET A 8 1.00 -15.05 1.21
CA MET A 8 0.03 -14.36 0.37
C MET A 8 0.71 -13.77 -0.86
N ARG A 9 1.34 -12.60 -0.70
CA ARG A 9 2.02 -11.95 -1.82
C ARG A 9 3.43 -11.50 -1.44
N GLU A 10 4.32 -11.45 -2.43
CA GLU A 10 5.70 -11.04 -2.22
C GLU A 10 5.86 -9.53 -2.21
N GLU A 11 5.54 -8.91 -3.33
CA GLU A 11 5.66 -7.48 -3.49
C GLU A 11 4.88 -6.72 -2.43
N LEU A 12 3.73 -7.26 -2.05
CA LEU A 12 2.91 -6.62 -1.03
C LEU A 12 3.69 -6.45 0.27
N GLU A 13 4.44 -7.49 0.64
CA GLU A 13 5.25 -7.46 1.86
C GLU A 13 6.52 -6.64 1.70
N LYS A 14 7.11 -6.65 0.51
CA LYS A 14 8.34 -5.91 0.25
C LYS A 14 8.14 -4.41 0.39
N VAL A 15 6.97 -3.93 0.00
CA VAL A 15 6.67 -2.51 0.06
C VAL A 15 6.31 -2.04 1.48
N LEU A 16 5.51 -2.84 2.20
CA LEU A 16 5.10 -2.48 3.55
C LEU A 16 6.26 -2.30 4.52
N LYS A 17 7.34 -3.07 4.34
CA LYS A 17 8.49 -2.99 5.26
C LYS A 17 9.06 -1.57 5.34
N THR A 18 8.79 -0.73 4.34
CA THR A 18 9.30 0.63 4.36
C THR A 18 8.38 1.58 5.10
N LEU A 19 7.07 1.38 4.98
CA LEU A 19 6.09 2.22 5.66
C LEU A 19 5.98 1.85 7.13
N SER A 20 5.69 2.85 7.97
CA SER A 20 5.53 2.63 9.40
C SER A 20 4.24 1.86 9.67
N PRO A 21 4.08 1.30 10.87
CA PRO A 21 2.89 0.53 11.23
C PRO A 21 1.59 1.27 10.90
N ARG A 22 1.55 2.56 11.23
CA ARG A 22 0.37 3.38 10.97
C ARG A 22 0.26 3.76 9.49
N GLU A 23 1.41 3.92 8.84
CA GLU A 23 1.42 4.28 7.42
C GLU A 23 0.89 3.14 6.57
N ALA A 24 1.49 1.96 6.71
CA ALA A 24 1.08 0.80 5.94
C ALA A 24 -0.37 0.41 6.26
N MET A 25 -0.79 0.63 7.50
CA MET A 25 -2.14 0.29 7.92
C MET A 25 -3.18 1.02 7.07
N VAL A 26 -2.93 2.31 6.78
CA VAL A 26 -3.86 3.08 5.97
C VAL A 26 -3.94 2.51 4.57
N LEU A 27 -2.83 1.95 4.10
CA LEU A 27 -2.80 1.36 2.77
C LEU A 27 -3.42 -0.03 2.83
N ARG A 28 -3.36 -0.68 4.00
CA ARG A 28 -3.94 -2.01 4.15
C ARG A 28 -5.41 -1.93 3.78
N MET A 29 -6.10 -0.96 4.39
CA MET A 29 -7.50 -0.74 4.12
C MET A 29 -7.69 -0.32 2.67
N ARG A 30 -6.82 0.56 2.21
CA ARG A 30 -6.86 1.06 0.84
C ARG A 30 -6.68 -0.07 -0.17
N TYR A 31 -5.90 -1.09 0.22
CA TYR A 31 -5.64 -2.23 -0.66
C TYR A 31 -6.81 -3.20 -0.68
N GLY A 32 -7.59 -3.23 0.39
CA GLY A 32 -8.73 -4.14 0.46
C GLY A 32 -8.35 -5.49 1.06
N LEU A 33 -7.13 -5.58 1.56
CA LEU A 33 -6.62 -6.82 2.17
C LEU A 33 -7.13 -6.99 3.60
N LEU A 34 -7.47 -5.88 4.24
CA LEU A 34 -7.96 -5.91 5.62
C LEU A 34 -9.20 -6.79 5.77
N ASP A 35 -10.20 -6.58 4.92
CA ASP A 35 -11.43 -7.36 5.00
C ASP A 35 -11.81 -8.01 3.66
N GLY A 36 -11.02 -7.74 2.62
CA GLY A 36 -11.31 -8.30 1.31
C GLY A 36 -11.97 -7.32 0.36
N LYS A 37 -12.40 -6.19 0.91
CA LYS A 37 -13.06 -5.14 0.11
C LYS A 37 -12.28 -3.83 0.20
N PRO A 38 -11.56 -3.45 -0.88
CA PRO A 38 -10.79 -2.21 -0.90
C PRO A 38 -11.67 -0.97 -0.84
N LYS A 39 -11.26 -0.01 -0.01
CA LYS A 39 -11.99 1.23 0.15
C LYS A 39 -11.14 2.42 -0.29
N THR A 40 -11.78 3.53 -0.59
CA THR A 40 -11.06 4.74 -1.00
C THR A 40 -10.38 5.39 0.20
N LEU A 41 -9.43 6.29 -0.06
CA LEU A 41 -8.72 6.96 1.02
C LEU A 41 -9.69 7.64 1.98
N GLU A 42 -10.79 8.15 1.46
CA GLU A 42 -11.78 8.83 2.27
C GLU A 42 -12.26 7.95 3.42
N GLU A 43 -12.43 6.66 3.13
CA GLU A 43 -12.87 5.69 4.13
C GLU A 43 -11.79 5.44 5.17
N VAL A 44 -10.56 5.23 4.69
CA VAL A 44 -9.44 4.95 5.59
C VAL A 44 -9.00 6.18 6.37
N GLY A 45 -8.75 7.28 5.67
CA GLY A 45 -8.33 8.50 6.33
C GLY A 45 -9.33 8.94 7.38
N GLN A 46 -10.59 9.03 6.98
CA GLN A 46 -11.65 9.42 7.90
C GLN A 46 -11.79 8.41 9.03
N TYR A 47 -11.44 7.17 8.75
CA TYR A 47 -11.52 6.11 9.75
C TYR A 47 -10.61 6.43 10.92
N PHE A 48 -9.46 7.02 10.63
CA PHE A 48 -8.50 7.40 11.67
C PHE A 48 -8.76 8.82 12.15
N ASN A 49 -8.14 9.79 11.50
CA ASN A 49 -8.32 11.20 11.87
C ASN A 49 -7.59 12.12 10.90
N VAL A 50 -7.45 11.67 9.65
CA VAL A 50 -6.75 12.46 8.64
C VAL A 50 -7.39 12.32 7.26
N THR A 51 -7.15 13.32 6.41
CA THR A 51 -7.68 13.32 5.05
C THR A 51 -6.73 12.63 4.08
N ARG A 52 -7.03 12.71 2.79
CA ARG A 52 -6.20 12.08 1.76
C ARG A 52 -4.75 12.53 1.87
N GLU A 53 -4.55 13.75 2.36
CA GLU A 53 -3.23 14.33 2.49
C GLU A 53 -2.28 13.44 3.30
N ARG A 54 -2.79 12.72 4.29
CA ARG A 54 -1.93 11.85 5.09
C ARG A 54 -1.33 10.73 4.26
N ILE A 55 -2.17 9.98 3.55
CA ILE A 55 -1.63 8.93 2.68
C ILE A 55 -0.85 9.58 1.55
N ARG A 56 -1.28 10.77 1.16
CA ARG A 56 -0.60 11.54 0.14
C ARG A 56 0.83 11.78 0.60
N GLN A 57 0.98 12.08 1.88
CA GLN A 57 2.28 12.32 2.49
C GLN A 57 3.09 11.02 2.54
N ILE A 58 2.45 9.93 2.96
CA ILE A 58 3.12 8.63 3.04
C ILE A 58 3.68 8.22 1.69
N GLU A 59 2.87 8.33 0.64
CA GLU A 59 3.32 7.98 -0.71
C GLU A 59 4.58 8.75 -1.06
N VAL A 60 4.60 10.04 -0.72
CA VAL A 60 5.75 10.89 -0.98
C VAL A 60 6.94 10.48 -0.13
N LYS A 61 6.76 10.53 1.18
CA LYS A 61 7.83 10.15 2.12
C LYS A 61 8.31 8.73 1.86
N ALA A 62 7.39 7.85 1.47
CA ALA A 62 7.75 6.47 1.18
C ALA A 62 8.79 6.44 0.07
N LEU A 63 8.60 7.31 -0.92
CA LEU A 63 9.52 7.42 -2.04
C LEU A 63 10.90 7.85 -1.56
N ARG A 64 10.93 8.76 -0.60
CA ARG A 64 12.20 9.23 -0.04
C ARG A 64 12.94 8.09 0.65
N LYS A 65 12.17 7.21 1.29
CA LYS A 65 12.73 6.07 2.01
C LYS A 65 13.38 5.06 1.05
N LEU A 66 12.81 4.89 -0.13
CA LEU A 66 13.35 3.94 -1.10
C LEU A 66 14.59 4.50 -1.80
N ARG A 67 14.44 5.63 -2.46
CA ARG A 67 15.56 6.26 -3.16
C ARG A 67 16.41 5.22 -3.88
N HIS A 68 15.76 4.37 -4.66
CA HIS A 68 16.44 3.34 -5.43
C HIS A 68 16.04 3.46 -6.90
N PRO A 69 16.70 4.33 -7.67
CA PRO A 69 16.36 4.49 -9.09
C PRO A 69 16.62 3.23 -9.92
N SER A 70 17.54 2.40 -9.43
CA SER A 70 17.89 1.16 -10.11
C SER A 70 16.66 0.27 -10.29
N ARG A 71 15.80 0.24 -9.28
CA ARG A 71 14.59 -0.57 -9.32
C ARG A 71 13.68 -0.29 -8.12
N SER A 72 12.38 -0.49 -8.31
CA SER A 72 11.41 -0.25 -7.25
C SER A 72 10.16 -1.11 -7.47
N LYS A 73 9.85 -1.94 -6.47
CA LYS A 73 8.68 -2.82 -6.54
C LYS A 73 7.38 -2.01 -6.46
N TYR A 74 7.44 -0.85 -5.83
CA TYR A 74 6.26 0.02 -5.69
C TYR A 74 5.60 0.26 -7.04
N LEU A 75 6.44 0.51 -8.04
CA LEU A 75 5.99 0.77 -9.40
C LEU A 75 5.22 -0.41 -9.97
N LYS A 76 5.90 -1.53 -10.17
CA LYS A 76 5.28 -2.73 -10.72
C LYS A 76 4.13 -3.22 -9.85
N SER A 77 4.31 -3.12 -8.53
CA SER A 77 3.27 -3.56 -7.60
C SER A 77 2.02 -2.70 -7.75
N LEU A 78 2.20 -1.40 -7.86
CA LEU A 78 1.08 -0.49 -8.02
C LEU A 78 0.39 -0.72 -9.36
N LEU A 79 1.20 -1.01 -10.38
CA LEU A 79 0.69 -1.26 -11.71
C LEU A 79 -0.12 -2.55 -11.74
N SER A 80 0.30 -3.53 -10.94
CA SER A 80 -0.38 -4.82 -10.88
C SER A 80 -1.76 -4.69 -10.25
N LEU A 81 -1.94 -3.68 -9.40
CA LEU A 81 -3.22 -3.47 -8.71
C LEU A 81 -4.24 -2.78 -9.61
N MET A 82 -3.98 -1.54 -10.04
CA MET A 82 -4.94 -0.82 -10.87
C MET A 82 -4.31 0.29 -11.70
N ASP A 83 -3.05 0.62 -11.44
CA ASP A 83 -2.39 1.70 -12.18
C ASP A 83 -2.00 1.32 -13.60
N GLU A 84 -2.17 0.05 -13.94
CA GLU A 84 -1.83 -0.43 -15.29
C GLU A 84 -2.92 -0.06 -16.28
N ASN A 85 -4.14 0.10 -15.78
CA ASN A 85 -5.28 0.46 -16.61
C ASN A 85 -5.42 1.97 -16.74
N GLU A 86 -4.56 2.69 -16.05
CA GLU A 86 -4.58 4.16 -16.09
C GLU A 86 -3.89 4.67 -17.34
N GLY A 87 -4.46 5.73 -17.93
CA GLY A 87 -3.89 6.30 -19.13
C GLY A 87 -3.86 7.82 -19.10
N LYS A 1 0.72 -22.86 7.30
CA LYS A 1 0.31 -21.56 6.80
C LYS A 1 0.99 -21.25 5.47
N GLU A 2 0.92 -22.20 4.53
CA GLU A 2 1.53 -22.02 3.22
C GLU A 2 0.91 -20.85 2.47
N ALA A 3 -0.39 -20.63 2.70
CA ALA A 3 -1.11 -19.54 2.04
C ALA A 3 -2.47 -19.31 2.70
N MET A 4 -3.25 -20.36 2.83
CA MET A 4 -4.58 -20.28 3.43
C MET A 4 -5.51 -19.43 2.57
N ARG A 5 -5.26 -18.12 2.52
CA ARG A 5 -6.10 -17.22 1.73
C ARG A 5 -5.28 -16.01 1.29
N MET A 6 -5.86 -15.23 0.37
CA MET A 6 -5.19 -14.03 -0.15
C MET A 6 -3.88 -14.39 -0.85
N LEU A 7 -3.50 -13.57 -1.83
CA LEU A 7 -2.27 -13.78 -2.58
C LEU A 7 -1.09 -13.11 -1.91
N MET A 8 0.08 -13.73 -2.01
CA MET A 8 1.30 -13.20 -1.41
C MET A 8 1.62 -11.81 -1.98
N ARG A 9 1.46 -11.66 -3.29
CA ARG A 9 1.74 -10.38 -3.94
C ARG A 9 3.11 -9.84 -3.54
N GLU A 10 4.12 -10.13 -4.36
CA GLU A 10 5.49 -9.70 -4.10
C GLU A 10 5.60 -8.18 -3.97
N GLU A 11 5.25 -7.48 -5.04
CA GLU A 11 5.33 -6.04 -5.07
C GLU A 11 4.52 -5.40 -3.95
N LEU A 12 3.38 -5.99 -3.63
CA LEU A 12 2.54 -5.47 -2.56
C LEU A 12 3.28 -5.53 -1.21
N GLU A 13 4.01 -6.61 -0.99
CA GLU A 13 4.78 -6.80 0.24
C GLU A 13 6.04 -5.94 0.27
N LYS A 14 6.64 -5.69 -0.88
CA LYS A 14 7.86 -4.90 -0.96
C LYS A 14 7.64 -3.47 -0.46
N VAL A 15 6.47 -2.91 -0.76
CA VAL A 15 6.15 -1.55 -0.36
C VAL A 15 5.67 -1.47 1.10
N LEU A 16 4.75 -2.35 1.47
CA LEU A 16 4.20 -2.34 2.84
C LEU A 16 5.26 -2.53 3.93
N LYS A 17 6.22 -3.43 3.70
CA LYS A 17 7.27 -3.68 4.71
C LYS A 17 8.12 -2.44 4.98
N THR A 18 8.13 -1.49 4.06
CA THR A 18 8.95 -0.29 4.24
C THR A 18 8.20 0.78 5.03
N LEU A 19 6.88 0.81 4.89
CA LEU A 19 6.07 1.80 5.61
C LEU A 19 5.95 1.45 7.08
N SER A 20 5.75 2.47 7.91
CA SER A 20 5.60 2.27 9.35
C SER A 20 4.26 1.59 9.64
N PRO A 21 4.09 1.05 10.85
CA PRO A 21 2.84 0.37 11.22
C PRO A 21 1.60 1.17 10.86
N ARG A 22 1.58 2.45 11.24
CA ARG A 22 0.45 3.32 10.96
C ARG A 22 0.39 3.68 9.48
N GLU A 23 1.54 3.81 8.84
CA GLU A 23 1.59 4.16 7.42
C GLU A 23 1.06 3.02 6.57
N ALA A 24 1.62 1.84 6.76
CA ALA A 24 1.19 0.66 5.99
C ALA A 24 -0.25 0.30 6.31
N MET A 25 -0.68 0.53 7.54
CA MET A 25 -2.03 0.20 7.95
C MET A 25 -3.06 0.93 7.10
N VAL A 26 -2.86 2.24 6.88
CA VAL A 26 -3.79 3.02 6.08
C VAL A 26 -3.84 2.46 4.66
N LEU A 27 -2.71 1.97 4.19
CA LEU A 27 -2.65 1.40 2.85
C LEU A 27 -3.29 0.01 2.86
N ARG A 28 -3.14 -0.71 3.98
CA ARG A 28 -3.74 -2.03 4.10
C ARG A 28 -5.24 -1.89 3.95
N MET A 29 -5.78 -0.87 4.62
CA MET A 29 -7.21 -0.59 4.55
C MET A 29 -7.59 -0.21 3.13
N ARG A 30 -6.82 0.70 2.55
CA ARG A 30 -7.04 1.16 1.18
C ARG A 30 -6.94 -0.01 0.19
N TYR A 31 -6.08 -0.98 0.51
CA TYR A 31 -5.88 -2.14 -0.36
C TYR A 31 -6.98 -3.18 -0.15
N GLY A 32 -7.73 -3.06 0.95
CA GLY A 32 -8.77 -4.03 1.23
C GLY A 32 -8.25 -5.23 1.99
N LEU A 33 -7.04 -5.11 2.52
CA LEU A 33 -6.41 -6.19 3.28
C LEU A 33 -7.00 -6.32 4.69
N LEU A 34 -7.46 -5.21 5.23
CA LEU A 34 -8.03 -5.20 6.58
C LEU A 34 -9.23 -6.15 6.70
N ASP A 35 -10.15 -6.09 5.74
CA ASP A 35 -11.34 -6.94 5.79
C ASP A 35 -11.53 -7.76 4.51
N GLY A 36 -10.68 -7.52 3.51
CA GLY A 36 -10.80 -8.25 2.26
C GLY A 36 -11.48 -7.46 1.16
N LYS A 37 -11.99 -6.29 1.52
CA LYS A 37 -12.67 -5.42 0.55
C LYS A 37 -11.92 -4.09 0.41
N PRO A 38 -11.37 -3.82 -0.79
CA PRO A 38 -10.63 -2.57 -1.04
C PRO A 38 -11.50 -1.34 -0.89
N LYS A 39 -11.02 -0.39 -0.07
CA LYS A 39 -11.74 0.85 0.16
C LYS A 39 -10.91 2.04 -0.28
N THR A 40 -11.57 3.14 -0.59
CA THR A 40 -10.87 4.35 -1.01
C THR A 40 -10.24 5.06 0.18
N LEU A 41 -9.26 5.93 -0.09
CA LEU A 41 -8.59 6.64 0.99
C LEU A 41 -9.59 7.38 1.88
N GLU A 42 -10.67 7.87 1.28
CA GLU A 42 -11.69 8.60 2.02
C GLU A 42 -12.18 7.79 3.22
N GLU A 43 -12.32 6.47 3.02
CA GLU A 43 -12.78 5.59 4.08
C GLU A 43 -11.71 5.39 5.14
N VAL A 44 -10.47 5.21 4.69
CA VAL A 44 -9.35 4.99 5.61
C VAL A 44 -8.96 6.26 6.35
N GLY A 45 -8.69 7.33 5.61
CA GLY A 45 -8.31 8.59 6.24
C GLY A 45 -9.36 9.05 7.22
N GLN A 46 -10.60 9.12 6.77
CA GLN A 46 -11.71 9.54 7.63
C GLN A 46 -11.87 8.58 8.81
N TYR A 47 -11.49 7.33 8.60
CA TYR A 47 -11.60 6.32 9.66
C TYR A 47 -10.64 6.64 10.79
N PHE A 48 -9.49 7.24 10.45
CA PHE A 48 -8.51 7.62 11.43
C PHE A 48 -8.75 9.05 11.91
N ASN A 49 -8.11 10.02 11.25
CA ASN A 49 -8.28 11.42 11.61
C ASN A 49 -7.50 12.33 10.67
N VAL A 50 -7.33 11.88 9.42
CA VAL A 50 -6.58 12.64 8.44
C VAL A 50 -7.16 12.52 7.04
N THR A 51 -6.88 13.52 6.20
CA THR A 51 -7.37 13.53 4.82
C THR A 51 -6.39 12.82 3.90
N ARG A 52 -6.65 12.89 2.60
CA ARG A 52 -5.79 12.24 1.60
C ARG A 52 -4.34 12.65 1.76
N GLU A 53 -4.14 13.87 2.24
CA GLU A 53 -2.80 14.41 2.43
C GLU A 53 -1.89 13.51 3.26
N ARG A 54 -2.46 12.79 4.23
CA ARG A 54 -1.65 11.91 5.06
C ARG A 54 -1.07 10.75 4.24
N ILE A 55 -1.91 10.03 3.50
CA ILE A 55 -1.41 8.95 2.67
C ILE A 55 -0.57 9.55 1.55
N ARG A 56 -0.95 10.75 1.13
CA ARG A 56 -0.22 11.48 0.12
C ARG A 56 1.21 11.67 0.61
N GLN A 57 1.33 11.99 1.90
CA GLN A 57 2.62 12.18 2.54
C GLN A 57 3.39 10.85 2.62
N ILE A 58 2.70 9.80 3.04
CA ILE A 58 3.31 8.47 3.15
C ILE A 58 3.89 8.02 1.80
N GLU A 59 3.11 8.20 0.73
CA GLU A 59 3.57 7.81 -0.60
C GLU A 59 4.92 8.46 -0.90
N VAL A 60 5.05 9.73 -0.55
CA VAL A 60 6.29 10.47 -0.77
C VAL A 60 7.42 9.89 0.09
N LYS A 61 7.23 9.89 1.41
CA LYS A 61 8.23 9.36 2.32
C LYS A 61 8.57 7.91 1.98
N ALA A 62 7.56 7.14 1.60
CA ALA A 62 7.79 5.74 1.24
C ALA A 62 8.83 5.67 0.13
N LEU A 63 8.71 6.58 -0.83
CA LEU A 63 9.64 6.66 -1.93
C LEU A 63 11.03 7.05 -1.45
N ARG A 64 11.09 8.04 -0.57
CA ARG A 64 12.35 8.50 -0.01
C ARG A 64 12.99 7.40 0.84
N LYS A 65 12.19 6.83 1.73
CA LYS A 65 12.65 5.78 2.62
C LYS A 65 13.00 4.50 1.86
N LEU A 66 12.31 4.23 0.77
CA LEU A 66 12.57 3.02 -0.02
C LEU A 66 13.84 3.16 -0.83
N ARG A 67 13.86 4.09 -1.78
CA ARG A 67 15.04 4.29 -2.62
C ARG A 67 15.15 5.74 -3.09
N HIS A 68 16.39 6.16 -3.39
CA HIS A 68 16.64 7.51 -3.87
C HIS A 68 15.91 7.71 -5.19
N PRO A 69 15.61 8.95 -5.58
CA PRO A 69 14.90 9.22 -6.84
C PRO A 69 15.51 8.49 -8.02
N SER A 70 14.93 7.34 -8.36
CA SER A 70 15.40 6.52 -9.47
C SER A 70 14.38 5.44 -9.84
N ARG A 71 14.28 4.42 -9.00
CA ARG A 71 13.33 3.33 -9.24
C ARG A 71 12.62 2.92 -7.95
N SER A 72 11.31 2.71 -8.04
CA SER A 72 10.52 2.32 -6.88
C SER A 72 9.43 1.32 -7.29
N LYS A 73 9.26 0.28 -6.48
CA LYS A 73 8.26 -0.75 -6.74
C LYS A 73 6.84 -0.18 -6.65
N TYR A 74 6.69 0.92 -5.91
CA TYR A 74 5.38 1.56 -5.75
C TYR A 74 4.71 1.80 -7.08
N LEU A 75 5.51 2.29 -8.03
CA LEU A 75 5.03 2.59 -9.37
C LEU A 75 4.54 1.34 -10.09
N LYS A 76 5.45 0.44 -10.39
CA LYS A 76 5.11 -0.80 -11.08
C LYS A 76 4.10 -1.64 -10.30
N SER A 77 4.23 -1.62 -8.97
CA SER A 77 3.32 -2.37 -8.12
C SER A 77 1.89 -1.91 -8.31
N LEU A 78 1.68 -0.60 -8.32
CA LEU A 78 0.36 -0.03 -8.51
C LEU A 78 -0.17 -0.39 -9.90
N LEU A 79 0.73 -0.43 -10.87
CA LEU A 79 0.37 -0.76 -12.24
C LEU A 79 -0.07 -2.22 -12.34
N SER A 80 0.60 -3.09 -11.59
CA SER A 80 0.27 -4.52 -11.61
C SER A 80 -1.07 -4.80 -10.93
N LEU A 81 -1.54 -3.84 -10.14
CA LEU A 81 -2.80 -3.99 -9.41
C LEU A 81 -4.02 -3.93 -10.33
N MET A 82 -4.04 -2.99 -11.28
CA MET A 82 -5.20 -2.87 -12.17
C MET A 82 -4.88 -2.16 -13.49
N ASP A 83 -3.62 -2.17 -13.91
CA ASP A 83 -3.22 -1.51 -15.16
C ASP A 83 -1.97 -2.12 -15.78
N GLU A 84 -1.63 -3.33 -15.38
CA GLU A 84 -0.45 -4.00 -15.92
C GLU A 84 -0.52 -5.51 -15.71
N ASN A 85 -1.29 -6.19 -16.55
CA ASN A 85 -1.46 -7.63 -16.47
C ASN A 85 -0.41 -8.36 -17.30
N GLU A 86 -0.54 -8.28 -18.62
CA GLU A 86 0.39 -8.92 -19.53
C GLU A 86 0.27 -8.35 -20.94
N GLY A 87 -0.02 -7.04 -21.02
CA GLY A 87 -0.15 -6.40 -22.31
C GLY A 87 -0.43 -4.91 -22.18
N LYS A 1 -2.47 -32.44 -4.17
CA LYS A 1 -2.48 -31.92 -2.81
C LYS A 1 -1.06 -31.92 -2.23
N GLU A 2 -0.07 -31.78 -3.10
CA GLU A 2 1.33 -31.77 -2.67
C GLU A 2 1.61 -30.57 -1.76
N ALA A 3 0.96 -29.44 -2.05
CA ALA A 3 1.14 -28.23 -1.27
C ALA A 3 -0.14 -27.39 -1.25
N MET A 4 -0.29 -26.58 -0.21
CA MET A 4 -1.46 -25.72 -0.07
C MET A 4 -1.16 -24.54 0.85
N ARG A 5 0.09 -24.11 0.89
CA ARG A 5 0.50 -22.99 1.73
C ARG A 5 -0.26 -21.73 1.32
N MET A 6 -0.30 -21.46 0.03
CA MET A 6 -0.98 -20.28 -0.50
C MET A 6 -0.56 -19.02 0.24
N LEU A 7 -1.19 -17.90 -0.10
CA LEU A 7 -0.89 -16.62 0.53
C LEU A 7 0.56 -16.20 0.29
N MET A 8 0.81 -15.60 -0.85
CA MET A 8 2.16 -15.16 -1.21
C MET A 8 2.30 -13.64 -1.05
N ARG A 9 1.77 -12.89 -2.02
CA ARG A 9 1.86 -11.43 -1.96
C ARG A 9 3.30 -10.96 -1.79
N GLU A 10 3.91 -10.52 -2.89
CA GLU A 10 5.30 -10.05 -2.88
C GLU A 10 5.38 -8.53 -2.76
N GLU A 11 4.85 -7.85 -3.77
CA GLU A 11 4.88 -6.40 -3.82
C GLU A 11 4.24 -5.78 -2.58
N LEU A 12 3.17 -6.38 -2.08
CA LEU A 12 2.50 -5.87 -0.90
C LEU A 12 3.43 -5.94 0.31
N GLU A 13 4.12 -7.07 0.46
CA GLU A 13 5.05 -7.26 1.58
C GLU A 13 6.31 -6.41 1.44
N LYS A 14 6.82 -6.29 0.22
CA LYS A 14 8.04 -5.51 -0.02
C LYS A 14 7.84 -4.03 0.30
N VAL A 15 6.64 -3.52 0.03
CA VAL A 15 6.34 -2.12 0.28
C VAL A 15 5.99 -1.83 1.74
N LEU A 16 5.12 -2.66 2.32
CA LEU A 16 4.70 -2.46 3.71
C LEU A 16 5.87 -2.43 4.71
N LYS A 17 6.89 -3.25 4.49
CA LYS A 17 8.04 -3.29 5.41
C LYS A 17 8.73 -1.93 5.54
N THR A 18 8.53 -1.04 4.57
CA THR A 18 9.17 0.27 4.62
C THR A 18 8.33 1.28 5.39
N LEU A 19 7.01 1.18 5.26
CA LEU A 19 6.11 2.09 5.96
C LEU A 19 6.05 1.77 7.46
N SER A 20 5.82 2.80 8.26
CA SER A 20 5.72 2.62 9.71
C SER A 20 4.43 1.88 10.06
N PRO A 21 4.33 1.35 11.29
CA PRO A 21 3.13 0.60 11.71
C PRO A 21 1.84 1.37 11.46
N ARG A 22 1.92 2.70 11.53
CA ARG A 22 0.75 3.54 11.31
C ARG A 22 0.56 3.87 9.83
N GLU A 23 1.67 4.11 9.13
CA GLU A 23 1.60 4.43 7.71
C GLU A 23 1.14 3.22 6.90
N ALA A 24 1.68 2.05 7.21
CA ALA A 24 1.33 0.84 6.51
C ALA A 24 -0.12 0.44 6.79
N MET A 25 -0.56 0.62 8.03
CA MET A 25 -1.92 0.27 8.41
C MET A 25 -2.94 1.02 7.57
N VAL A 26 -2.72 2.33 7.36
CA VAL A 26 -3.64 3.13 6.58
C VAL A 26 -3.73 2.59 5.15
N LEU A 27 -2.60 2.15 4.62
CA LEU A 27 -2.57 1.61 3.28
C LEU A 27 -3.17 0.20 3.28
N ARG A 28 -3.04 -0.51 4.40
CA ARG A 28 -3.59 -1.85 4.52
C ARG A 28 -5.08 -1.76 4.24
N MET A 29 -5.71 -0.72 4.80
CA MET A 29 -7.13 -0.49 4.61
C MET A 29 -7.40 -0.17 3.14
N ARG A 30 -6.61 0.76 2.61
CA ARG A 30 -6.75 1.17 1.22
C ARG A 30 -6.53 0.00 0.26
N TYR A 31 -5.66 -0.93 0.66
CA TYR A 31 -5.36 -2.10 -0.16
C TYR A 31 -6.42 -3.19 0.02
N GLY A 32 -7.14 -3.16 1.13
CA GLY A 32 -8.16 -4.17 1.38
C GLY A 32 -7.61 -5.37 2.14
N LEU A 33 -6.51 -5.15 2.85
CA LEU A 33 -5.87 -6.21 3.62
C LEU A 33 -6.61 -6.49 4.92
N LEU A 34 -7.22 -5.45 5.49
CA LEU A 34 -7.96 -5.58 6.75
C LEU A 34 -9.08 -6.62 6.66
N ASP A 35 -9.84 -6.60 5.57
CA ASP A 35 -10.94 -7.54 5.41
C ASP A 35 -10.86 -8.33 4.09
N GLY A 36 -9.95 -7.94 3.22
CA GLY A 36 -9.81 -8.64 1.94
C GLY A 36 -10.46 -7.89 0.79
N LYS A 37 -11.06 -6.74 1.09
CA LYS A 37 -11.72 -5.93 0.08
C LYS A 37 -11.11 -4.53 0.01
N PRO A 38 -10.35 -4.23 -1.06
CA PRO A 38 -9.71 -2.92 -1.22
C PRO A 38 -10.71 -1.77 -1.08
N LYS A 39 -10.31 -0.77 -0.30
CA LYS A 39 -11.15 0.40 -0.08
C LYS A 39 -10.46 1.66 -0.58
N THR A 40 -11.25 2.66 -0.95
CA THR A 40 -10.69 3.91 -1.44
C THR A 40 -10.18 4.75 -0.28
N LEU A 41 -9.32 5.73 -0.58
CA LEU A 41 -8.76 6.58 0.46
C LEU A 41 -9.86 7.22 1.31
N GLU A 42 -10.99 7.50 0.69
CA GLU A 42 -12.12 8.11 1.40
C GLU A 42 -12.46 7.34 2.66
N GLU A 43 -12.59 6.02 2.54
CA GLU A 43 -12.90 5.17 3.67
C GLU A 43 -11.71 5.04 4.62
N VAL A 44 -10.52 5.05 4.06
CA VAL A 44 -9.29 4.92 4.85
C VAL A 44 -9.03 6.15 5.70
N GLY A 45 -8.90 7.31 5.06
CA GLY A 45 -8.63 8.52 5.80
C GLY A 45 -9.75 8.86 6.77
N GLN A 46 -10.98 8.78 6.29
CA GLN A 46 -12.14 9.08 7.11
C GLN A 46 -12.21 8.13 8.31
N TYR A 47 -11.71 6.91 8.12
CA TYR A 47 -11.72 5.91 9.18
C TYR A 47 -10.86 6.38 10.35
N PHE A 48 -9.76 7.04 10.04
CA PHE A 48 -8.86 7.56 11.07
C PHE A 48 -9.25 8.99 11.44
N ASN A 49 -8.63 9.96 10.77
CA ASN A 49 -8.94 11.38 11.05
C ASN A 49 -8.15 12.29 10.11
N VAL A 50 -7.88 11.81 8.90
CA VAL A 50 -7.11 12.58 7.93
C VAL A 50 -7.62 12.40 6.50
N THR A 51 -7.39 13.40 5.66
CA THR A 51 -7.80 13.36 4.27
C THR A 51 -6.73 12.69 3.40
N ARG A 52 -6.93 12.74 2.09
CA ARG A 52 -5.99 12.14 1.14
C ARG A 52 -4.58 12.65 1.37
N GLU A 53 -4.47 13.90 1.80
CA GLU A 53 -3.19 14.52 2.04
C GLU A 53 -2.27 13.69 2.94
N ARG A 54 -2.82 13.06 3.97
CA ARG A 54 -2.01 12.24 4.86
C ARG A 54 -1.42 11.03 4.14
N ILE A 55 -2.25 10.29 3.40
CA ILE A 55 -1.74 9.16 2.64
C ILE A 55 -0.84 9.69 1.53
N ARG A 56 -1.16 10.88 1.05
CA ARG A 56 -0.37 11.54 0.03
C ARG A 56 1.05 11.71 0.55
N GLN A 57 1.13 12.06 1.83
CA GLN A 57 2.41 12.22 2.50
C GLN A 57 3.17 10.90 2.60
N ILE A 58 2.47 9.86 3.08
CA ILE A 58 3.07 8.54 3.21
C ILE A 58 3.56 8.02 1.86
N GLU A 59 2.73 8.16 0.82
CA GLU A 59 3.10 7.70 -0.51
C GLU A 59 4.43 8.33 -0.93
N VAL A 60 4.61 9.61 -0.58
CA VAL A 60 5.84 10.32 -0.90
C VAL A 60 7.03 9.71 -0.16
N LYS A 61 6.98 9.74 1.17
CA LYS A 61 8.05 9.18 2.00
C LYS A 61 8.27 7.70 1.66
N ALA A 62 7.20 6.98 1.39
CA ALA A 62 7.31 5.57 1.05
C ALA A 62 8.15 5.43 -0.20
N LEU A 63 7.92 6.33 -1.15
CA LEU A 63 8.66 6.34 -2.41
C LEU A 63 10.14 6.66 -2.16
N ARG A 64 10.39 7.63 -1.27
CA ARG A 64 11.75 8.01 -0.94
C ARG A 64 12.49 6.84 -0.30
N LYS A 65 11.83 6.19 0.64
CA LYS A 65 12.42 5.05 1.35
C LYS A 65 12.56 3.83 0.45
N LEU A 66 11.57 3.60 -0.41
CA LEU A 66 11.62 2.44 -1.31
C LEU A 66 12.54 2.69 -2.49
N ARG A 67 12.74 3.95 -2.86
CA ARG A 67 13.59 4.30 -3.99
C ARG A 67 15.00 3.74 -3.81
N HIS A 68 15.51 3.11 -4.87
CA HIS A 68 16.85 2.55 -4.84
C HIS A 68 17.31 2.30 -6.29
N PRO A 69 18.57 2.62 -6.63
CA PRO A 69 19.07 2.43 -7.99
C PRO A 69 18.81 1.01 -8.51
N SER A 70 18.71 0.06 -7.59
CA SER A 70 18.47 -1.34 -7.93
C SER A 70 17.09 -1.51 -8.55
N ARG A 71 16.05 -1.54 -7.70
CA ARG A 71 14.68 -1.69 -8.19
C ARG A 71 13.69 -0.95 -7.29
N SER A 72 12.48 -0.77 -7.78
CA SER A 72 11.43 -0.07 -7.03
C SER A 72 10.07 -0.72 -7.26
N LYS A 73 9.76 -1.75 -6.47
CA LYS A 73 8.49 -2.45 -6.60
C LYS A 73 7.30 -1.52 -6.35
N TYR A 74 7.54 -0.48 -5.56
CA TYR A 74 6.48 0.50 -5.24
C TYR A 74 5.82 1.02 -6.51
N LEU A 75 6.65 1.33 -7.48
CA LEU A 75 6.20 1.86 -8.76
C LEU A 75 5.30 0.86 -9.49
N LYS A 76 5.88 -0.27 -9.89
CA LYS A 76 5.12 -1.30 -10.61
C LYS A 76 3.94 -1.79 -9.78
N SER A 77 4.14 -1.94 -8.47
CA SER A 77 3.08 -2.41 -7.59
C SER A 77 1.91 -1.42 -7.57
N LEU A 78 2.24 -0.13 -7.46
CA LEU A 78 1.22 0.91 -7.45
C LEU A 78 0.53 0.99 -8.79
N LEU A 79 1.31 0.79 -9.85
CA LEU A 79 0.78 0.83 -11.21
C LEU A 79 -0.17 -0.34 -11.46
N SER A 80 0.15 -1.48 -10.87
CA SER A 80 -0.67 -2.69 -11.03
C SER A 80 -2.04 -2.52 -10.36
N LEU A 81 -2.05 -1.87 -9.20
CA LEU A 81 -3.29 -1.66 -8.46
C LEU A 81 -4.10 -0.46 -8.98
N MET A 82 -3.46 0.43 -9.75
CA MET A 82 -4.18 1.61 -10.25
C MET A 82 -4.89 1.35 -11.59
N ASP A 83 -4.14 1.24 -12.68
CA ASP A 83 -4.73 1.01 -14.00
C ASP A 83 -3.74 0.45 -15.01
N GLU A 84 -2.69 -0.21 -14.53
CA GLU A 84 -1.68 -0.80 -15.41
C GLU A 84 -2.22 -2.05 -16.10
N ASN A 85 -3.11 -2.75 -15.41
CA ASN A 85 -3.71 -3.97 -15.95
C ASN A 85 -4.98 -3.67 -16.72
N GLU A 86 -5.00 -4.02 -18.01
CA GLU A 86 -6.15 -3.79 -18.85
C GLU A 86 -7.27 -4.79 -18.54
N GLY A 87 -8.51 -4.33 -18.63
CA GLY A 87 -9.64 -5.20 -18.35
C GLY A 87 -10.96 -4.60 -18.83
N LYS A 1 -17.12 -23.24 -2.90
CA LYS A 1 -16.14 -22.33 -3.48
C LYS A 1 -14.73 -22.91 -3.39
N GLU A 2 -14.28 -23.52 -4.49
CA GLU A 2 -12.95 -24.13 -4.52
C GLU A 2 -11.86 -23.07 -4.29
N ALA A 3 -12.12 -21.85 -4.75
CA ALA A 3 -11.17 -20.76 -4.59
C ALA A 3 -9.88 -21.03 -5.36
N MET A 4 -9.01 -21.85 -4.78
CA MET A 4 -7.74 -22.19 -5.41
C MET A 4 -6.90 -20.94 -5.66
N ARG A 5 -6.98 -19.98 -4.75
CA ARG A 5 -6.23 -18.73 -4.89
C ARG A 5 -4.86 -18.86 -4.22
N MET A 6 -3.83 -18.34 -4.89
CA MET A 6 -2.46 -18.40 -4.39
C MET A 6 -2.35 -17.73 -3.01
N LEU A 7 -3.14 -16.67 -2.82
CA LEU A 7 -3.14 -15.94 -1.56
C LEU A 7 -1.78 -15.29 -1.30
N MET A 8 -1.79 -14.14 -0.63
CA MET A 8 -0.56 -13.43 -0.31
C MET A 8 0.15 -12.98 -1.59
N ARG A 9 0.74 -11.79 -1.56
CA ARG A 9 1.44 -11.27 -2.73
C ARG A 9 2.87 -10.84 -2.38
N GLU A 10 3.77 -10.94 -3.35
CA GLU A 10 5.17 -10.58 -3.17
C GLU A 10 5.37 -9.08 -3.11
N GLU A 11 4.99 -8.40 -4.18
CA GLU A 11 5.15 -6.97 -4.30
C GLU A 11 4.47 -6.23 -3.15
N LEU A 12 3.32 -6.73 -2.71
CA LEU A 12 2.60 -6.11 -1.61
C LEU A 12 3.44 -6.14 -0.34
N GLU A 13 4.14 -7.25 -0.12
CA GLU A 13 5.00 -7.40 1.06
C GLU A 13 6.28 -6.59 0.97
N LYS A 14 6.79 -6.41 -0.24
CA LYS A 14 8.03 -5.66 -0.44
C LYS A 14 7.89 -4.20 0.00
N VAL A 15 6.73 -3.62 -0.22
CA VAL A 15 6.48 -2.24 0.15
C VAL A 15 6.18 -2.07 1.65
N LEU A 16 5.45 -3.02 2.23
CA LEU A 16 5.10 -2.96 3.65
C LEU A 16 6.33 -2.91 4.58
N LYS A 17 7.41 -3.59 4.21
CA LYS A 17 8.60 -3.62 5.06
C LYS A 17 9.19 -2.22 5.31
N THR A 18 8.99 -1.30 4.38
CA THR A 18 9.53 0.05 4.54
C THR A 18 8.56 0.97 5.28
N LEU A 19 7.26 0.79 5.02
CA LEU A 19 6.24 1.60 5.68
C LEU A 19 6.07 1.21 7.14
N SER A 20 5.86 2.21 7.99
CA SER A 20 5.66 1.97 9.41
C SER A 20 4.28 1.35 9.66
N PRO A 21 4.03 0.82 10.86
CA PRO A 21 2.74 0.21 11.19
C PRO A 21 1.57 1.14 10.93
N ARG A 22 1.70 2.39 11.35
CA ARG A 22 0.63 3.38 11.17
C ARG A 22 0.47 3.76 9.70
N GLU A 23 1.58 3.94 9.00
CA GLU A 23 1.55 4.32 7.58
C GLU A 23 1.01 3.17 6.75
N ALA A 24 1.48 1.96 7.02
CA ALA A 24 1.05 0.78 6.29
C ALA A 24 -0.41 0.46 6.56
N MET A 25 -0.85 0.68 7.80
CA MET A 25 -2.22 0.39 8.19
C MET A 25 -3.22 1.14 7.31
N VAL A 26 -2.94 2.43 7.06
CA VAL A 26 -3.83 3.22 6.22
C VAL A 26 -3.82 2.69 4.79
N LEU A 27 -2.66 2.23 4.35
CA LEU A 27 -2.55 1.68 3.01
C LEU A 27 -3.19 0.30 2.97
N ARG A 28 -3.15 -0.42 4.10
CA ARG A 28 -3.77 -1.74 4.18
C ARG A 28 -5.23 -1.61 3.76
N MET A 29 -5.84 -0.52 4.21
CA MET A 29 -7.23 -0.25 3.89
C MET A 29 -7.37 -0.02 2.38
N ARG A 30 -6.48 0.80 1.84
CA ARG A 30 -6.48 1.11 0.42
C ARG A 30 -6.15 -0.14 -0.41
N TYR A 31 -5.33 -1.02 0.14
CA TYR A 31 -4.93 -2.24 -0.54
C TYR A 31 -6.00 -3.34 -0.40
N GLY A 32 -6.86 -3.20 0.59
CA GLY A 32 -7.90 -4.21 0.82
C GLY A 32 -7.41 -5.34 1.70
N LEU A 33 -6.25 -5.16 2.32
CA LEU A 33 -5.65 -6.17 3.18
C LEU A 33 -6.35 -6.23 4.54
N LEU A 34 -6.87 -5.09 4.99
CA LEU A 34 -7.54 -5.02 6.28
C LEU A 34 -8.67 -6.04 6.41
N ASP A 35 -9.57 -6.09 5.44
CA ASP A 35 -10.69 -7.02 5.49
C ASP A 35 -10.80 -7.87 4.22
N GLY A 36 -9.94 -7.60 3.24
CA GLY A 36 -9.99 -8.36 1.99
C GLY A 36 -10.68 -7.61 0.87
N LYS A 37 -11.29 -6.48 1.21
CA LYS A 37 -12.01 -5.66 0.23
C LYS A 37 -11.40 -4.26 0.16
N PRO A 38 -10.68 -3.94 -0.93
CA PRO A 38 -10.06 -2.62 -1.09
C PRO A 38 -11.04 -1.48 -0.88
N LYS A 39 -10.59 -0.47 -0.15
CA LYS A 39 -11.41 0.69 0.15
C LYS A 39 -10.77 1.96 -0.41
N THR A 40 -11.61 2.93 -0.78
CA THR A 40 -11.09 4.18 -1.33
C THR A 40 -10.56 5.06 -0.21
N LEU A 41 -9.71 6.03 -0.57
CA LEU A 41 -9.13 6.93 0.43
C LEU A 41 -10.21 7.60 1.28
N GLU A 42 -11.33 7.93 0.65
CA GLU A 42 -12.44 8.58 1.34
C GLU A 42 -12.82 7.81 2.60
N GLU A 43 -12.91 6.48 2.48
CA GLU A 43 -13.26 5.63 3.61
C GLU A 43 -12.05 5.39 4.51
N VAL A 44 -10.87 5.31 3.90
CA VAL A 44 -9.65 5.06 4.66
C VAL A 44 -9.26 6.24 5.54
N GLY A 45 -9.09 7.41 4.94
CA GLY A 45 -8.72 8.58 5.70
C GLY A 45 -9.78 8.95 6.72
N GLN A 46 -11.02 8.98 6.29
CA GLN A 46 -12.14 9.32 7.16
C GLN A 46 -12.25 8.30 8.30
N TYR A 47 -11.84 7.07 8.03
CA TYR A 47 -11.89 6.02 9.04
C TYR A 47 -10.99 6.37 10.22
N PHE A 48 -9.85 6.98 9.92
CA PHE A 48 -8.91 7.38 10.95
C PHE A 48 -9.18 8.83 11.38
N ASN A 49 -8.49 9.77 10.73
CA ASN A 49 -8.67 11.19 11.04
C ASN A 49 -7.81 12.06 10.13
N VAL A 50 -7.57 11.58 8.91
CA VAL A 50 -6.73 12.32 7.97
C VAL A 50 -7.25 12.21 6.53
N THR A 51 -6.96 13.23 5.73
CA THR A 51 -7.37 13.26 4.33
C THR A 51 -6.33 12.59 3.43
N ARG A 52 -6.53 12.70 2.12
CA ARG A 52 -5.61 12.12 1.14
C ARG A 52 -4.17 12.55 1.41
N GLU A 53 -4.02 13.79 1.87
CA GLU A 53 -2.71 14.36 2.13
C GLU A 53 -1.83 13.46 2.99
N ARG A 54 -2.41 12.78 3.97
CA ARG A 54 -1.62 11.89 4.83
C ARG A 54 -1.05 10.72 4.05
N ILE A 55 -1.89 10.01 3.29
CA ILE A 55 -1.40 8.91 2.48
C ILE A 55 -0.50 9.48 1.39
N ARG A 56 -0.83 10.69 0.96
CA ARG A 56 -0.03 11.40 -0.04
C ARG A 56 1.39 11.52 0.48
N GLN A 57 1.50 11.82 1.77
CA GLN A 57 2.78 11.94 2.44
C GLN A 57 3.49 10.59 2.52
N ILE A 58 2.75 9.56 2.92
CA ILE A 58 3.31 8.21 3.04
C ILE A 58 3.86 7.74 1.70
N GLU A 59 3.08 7.89 0.64
CA GLU A 59 3.53 7.49 -0.69
C GLU A 59 4.83 8.18 -1.05
N VAL A 60 4.92 9.48 -0.72
CA VAL A 60 6.12 10.26 -0.99
C VAL A 60 7.27 9.80 -0.10
N LYS A 61 7.08 9.89 1.22
CA LYS A 61 8.11 9.48 2.17
C LYS A 61 8.52 8.03 1.96
N ALA A 62 7.56 7.18 1.61
CA ALA A 62 7.85 5.78 1.36
C ALA A 62 8.87 5.66 0.24
N LEU A 63 8.70 6.50 -0.78
CA LEU A 63 9.60 6.54 -1.91
C LEU A 63 11.00 6.97 -1.48
N ARG A 64 11.07 8.05 -0.72
CA ARG A 64 12.36 8.55 -0.23
C ARG A 64 12.95 7.56 0.77
N LYS A 65 12.09 6.97 1.58
CA LYS A 65 12.52 6.03 2.60
C LYS A 65 13.04 4.72 1.99
N LEU A 66 12.38 4.23 0.94
CA LEU A 66 12.80 2.98 0.30
C LEU A 66 14.02 3.19 -0.58
N ARG A 67 13.86 3.99 -1.65
CA ARG A 67 14.98 4.26 -2.56
C ARG A 67 14.84 5.61 -3.23
N HIS A 68 15.95 6.34 -3.29
CA HIS A 68 15.97 7.65 -3.93
C HIS A 68 15.73 7.48 -5.42
N PRO A 69 16.44 6.57 -6.10
CA PRO A 69 16.26 6.36 -7.53
C PRO A 69 14.79 6.15 -7.92
N SER A 70 14.54 5.94 -9.21
CA SER A 70 13.19 5.73 -9.71
C SER A 70 12.52 4.56 -8.99
N ARG A 71 11.20 4.47 -9.10
CA ARG A 71 10.46 3.39 -8.46
C ARG A 71 10.77 2.04 -9.09
N SER A 72 10.71 0.99 -8.29
CA SER A 72 10.99 -0.36 -8.77
C SER A 72 9.72 -1.22 -8.77
N LYS A 73 9.35 -1.71 -7.60
CA LYS A 73 8.16 -2.54 -7.46
C LYS A 73 6.92 -1.71 -7.12
N TYR A 74 7.14 -0.55 -6.50
CA TYR A 74 6.05 0.34 -6.13
C TYR A 74 5.20 0.70 -7.33
N LEU A 75 5.89 1.01 -8.43
CA LEU A 75 5.24 1.39 -9.67
C LEU A 75 4.37 0.26 -10.23
N LYS A 76 5.00 -0.87 -10.51
CA LYS A 76 4.30 -2.02 -11.06
C LYS A 76 3.26 -2.56 -10.08
N SER A 77 3.61 -2.60 -8.80
CA SER A 77 2.69 -3.09 -7.77
C SER A 77 1.44 -2.22 -7.72
N LEU A 78 1.63 -0.90 -7.75
CA LEU A 78 0.51 0.03 -7.71
C LEU A 78 -0.30 -0.08 -9.00
N LEU A 79 0.39 -0.29 -10.11
CA LEU A 79 -0.26 -0.42 -11.40
C LEU A 79 -1.12 -1.69 -11.45
N SER A 80 -0.61 -2.76 -10.87
CA SER A 80 -1.32 -4.04 -10.85
C SER A 80 -2.52 -4.00 -9.92
N LEU A 81 -2.49 -3.08 -8.95
CA LEU A 81 -3.58 -2.95 -7.99
C LEU A 81 -4.80 -2.24 -8.57
N MET A 82 -4.65 -0.99 -9.00
CA MET A 82 -5.79 -0.26 -9.54
C MET A 82 -5.39 0.96 -10.39
N ASP A 83 -4.11 1.30 -10.39
CA ASP A 83 -3.64 2.47 -11.14
C ASP A 83 -3.57 2.22 -12.65
N GLU A 84 -3.75 0.97 -13.05
CA GLU A 84 -3.71 0.62 -14.48
C GLU A 84 -5.03 0.96 -15.17
N ASN A 85 -4.94 1.50 -16.37
CA ASN A 85 -6.12 1.88 -17.15
C ASN A 85 -6.61 0.70 -18.00
N GLU A 86 -7.84 0.80 -18.48
CA GLU A 86 -8.43 -0.24 -19.31
C GLU A 86 -7.85 -0.21 -20.72
N GLY A 87 -7.68 -1.38 -21.31
CA GLY A 87 -7.13 -1.46 -22.66
C GLY A 87 -8.21 -1.52 -23.72
N LYS A 1 -12.80 -24.57 3.71
CA LYS A 1 -12.10 -25.26 2.64
C LYS A 1 -11.32 -24.25 1.78
N GLU A 2 -10.16 -23.84 2.27
CA GLU A 2 -9.33 -22.88 1.55
C GLU A 2 -7.87 -22.97 1.99
N ALA A 3 -7.26 -24.14 1.79
CA ALA A 3 -5.88 -24.36 2.18
C ALA A 3 -4.94 -23.43 1.41
N MET A 4 -5.27 -23.16 0.15
CA MET A 4 -4.46 -22.27 -0.68
C MET A 4 -5.31 -21.16 -1.28
N ARG A 5 -4.70 -19.98 -1.46
CA ARG A 5 -5.41 -18.84 -2.03
C ARG A 5 -4.76 -18.41 -3.34
N MET A 6 -4.00 -19.32 -3.95
CA MET A 6 -3.31 -19.04 -5.20
C MET A 6 -2.29 -17.93 -5.04
N LEU A 7 -2.77 -16.70 -5.00
CA LEU A 7 -1.90 -15.52 -4.83
C LEU A 7 -1.64 -15.24 -3.37
N MET A 8 -0.43 -14.80 -3.06
CA MET A 8 -0.05 -14.48 -1.69
C MET A 8 0.32 -13.00 -1.54
N ARG A 9 0.09 -12.23 -2.60
CA ARG A 9 0.40 -10.80 -2.58
C ARG A 9 1.87 -10.56 -2.18
N GLU A 10 2.72 -10.37 -3.18
CA GLU A 10 4.14 -10.13 -2.95
C GLU A 10 4.50 -8.66 -3.00
N GLU A 11 4.40 -8.09 -4.19
CA GLU A 11 4.76 -6.70 -4.42
C GLU A 11 4.07 -5.77 -3.43
N LEU A 12 2.75 -5.85 -3.35
CA LEU A 12 2.01 -5.02 -2.43
C LEU A 12 2.46 -5.24 -0.98
N GLU A 13 2.88 -6.48 -0.69
CA GLU A 13 3.37 -6.85 0.64
C GLU A 13 4.77 -6.30 0.92
N LYS A 14 5.60 -6.20 -0.12
CA LYS A 14 6.96 -5.72 0.05
C LYS A 14 7.00 -4.26 0.51
N VAL A 15 6.06 -3.46 0.02
CA VAL A 15 6.00 -2.05 0.39
C VAL A 15 5.41 -1.84 1.79
N LEU A 16 4.37 -2.59 2.13
CA LEU A 16 3.72 -2.45 3.43
C LEU A 16 4.69 -2.58 4.62
N LYS A 17 5.58 -3.58 4.58
CA LYS A 17 6.53 -3.78 5.68
C LYS A 17 7.51 -2.63 5.82
N THR A 18 7.63 -1.78 4.81
CA THR A 18 8.56 -0.66 4.86
C THR A 18 7.93 0.57 5.52
N LEU A 19 6.62 0.71 5.37
CA LEU A 19 5.90 1.85 5.96
C LEU A 19 5.82 1.72 7.47
N SER A 20 5.62 2.86 8.15
CA SER A 20 5.52 2.87 9.60
C SER A 20 4.22 2.18 10.02
N PRO A 21 4.09 1.83 11.31
CA PRO A 21 2.89 1.17 11.83
C PRO A 21 1.61 1.88 11.43
N ARG A 22 1.55 3.18 11.69
CA ARG A 22 0.38 3.98 11.34
C ARG A 22 0.29 4.24 9.84
N GLU A 23 1.44 4.36 9.18
CA GLU A 23 1.47 4.62 7.76
C GLU A 23 0.95 3.42 6.98
N ALA A 24 1.51 2.24 7.26
CA ALA A 24 1.09 1.02 6.60
C ALA A 24 -0.36 0.68 6.92
N MET A 25 -0.81 1.06 8.11
CA MET A 25 -2.18 0.78 8.53
C MET A 25 -3.19 1.47 7.61
N VAL A 26 -2.84 2.68 7.13
CA VAL A 26 -3.73 3.41 6.25
C VAL A 26 -3.63 2.86 4.84
N LEU A 27 -2.43 2.42 4.46
CA LEU A 27 -2.22 1.89 3.13
C LEU A 27 -2.83 0.49 3.04
N ARG A 28 -2.61 -0.33 4.08
CA ARG A 28 -3.15 -1.68 4.10
C ARG A 28 -4.67 -1.59 3.99
N MET A 29 -5.22 -0.58 4.67
CA MET A 29 -6.66 -0.33 4.63
C MET A 29 -7.07 0.02 3.22
N ARG A 30 -6.35 0.97 2.61
CA ARG A 30 -6.63 1.40 1.25
C ARG A 30 -6.43 0.26 0.26
N TYR A 31 -5.48 -0.63 0.56
CA TYR A 31 -5.19 -1.76 -0.31
C TYR A 31 -6.22 -2.88 -0.15
N GLY A 32 -6.91 -2.90 0.99
CA GLY A 32 -7.90 -3.94 1.24
C GLY A 32 -7.30 -5.14 1.96
N LEU A 33 -6.20 -4.91 2.65
CA LEU A 33 -5.51 -5.96 3.39
C LEU A 33 -6.22 -6.29 4.70
N LEU A 34 -6.87 -5.29 5.29
CA LEU A 34 -7.57 -5.46 6.55
C LEU A 34 -8.67 -6.52 6.46
N ASP A 35 -9.46 -6.49 5.39
CA ASP A 35 -10.55 -7.45 5.22
C ASP A 35 -10.48 -8.20 3.90
N GLY A 36 -9.60 -7.76 3.00
CA GLY A 36 -9.48 -8.42 1.71
C GLY A 36 -10.17 -7.65 0.59
N LYS A 37 -10.77 -6.53 0.95
CA LYS A 37 -11.48 -5.70 -0.03
C LYS A 37 -10.90 -4.28 -0.05
N PRO A 38 -10.16 -3.91 -1.12
CA PRO A 38 -9.56 -2.57 -1.23
C PRO A 38 -10.59 -1.47 -1.03
N LYS A 39 -10.20 -0.47 -0.24
CA LYS A 39 -11.06 0.67 0.05
C LYS A 39 -10.43 1.96 -0.44
N THR A 40 -11.25 2.93 -0.82
CA THR A 40 -10.74 4.21 -1.28
C THR A 40 -10.29 5.07 -0.12
N LEU A 41 -9.55 6.13 -0.40
CA LEU A 41 -9.07 7.02 0.65
C LEU A 41 -10.20 7.51 1.53
N GLU A 42 -11.33 7.83 0.91
CA GLU A 42 -12.49 8.32 1.65
C GLU A 42 -12.87 7.37 2.78
N GLU A 43 -12.74 6.07 2.53
CA GLU A 43 -13.06 5.05 3.53
C GLU A 43 -11.98 4.97 4.61
N VAL A 44 -10.72 4.94 4.18
CA VAL A 44 -9.60 4.84 5.10
C VAL A 44 -9.39 6.13 5.90
N GLY A 45 -9.26 7.25 5.18
CA GLY A 45 -9.06 8.53 5.85
C GLY A 45 -10.13 8.80 6.87
N GLN A 46 -11.39 8.75 6.43
CA GLN A 46 -12.52 8.99 7.32
C GLN A 46 -12.56 7.95 8.43
N TYR A 47 -12.06 6.75 8.14
CA TYR A 47 -12.05 5.67 9.11
C TYR A 47 -11.19 6.07 10.32
N PHE A 48 -10.08 6.75 10.04
CA PHE A 48 -9.19 7.20 11.09
C PHE A 48 -9.51 8.63 11.50
N ASN A 49 -8.85 9.59 10.87
CA ASN A 49 -9.09 11.01 11.18
C ASN A 49 -8.23 11.91 10.30
N VAL A 50 -7.93 11.46 9.09
CA VAL A 50 -7.08 12.22 8.18
C VAL A 50 -7.56 12.12 6.73
N THR A 51 -7.29 13.18 5.96
CA THR A 51 -7.66 13.22 4.55
C THR A 51 -6.56 12.62 3.67
N ARG A 52 -6.74 12.70 2.36
CA ARG A 52 -5.77 12.17 1.41
C ARG A 52 -4.37 12.70 1.69
N GLU A 53 -4.31 13.95 2.14
CA GLU A 53 -3.04 14.61 2.43
C GLU A 53 -2.12 13.75 3.30
N ARG A 54 -2.68 13.03 4.27
CA ARG A 54 -1.85 12.19 5.13
C ARG A 54 -1.22 11.04 4.36
N ILE A 55 -2.02 10.30 3.61
CA ILE A 55 -1.46 9.22 2.80
C ILE A 55 -0.58 9.83 1.71
N ARG A 56 -0.97 11.01 1.27
CA ARG A 56 -0.21 11.77 0.27
C ARG A 56 1.20 11.94 0.80
N GLN A 57 1.29 12.24 2.10
CA GLN A 57 2.56 12.41 2.77
C GLN A 57 3.33 11.09 2.86
N ILE A 58 2.62 10.02 3.24
CA ILE A 58 3.24 8.70 3.36
C ILE A 58 3.83 8.26 2.03
N GLU A 59 3.07 8.40 0.95
CA GLU A 59 3.56 8.02 -0.38
C GLU A 59 4.87 8.73 -0.68
N VAL A 60 4.96 9.99 -0.29
CA VAL A 60 6.17 10.78 -0.49
C VAL A 60 7.33 10.23 0.33
N LYS A 61 7.17 10.23 1.65
CA LYS A 61 8.19 9.71 2.56
C LYS A 61 8.52 8.26 2.23
N ALA A 62 7.52 7.49 1.83
CA ALA A 62 7.73 6.10 1.48
C ALA A 62 8.73 6.01 0.33
N LEU A 63 8.59 6.92 -0.61
CA LEU A 63 9.49 7.00 -1.75
C LEU A 63 10.92 7.28 -1.31
N ARG A 64 11.06 8.15 -0.31
CA ARG A 64 12.37 8.49 0.23
C ARG A 64 13.02 7.25 0.84
N LYS A 65 12.20 6.41 1.45
CA LYS A 65 12.67 5.19 2.09
C LYS A 65 13.11 4.13 1.07
N LEU A 66 12.46 4.12 -0.10
CA LEU A 66 12.79 3.15 -1.13
C LEU A 66 14.07 3.53 -1.89
N ARG A 67 14.01 4.65 -2.62
CA ARG A 67 15.17 5.11 -3.38
C ARG A 67 15.82 3.96 -4.16
N HIS A 68 15.13 3.48 -5.18
CA HIS A 68 15.64 2.40 -6.01
C HIS A 68 16.81 2.92 -6.85
N PRO A 69 17.80 2.09 -7.17
CA PRO A 69 18.94 2.52 -7.96
C PRO A 69 18.56 2.79 -9.43
N SER A 70 17.49 2.17 -9.89
CA SER A 70 17.01 2.35 -11.25
C SER A 70 15.71 1.58 -11.47
N ARG A 71 15.62 0.38 -10.90
CA ARG A 71 14.43 -0.44 -11.04
C ARG A 71 13.71 -0.63 -9.71
N SER A 72 12.38 -0.63 -9.74
CA SER A 72 11.58 -0.80 -8.54
C SER A 72 10.24 -1.45 -8.86
N LYS A 73 9.72 -2.23 -7.91
CA LYS A 73 8.45 -2.93 -8.09
C LYS A 73 7.27 -2.03 -7.68
N TYR A 74 7.57 -0.94 -6.99
CA TYR A 74 6.54 -0.01 -6.54
C TYR A 74 5.70 0.48 -7.72
N LEU A 75 6.39 0.79 -8.81
CA LEU A 75 5.75 1.28 -10.01
C LEU A 75 4.81 0.24 -10.62
N LYS A 76 5.35 -0.91 -10.97
CA LYS A 76 4.56 -1.98 -11.56
C LYS A 76 3.51 -2.51 -10.59
N SER A 77 3.87 -2.58 -9.31
CA SER A 77 2.95 -3.06 -8.29
C SER A 77 1.72 -2.17 -8.20
N LEU A 78 1.94 -0.85 -8.16
CA LEU A 78 0.85 0.09 -8.09
C LEU A 78 0.07 0.10 -9.40
N LEU A 79 0.78 -0.11 -10.49
CA LEU A 79 0.17 -0.14 -11.82
C LEU A 79 -0.76 -1.35 -11.95
N SER A 80 -0.22 -2.54 -11.69
CA SER A 80 -1.00 -3.77 -11.79
C SER A 80 -2.08 -3.85 -10.69
N LEU A 81 -1.92 -3.02 -9.67
CA LEU A 81 -2.87 -3.01 -8.55
C LEU A 81 -4.22 -2.36 -8.93
N MET A 82 -4.18 -1.15 -9.51
CA MET A 82 -5.43 -0.48 -9.86
C MET A 82 -5.22 0.76 -10.76
N ASP A 83 -4.16 0.75 -11.57
CA ASP A 83 -3.88 1.90 -12.43
C ASP A 83 -3.19 1.50 -13.75
N GLU A 84 -3.16 0.21 -14.04
CA GLU A 84 -2.55 -0.28 -15.27
C GLU A 84 -3.48 -0.08 -16.46
N ASN A 85 -4.78 -0.14 -16.21
CA ASN A 85 -5.78 0.03 -17.25
C ASN A 85 -6.20 1.50 -17.37
N GLU A 86 -6.35 1.97 -18.60
CA GLU A 86 -6.75 3.36 -18.85
C GLU A 86 -8.24 3.53 -18.61
N GLY A 87 -8.63 4.70 -18.10
CA GLY A 87 -10.02 4.96 -17.83
C GLY A 87 -10.29 6.44 -17.60
N LYS A 1 -8.71 -32.47 11.16
CA LYS A 1 -7.52 -32.08 10.43
C LYS A 1 -7.50 -30.58 10.16
N GLU A 2 -8.40 -30.13 9.28
CA GLU A 2 -8.48 -28.72 8.93
C GLU A 2 -7.20 -28.23 8.28
N ALA A 3 -7.34 -27.38 7.26
CA ALA A 3 -6.18 -26.83 6.55
C ALA A 3 -6.44 -25.39 6.12
N MET A 4 -5.35 -24.61 6.03
CA MET A 4 -5.45 -23.21 5.63
C MET A 4 -4.42 -22.88 4.55
N ARG A 5 -4.78 -21.96 3.65
CA ARG A 5 -3.88 -21.57 2.58
C ARG A 5 -3.71 -20.05 2.57
N MET A 6 -2.50 -19.60 2.23
CA MET A 6 -2.20 -18.16 2.19
C MET A 6 -1.44 -17.80 0.91
N LEU A 7 -1.49 -16.52 0.56
CA LEU A 7 -0.81 -16.02 -0.62
C LEU A 7 0.52 -15.37 -0.27
N MET A 8 1.53 -15.60 -1.12
CA MET A 8 2.86 -15.03 -0.89
C MET A 8 2.81 -13.51 -0.93
N ARG A 9 2.22 -12.95 -1.99
CA ARG A 9 2.14 -11.50 -2.13
C ARG A 9 3.50 -10.84 -1.92
N GLU A 10 4.19 -10.55 -3.02
CA GLU A 10 5.51 -9.92 -2.97
C GLU A 10 5.42 -8.41 -2.90
N GLU A 11 4.95 -7.81 -3.98
CA GLU A 11 4.83 -6.37 -4.08
C GLU A 11 3.93 -5.79 -2.99
N LEU A 12 2.86 -6.51 -2.66
CA LEU A 12 1.94 -6.05 -1.64
C LEU A 12 2.57 -6.16 -0.25
N GLU A 13 3.35 -7.23 -0.06
CA GLU A 13 4.01 -7.47 1.23
C GLU A 13 5.29 -6.63 1.40
N LYS A 14 6.07 -6.51 0.34
CA LYS A 14 7.32 -5.75 0.41
C LYS A 14 7.07 -4.26 0.59
N VAL A 15 5.92 -3.79 0.11
CA VAL A 15 5.58 -2.37 0.21
C VAL A 15 5.08 -1.99 1.60
N LEU A 16 4.14 -2.77 2.15
CA LEU A 16 3.58 -2.49 3.46
C LEU A 16 4.59 -2.62 4.61
N LYS A 17 5.44 -3.65 4.56
CA LYS A 17 6.43 -3.86 5.63
C LYS A 17 7.43 -2.71 5.74
N THR A 18 7.55 -1.89 4.70
CA THR A 18 8.49 -0.77 4.73
C THR A 18 7.86 0.47 5.36
N LEU A 19 6.54 0.60 5.26
CA LEU A 19 5.84 1.75 5.83
C LEU A 19 5.77 1.64 7.35
N SER A 20 5.54 2.78 8.01
CA SER A 20 5.42 2.81 9.46
C SER A 20 4.13 2.10 9.89
N PRO A 21 4.06 1.65 11.15
CA PRO A 21 2.88 0.95 11.67
C PRO A 21 1.59 1.69 11.36
N ARG A 22 1.62 3.01 11.44
CA ARG A 22 0.44 3.83 11.16
C ARG A 22 0.30 4.14 9.67
N GLU A 23 1.44 4.31 9.00
CA GLU A 23 1.43 4.61 7.57
C GLU A 23 0.93 3.42 6.77
N ALA A 24 1.53 2.26 7.01
CA ALA A 24 1.15 1.04 6.32
C ALA A 24 -0.28 0.63 6.65
N MET A 25 -0.72 0.95 7.86
CA MET A 25 -2.08 0.60 8.29
C MET A 25 -3.12 1.28 7.40
N VAL A 26 -2.93 2.56 7.10
CA VAL A 26 -3.87 3.27 6.25
C VAL A 26 -3.87 2.68 4.85
N LEU A 27 -2.70 2.24 4.40
CA LEU A 27 -2.59 1.64 3.09
C LEU A 27 -3.15 0.23 3.12
N ARG A 28 -3.06 -0.44 4.28
CA ARG A 28 -3.58 -1.80 4.42
C ARG A 28 -5.08 -1.76 4.20
N MET A 29 -5.72 -0.76 4.82
CA MET A 29 -7.15 -0.57 4.69
C MET A 29 -7.49 -0.22 3.25
N ARG A 30 -6.71 0.71 2.69
CA ARG A 30 -6.91 1.15 1.31
C ARG A 30 -6.75 -0.01 0.34
N TYR A 31 -5.85 -0.95 0.66
CA TYR A 31 -5.60 -2.10 -0.19
C TYR A 31 -6.62 -3.22 0.05
N GLY A 32 -7.34 -3.14 1.18
CA GLY A 32 -8.30 -4.17 1.51
C GLY A 32 -7.67 -5.36 2.21
N LEU A 33 -6.46 -5.16 2.71
CA LEU A 33 -5.72 -6.21 3.41
C LEU A 33 -6.25 -6.45 4.82
N LEU A 34 -6.80 -5.40 5.42
CA LEU A 34 -7.34 -5.48 6.78
C LEU A 34 -8.45 -6.53 6.91
N ASP A 35 -9.37 -6.54 5.94
CA ASP A 35 -10.48 -7.48 5.97
C ASP A 35 -10.60 -8.30 4.68
N GLY A 36 -9.79 -7.97 3.69
CA GLY A 36 -9.86 -8.70 2.43
C GLY A 36 -10.60 -7.94 1.35
N LYS A 37 -11.21 -6.83 1.72
CA LYS A 37 -11.97 -6.01 0.78
C LYS A 37 -11.34 -4.62 0.65
N PRO A 38 -10.90 -4.23 -0.58
CA PRO A 38 -10.29 -2.92 -0.80
C PRO A 38 -11.24 -1.77 -0.52
N LYS A 39 -10.76 -0.79 0.24
CA LYS A 39 -11.55 0.37 0.60
C LYS A 39 -10.90 1.63 0.07
N THR A 40 -11.70 2.67 -0.15
CA THR A 40 -11.18 3.93 -0.64
C THR A 40 -10.52 4.72 0.49
N LEU A 41 -9.56 5.58 0.15
CA LEU A 41 -8.87 6.36 1.16
C LEU A 41 -9.85 7.18 2.00
N GLU A 42 -10.93 7.63 1.37
CA GLU A 42 -11.93 8.43 2.06
C GLU A 42 -12.39 7.74 3.35
N GLU A 43 -12.54 6.42 3.29
CA GLU A 43 -12.96 5.64 4.45
C GLU A 43 -11.82 5.48 5.46
N VAL A 44 -10.61 5.23 4.94
CA VAL A 44 -9.45 5.03 5.80
C VAL A 44 -9.00 6.33 6.46
N GLY A 45 -8.83 7.38 5.66
CA GLY A 45 -8.41 8.66 6.21
C GLY A 45 -9.35 9.15 7.29
N GLN A 46 -10.64 9.22 6.95
CA GLN A 46 -11.65 9.65 7.90
C GLN A 46 -11.72 8.70 9.09
N TYR A 47 -11.37 7.44 8.86
CA TYR A 47 -11.39 6.45 9.92
C TYR A 47 -10.45 6.84 11.04
N PHE A 48 -9.32 7.43 10.68
CA PHE A 48 -8.34 7.88 11.66
C PHE A 48 -8.57 9.35 12.01
N ASN A 49 -7.92 10.25 11.26
CA ASN A 49 -8.07 11.69 11.50
C ASN A 49 -7.31 12.49 10.46
N VAL A 50 -7.17 11.93 9.25
CA VAL A 50 -6.43 12.61 8.20
C VAL A 50 -7.07 12.40 6.82
N THR A 51 -6.89 13.38 5.95
CA THR A 51 -7.43 13.32 4.58
C THR A 51 -6.44 12.65 3.64
N ARG A 52 -6.75 12.70 2.35
CA ARG A 52 -5.90 12.09 1.33
C ARG A 52 -4.45 12.59 1.44
N GLU A 53 -4.31 13.84 1.85
CA GLU A 53 -3.00 14.46 1.99
C GLU A 53 -2.02 13.62 2.79
N ARG A 54 -2.49 13.00 3.88
CA ARG A 54 -1.60 12.18 4.70
C ARG A 54 -1.11 10.96 3.94
N ILE A 55 -2.02 10.21 3.32
CA ILE A 55 -1.61 9.05 2.53
C ILE A 55 -0.78 9.54 1.34
N ARG A 56 -1.13 10.72 0.85
CA ARG A 56 -0.40 11.35 -0.24
C ARG A 56 1.05 11.51 0.18
N GLN A 57 1.23 11.89 1.44
CA GLN A 57 2.56 12.06 2.02
C GLN A 57 3.26 10.71 2.19
N ILE A 58 2.53 9.73 2.72
CA ILE A 58 3.08 8.39 2.94
C ILE A 58 3.62 7.81 1.63
N GLU A 59 2.85 7.91 0.56
CA GLU A 59 3.28 7.40 -0.74
C GLU A 59 4.64 7.99 -1.11
N VAL A 60 4.75 9.31 -1.01
CA VAL A 60 6.00 10.00 -1.32
C VAL A 60 7.08 9.66 -0.29
N LYS A 61 6.76 9.85 0.98
CA LYS A 61 7.71 9.57 2.05
C LYS A 61 8.21 8.12 1.98
N ALA A 62 7.30 7.19 1.71
CA ALA A 62 7.67 5.79 1.62
C ALA A 62 8.78 5.64 0.58
N LEU A 63 8.65 6.37 -0.52
CA LEU A 63 9.64 6.35 -1.58
C LEU A 63 10.98 6.86 -1.09
N ARG A 64 10.94 7.95 -0.33
CA ARG A 64 12.15 8.54 0.22
C ARG A 64 12.79 7.61 1.24
N LYS A 65 11.94 6.97 2.04
CA LYS A 65 12.39 6.06 3.08
C LYS A 65 13.02 4.78 2.50
N LEU A 66 12.49 4.31 1.38
CA LEU A 66 13.01 3.09 0.75
C LEU A 66 14.31 3.36 0.00
N ARG A 67 14.24 4.16 -1.06
CA ARG A 67 15.42 4.47 -1.86
C ARG A 67 15.28 5.79 -2.59
N HIS A 68 16.35 6.21 -3.27
CA HIS A 68 16.35 7.44 -4.04
C HIS A 68 15.30 7.32 -5.16
N PRO A 69 14.98 8.42 -5.86
CA PRO A 69 13.99 8.38 -6.94
C PRO A 69 14.39 7.44 -8.07
N SER A 70 13.99 6.17 -7.94
CA SER A 70 14.30 5.16 -8.95
C SER A 70 13.15 4.17 -9.09
N ARG A 71 13.18 3.37 -10.15
CA ARG A 71 12.13 2.38 -10.39
C ARG A 71 12.18 1.26 -9.36
N SER A 72 11.00 0.79 -8.95
CA SER A 72 10.91 -0.29 -7.95
C SER A 72 9.61 -1.07 -8.12
N LYS A 73 9.47 -2.15 -7.37
CA LYS A 73 8.27 -2.98 -7.42
C LYS A 73 7.00 -2.17 -7.18
N TYR A 74 7.14 -1.06 -6.46
CA TYR A 74 6.00 -0.19 -6.16
C TYR A 74 5.34 0.30 -7.43
N LEU A 75 6.17 0.71 -8.38
CA LEU A 75 5.72 1.22 -9.67
C LEU A 75 4.94 0.17 -10.46
N LYS A 76 5.57 -0.99 -10.65
CA LYS A 76 4.95 -2.07 -11.40
C LYS A 76 3.69 -2.59 -10.70
N SER A 77 3.74 -2.66 -9.37
CA SER A 77 2.59 -3.13 -8.60
C SER A 77 1.39 -2.24 -8.82
N LEU A 78 1.57 -0.94 -8.61
CA LEU A 78 0.49 0.02 -8.80
C LEU A 78 0.10 0.08 -10.27
N LEU A 79 1.09 -0.05 -11.13
CA LEU A 79 0.87 -0.01 -12.58
C LEU A 79 0.09 -1.25 -13.02
N SER A 80 0.39 -2.39 -12.41
CA SER A 80 -0.29 -3.64 -12.75
C SER A 80 -1.71 -3.66 -12.21
N LEU A 81 -2.05 -2.72 -11.34
CA LEU A 81 -3.37 -2.65 -10.75
C LEU A 81 -4.46 -2.30 -11.78
N MET A 82 -4.13 -1.42 -12.74
CA MET A 82 -5.14 -1.02 -13.73
C MET A 82 -4.52 -0.51 -15.03
N ASP A 83 -4.11 0.77 -15.05
CA ASP A 83 -3.54 1.36 -16.27
C ASP A 83 -2.75 2.64 -15.98
N GLU A 84 -1.85 2.59 -15.01
CA GLU A 84 -1.04 3.75 -14.66
C GLU A 84 0.13 3.91 -15.62
N ASN A 85 0.11 5.00 -16.39
CA ASN A 85 1.16 5.28 -17.36
C ASN A 85 2.28 6.10 -16.73
N GLU A 86 2.11 6.47 -15.46
CA GLU A 86 3.10 7.24 -14.74
C GLU A 86 2.88 7.17 -13.23
N GLY A 87 3.90 6.76 -12.51
CA GLY A 87 3.80 6.65 -11.07
C GLY A 87 5.10 6.96 -10.36
N LYS A 1 1.51 -30.32 16.07
CA LYS A 1 2.75 -30.56 15.34
C LYS A 1 2.51 -30.53 13.83
N GLU A 2 1.60 -29.65 13.40
CA GLU A 2 1.27 -29.53 11.99
C GLU A 2 1.79 -28.20 11.41
N ALA A 3 2.16 -28.23 10.14
CA ALA A 3 2.67 -27.03 9.46
C ALA A 3 1.66 -26.49 8.46
N MET A 4 1.65 -25.16 8.30
CA MET A 4 0.73 -24.51 7.37
C MET A 4 1.48 -23.57 6.44
N ARG A 5 1.11 -23.59 5.16
CA ARG A 5 1.75 -22.73 4.17
C ARG A 5 0.71 -22.11 3.25
N MET A 6 0.62 -20.78 3.28
CA MET A 6 -0.34 -20.05 2.46
C MET A 6 -0.33 -18.55 2.79
N LEU A 7 -1.05 -17.78 1.98
CA LEU A 7 -1.15 -16.34 2.18
C LEU A 7 0.24 -15.68 2.08
N MET A 8 0.28 -14.38 2.33
CA MET A 8 1.54 -13.63 2.28
C MET A 8 2.05 -13.55 0.85
N ARG A 9 2.32 -12.32 0.39
CA ARG A 9 2.81 -12.12 -0.97
C ARG A 9 4.10 -11.28 -0.99
N GLU A 10 4.90 -11.45 -2.03
CA GLU A 10 6.16 -10.73 -2.18
C GLU A 10 5.95 -9.22 -2.26
N GLU A 11 5.17 -8.81 -3.26
CA GLU A 11 4.91 -7.41 -3.49
C GLU A 11 4.23 -6.75 -2.30
N LEU A 12 3.38 -7.49 -1.61
CA LEU A 12 2.68 -6.96 -0.45
C LEU A 12 3.67 -6.64 0.67
N GLU A 13 4.58 -7.58 0.95
CA GLU A 13 5.58 -7.41 2.00
C GLU A 13 6.67 -6.43 1.61
N LYS A 14 6.88 -6.24 0.31
CA LYS A 14 7.92 -5.31 -0.17
C LYS A 14 7.62 -3.87 0.24
N VAL A 15 6.36 -3.48 0.17
CA VAL A 15 5.96 -2.12 0.51
C VAL A 15 5.64 -1.96 2.00
N LEU A 16 4.82 -2.87 2.54
CA LEU A 16 4.42 -2.79 3.95
C LEU A 16 5.61 -2.81 4.93
N LYS A 17 6.62 -3.63 4.65
CA LYS A 17 7.78 -3.72 5.54
C LYS A 17 8.53 -2.39 5.68
N THR A 18 8.49 -1.56 4.65
CA THR A 18 9.20 -0.28 4.69
C THR A 18 8.33 0.82 5.29
N LEU A 19 7.02 0.74 5.06
CA LEU A 19 6.09 1.73 5.58
C LEU A 19 5.92 1.59 7.10
N SER A 20 5.65 2.71 7.77
CA SER A 20 5.45 2.71 9.21
C SER A 20 4.11 2.05 9.55
N PRO A 21 3.90 1.67 10.81
CA PRO A 21 2.65 1.03 11.24
C PRO A 21 1.41 1.80 10.79
N ARG A 22 1.30 3.06 11.22
CA ARG A 22 0.17 3.90 10.86
C ARG A 22 0.06 4.09 9.35
N GLU A 23 1.21 4.31 8.70
CA GLU A 23 1.23 4.51 7.25
C GLU A 23 0.75 3.27 6.53
N ALA A 24 1.35 2.13 6.85
CA ALA A 24 0.98 0.86 6.24
C ALA A 24 -0.45 0.47 6.61
N MET A 25 -0.91 0.94 7.75
CA MET A 25 -2.27 0.61 8.21
C MET A 25 -3.31 1.09 7.21
N VAL A 26 -3.06 2.22 6.56
CA VAL A 26 -3.99 2.75 5.57
C VAL A 26 -3.79 2.06 4.23
N LEU A 27 -2.54 1.75 3.91
CA LEU A 27 -2.23 1.09 2.66
C LEU A 27 -2.79 -0.34 2.68
N ARG A 28 -2.69 -1.01 3.84
CA ARG A 28 -3.22 -2.36 3.97
C ARG A 28 -4.73 -2.30 3.78
N MET A 29 -5.32 -1.25 4.32
CA MET A 29 -6.75 -1.02 4.19
C MET A 29 -7.08 -0.70 2.73
N ARG A 30 -6.26 0.15 2.14
CA ARG A 30 -6.43 0.55 0.74
C ARG A 30 -6.41 -0.67 -0.18
N TYR A 31 -5.63 -1.68 0.19
CA TYR A 31 -5.51 -2.89 -0.62
C TYR A 31 -6.68 -3.85 -0.36
N GLY A 32 -7.40 -3.64 0.75
CA GLY A 32 -8.51 -4.52 1.08
C GLY A 32 -8.06 -5.78 1.77
N LEU A 33 -6.87 -5.73 2.37
CA LEU A 33 -6.30 -6.89 3.05
C LEU A 33 -6.95 -7.11 4.42
N LEU A 34 -7.40 -6.02 5.05
CA LEU A 34 -8.03 -6.10 6.36
C LEU A 34 -9.23 -7.03 6.38
N ASP A 35 -10.12 -6.90 5.38
CA ASP A 35 -11.31 -7.74 5.32
C ASP A 35 -11.45 -8.46 3.98
N GLY A 36 -10.60 -8.13 3.02
CA GLY A 36 -10.68 -8.77 1.72
C GLY A 36 -11.36 -7.91 0.67
N LYS A 37 -11.85 -6.74 1.10
CA LYS A 37 -12.53 -5.82 0.19
C LYS A 37 -11.80 -4.47 0.14
N PRO A 38 -11.12 -4.18 -0.98
CA PRO A 38 -10.37 -2.92 -1.14
C PRO A 38 -11.23 -1.70 -0.84
N LYS A 39 -10.69 -0.81 -0.03
CA LYS A 39 -11.38 0.42 0.35
C LYS A 39 -10.61 1.64 -0.11
N THR A 40 -11.32 2.72 -0.39
CA THR A 40 -10.66 3.95 -0.83
C THR A 40 -10.03 4.68 0.36
N LEU A 41 -9.04 5.52 0.08
CA LEU A 41 -8.36 6.25 1.14
C LEU A 41 -9.35 7.08 1.96
N GLU A 42 -10.38 7.59 1.29
CA GLU A 42 -11.39 8.41 1.96
C GLU A 42 -11.94 7.71 3.20
N GLU A 43 -12.08 6.39 3.12
CA GLU A 43 -12.59 5.59 4.24
C GLU A 43 -11.54 5.47 5.34
N VAL A 44 -10.30 5.20 4.95
CA VAL A 44 -9.21 5.04 5.92
C VAL A 44 -8.80 6.37 6.55
N GLY A 45 -8.52 7.37 5.72
CA GLY A 45 -8.12 8.67 6.25
C GLY A 45 -9.18 9.23 7.17
N GLN A 46 -10.42 9.27 6.70
CA GLN A 46 -11.52 9.78 7.50
C GLN A 46 -11.72 8.94 8.75
N TYR A 47 -11.36 7.67 8.67
CA TYR A 47 -11.49 6.76 9.80
C TYR A 47 -10.57 7.20 10.94
N PHE A 48 -9.40 7.71 10.58
CA PHE A 48 -8.44 8.17 11.56
C PHE A 48 -8.62 9.66 11.83
N ASN A 49 -7.92 10.50 11.07
CA ASN A 49 -8.03 11.94 11.23
C ASN A 49 -7.22 12.68 10.16
N VAL A 50 -7.08 12.06 8.99
CA VAL A 50 -6.30 12.66 7.91
C VAL A 50 -6.94 12.41 6.54
N THR A 51 -6.74 13.36 5.63
CA THR A 51 -7.27 13.25 4.28
C THR A 51 -6.31 12.48 3.37
N ARG A 52 -6.68 12.37 2.09
CA ARG A 52 -5.85 11.66 1.12
C ARG A 52 -4.42 12.19 1.12
N GLU A 53 -4.27 13.47 1.43
CA GLU A 53 -2.97 14.11 1.44
C GLU A 53 -1.95 13.38 2.32
N ARG A 54 -2.40 12.82 3.44
CA ARG A 54 -1.48 12.11 4.33
C ARG A 54 -0.92 10.86 3.66
N ILE A 55 -1.79 10.01 3.12
CA ILE A 55 -1.32 8.82 2.42
C ILE A 55 -0.55 9.26 1.18
N ARG A 56 -0.97 10.39 0.63
CA ARG A 56 -0.30 10.99 -0.52
C ARG A 56 1.16 11.22 -0.15
N GLN A 57 1.37 11.68 1.08
CA GLN A 57 2.71 11.90 1.60
C GLN A 57 3.43 10.57 1.83
N ILE A 58 2.70 9.59 2.35
CA ILE A 58 3.28 8.27 2.61
C ILE A 58 3.88 7.68 1.33
N GLU A 59 3.14 7.75 0.23
CA GLU A 59 3.65 7.24 -1.05
C GLU A 59 5.00 7.86 -1.37
N VAL A 60 5.07 9.19 -1.27
CA VAL A 60 6.32 9.91 -1.53
C VAL A 60 7.37 9.58 -0.48
N LYS A 61 7.02 9.76 0.80
CA LYS A 61 7.94 9.48 1.89
C LYS A 61 8.45 8.04 1.83
N ALA A 62 7.56 7.11 1.51
CA ALA A 62 7.94 5.71 1.42
C ALA A 62 9.08 5.57 0.42
N LEU A 63 8.94 6.27 -0.71
CA LEU A 63 9.96 6.28 -1.75
C LEU A 63 11.25 6.92 -1.23
N ARG A 64 11.10 8.01 -0.49
CA ARG A 64 12.25 8.71 0.08
C ARG A 64 12.96 7.82 1.09
N LYS A 65 12.17 7.02 1.81
CA LYS A 65 12.71 6.13 2.83
C LYS A 65 13.65 5.07 2.24
N LEU A 66 13.36 4.61 1.02
CA LEU A 66 14.18 3.61 0.37
C LEU A 66 15.49 4.20 -0.15
N ARG A 67 15.40 5.28 -0.91
CA ARG A 67 16.59 5.92 -1.46
C ARG A 67 16.32 7.36 -1.85
N HIS A 68 15.56 7.55 -2.93
CA HIS A 68 15.20 8.88 -3.40
C HIS A 68 14.30 8.75 -4.63
N PRO A 69 14.80 8.21 -5.75
CA PRO A 69 13.99 8.04 -6.96
C PRO A 69 12.99 6.90 -6.84
N SER A 70 11.85 7.05 -7.50
CA SER A 70 10.80 6.03 -7.48
C SER A 70 11.25 4.79 -8.24
N ARG A 71 11.48 3.69 -7.51
CA ARG A 71 11.91 2.44 -8.13
C ARG A 71 11.56 1.24 -7.25
N SER A 72 10.50 1.38 -6.46
CA SER A 72 10.05 0.33 -5.56
C SER A 72 8.90 -0.45 -6.18
N LYS A 73 8.51 -1.54 -5.52
CA LYS A 73 7.41 -2.39 -6.00
C LYS A 73 6.11 -1.59 -6.16
N TYR A 74 6.04 -0.45 -5.48
CA TYR A 74 4.85 0.40 -5.53
C TYR A 74 4.37 0.56 -6.97
N LEU A 75 5.32 0.82 -7.85
CA LEU A 75 5.04 1.03 -9.26
C LEU A 75 4.35 -0.18 -9.88
N LYS A 76 5.00 -1.33 -9.80
CA LYS A 76 4.46 -2.57 -10.37
C LYS A 76 3.12 -2.93 -9.73
N SER A 77 3.06 -2.86 -8.40
CA SER A 77 1.84 -3.21 -7.68
C SER A 77 0.73 -2.20 -8.00
N LEU A 78 1.08 -0.92 -7.96
CA LEU A 78 0.10 0.13 -8.24
C LEU A 78 -0.31 0.08 -9.71
N LEU A 79 0.63 -0.31 -10.56
CA LEU A 79 0.37 -0.42 -11.99
C LEU A 79 -0.66 -1.51 -12.26
N SER A 80 -0.53 -2.64 -11.58
CA SER A 80 -1.45 -3.75 -11.76
C SER A 80 -2.78 -3.52 -11.02
N LEU A 81 -2.78 -2.55 -10.11
CA LEU A 81 -3.97 -2.25 -9.33
C LEU A 81 -5.01 -1.47 -10.13
N MET A 82 -4.67 -0.26 -10.61
CA MET A 82 -5.63 0.54 -11.36
C MET A 82 -4.98 1.52 -12.34
N ASP A 83 -3.67 1.72 -12.21
CA ASP A 83 -2.97 2.66 -13.10
C ASP A 83 -2.76 2.12 -14.51
N GLU A 84 -3.07 0.85 -14.71
CA GLU A 84 -2.92 0.23 -16.03
C GLU A 84 -3.78 -1.02 -16.16
N ASN A 85 -4.90 -0.89 -16.84
CA ASN A 85 -5.81 -2.01 -17.04
C ASN A 85 -6.55 -1.89 -18.38
N GLU A 86 -5.94 -1.20 -19.33
CA GLU A 86 -6.53 -1.02 -20.65
C GLU A 86 -6.49 -2.32 -21.45
N GLY A 87 -5.46 -3.12 -21.20
CA GLY A 87 -5.33 -4.38 -21.90
C GLY A 87 -6.23 -5.46 -21.34
N LYS A 1 -2.75 -30.78 7.89
CA LYS A 1 -1.31 -30.72 7.66
C LYS A 1 -0.98 -29.73 6.55
N GLU A 2 -0.26 -28.67 6.90
CA GLU A 2 0.12 -27.65 5.93
C GLU A 2 1.61 -27.67 5.66
N ALA A 3 2.01 -27.28 4.45
CA ALA A 3 3.42 -27.26 4.06
C ALA A 3 3.69 -26.15 3.06
N MET A 4 4.95 -25.73 2.99
CA MET A 4 5.36 -24.67 2.07
C MET A 4 5.73 -25.24 0.70
N ARG A 5 5.21 -24.64 -0.36
CA ARG A 5 5.50 -25.09 -1.71
C ARG A 5 5.86 -23.91 -2.61
N MET A 6 5.04 -22.86 -2.55
CA MET A 6 5.25 -21.67 -3.36
C MET A 6 4.91 -20.40 -2.59
N LEU A 7 5.56 -19.30 -2.96
CA LEU A 7 5.31 -18.02 -2.31
C LEU A 7 4.60 -17.06 -3.25
N MET A 8 3.65 -16.31 -2.70
CA MET A 8 2.88 -15.34 -3.50
C MET A 8 2.75 -14.01 -2.77
N ARG A 9 2.19 -13.01 -3.44
CA ARG A 9 2.02 -11.69 -2.83
C ARG A 9 3.37 -11.08 -2.45
N GLU A 10 4.05 -10.51 -3.44
CA GLU A 10 5.36 -9.88 -3.23
C GLU A 10 5.26 -8.37 -3.05
N GLU A 11 4.81 -7.72 -4.11
CA GLU A 11 4.69 -6.27 -4.11
C GLU A 11 3.91 -5.75 -2.90
N LEU A 12 2.87 -6.48 -2.51
CA LEU A 12 2.08 -6.08 -1.36
C LEU A 12 2.93 -6.10 -0.09
N GLU A 13 3.75 -7.14 0.05
CA GLU A 13 4.62 -7.28 1.22
C GLU A 13 5.87 -6.38 1.13
N LYS A 14 6.39 -6.20 -0.08
CA LYS A 14 7.58 -5.37 -0.26
C LYS A 14 7.32 -3.92 0.11
N VAL A 15 6.13 -3.43 -0.18
CA VAL A 15 5.78 -2.05 0.13
C VAL A 15 5.37 -1.84 1.59
N LEU A 16 4.49 -2.70 2.09
CA LEU A 16 4.01 -2.58 3.47
C LEU A 16 5.13 -2.76 4.52
N LYS A 17 6.04 -3.71 4.30
CA LYS A 17 7.11 -3.96 5.26
C LYS A 17 8.01 -2.73 5.46
N THR A 18 8.07 -1.85 4.47
CA THR A 18 8.90 -0.65 4.59
C THR A 18 8.18 0.49 5.28
N LEU A 19 6.87 0.56 5.11
CA LEU A 19 6.07 1.62 5.73
C LEU A 19 5.92 1.39 7.23
N SER A 20 5.81 2.48 7.98
CA SER A 20 5.63 2.39 9.43
C SER A 20 4.25 1.84 9.75
N PRO A 21 4.02 1.39 11.00
CA PRO A 21 2.74 0.84 11.41
C PRO A 21 1.56 1.70 10.99
N ARG A 22 1.53 2.94 11.46
CA ARG A 22 0.44 3.86 11.13
C ARG A 22 0.37 4.12 9.61
N GLU A 23 1.53 4.23 8.98
CA GLU A 23 1.58 4.48 7.54
C GLU A 23 1.05 3.28 6.76
N ALA A 24 1.60 2.11 7.05
CA ALA A 24 1.18 0.89 6.38
C ALA A 24 -0.26 0.53 6.71
N MET A 25 -0.69 0.86 7.93
CA MET A 25 -2.05 0.56 8.36
C MET A 25 -3.08 1.20 7.43
N VAL A 26 -2.87 2.47 7.07
CA VAL A 26 -3.80 3.15 6.18
C VAL A 26 -3.81 2.48 4.82
N LEU A 27 -2.66 1.97 4.40
CA LEU A 27 -2.56 1.29 3.13
C LEU A 27 -3.16 -0.11 3.25
N ARG A 28 -3.10 -0.69 4.47
CA ARG A 28 -3.66 -2.01 4.70
C ARG A 28 -5.15 -1.95 4.40
N MET A 29 -5.80 -0.94 4.95
CA MET A 29 -7.22 -0.73 4.74
C MET A 29 -7.47 -0.44 3.27
N ARG A 30 -6.63 0.41 2.69
CA ARG A 30 -6.74 0.78 1.28
C ARG A 30 -6.60 -0.45 0.38
N TYR A 31 -5.77 -1.40 0.81
CA TYR A 31 -5.54 -2.63 0.04
C TYR A 31 -6.63 -3.67 0.30
N GLY A 32 -7.38 -3.50 1.39
CA GLY A 32 -8.42 -4.45 1.72
C GLY A 32 -7.88 -5.65 2.49
N LEU A 33 -6.68 -5.49 3.06
CA LEU A 33 -6.03 -6.55 3.83
C LEU A 33 -6.63 -6.70 5.22
N LEU A 34 -7.13 -5.61 5.77
CA LEU A 34 -7.72 -5.61 7.11
C LEU A 34 -8.91 -6.58 7.20
N ASP A 35 -9.78 -6.57 6.20
CA ASP A 35 -10.96 -7.43 6.21
C ASP A 35 -11.07 -8.30 4.96
N GLY A 36 -10.21 -8.05 3.97
CA GLY A 36 -10.25 -8.83 2.75
C GLY A 36 -10.95 -8.10 1.61
N LYS A 37 -11.42 -6.89 1.89
CA LYS A 37 -12.13 -6.09 0.89
C LYS A 37 -11.41 -4.76 0.66
N PRO A 38 -10.82 -4.55 -0.54
CA PRO A 38 -10.10 -3.31 -0.85
C PRO A 38 -11.02 -2.09 -0.84
N LYS A 39 -10.61 -1.09 -0.07
CA LYS A 39 -11.39 0.15 0.05
C LYS A 39 -10.56 1.33 -0.43
N THR A 40 -11.24 2.41 -0.83
CA THR A 40 -10.54 3.59 -1.29
C THR A 40 -9.98 4.39 -0.12
N LEU A 41 -8.98 5.22 -0.39
CA LEU A 41 -8.37 6.01 0.67
C LEU A 41 -9.40 6.84 1.41
N GLU A 42 -10.44 7.28 0.71
CA GLU A 42 -11.48 8.09 1.32
C GLU A 42 -12.05 7.42 2.58
N GLU A 43 -12.21 6.10 2.52
CA GLU A 43 -12.73 5.34 3.65
C GLU A 43 -11.70 5.24 4.76
N VAL A 44 -10.44 5.01 4.38
CA VAL A 44 -9.37 4.87 5.36
C VAL A 44 -9.01 6.21 6.01
N GLY A 45 -8.73 7.22 5.20
CA GLY A 45 -8.39 8.52 5.73
C GLY A 45 -9.45 9.05 6.67
N GLN A 46 -10.69 9.04 6.19
CA GLN A 46 -11.81 9.50 6.99
C GLN A 46 -11.99 8.62 8.23
N TYR A 47 -11.59 7.36 8.11
CA TYR A 47 -11.70 6.43 9.23
C TYR A 47 -10.80 6.87 10.38
N PHE A 48 -9.64 7.42 10.05
CA PHE A 48 -8.71 7.91 11.05
C PHE A 48 -8.97 9.38 11.35
N ASN A 49 -8.27 10.26 10.64
CA ASN A 49 -8.44 11.70 10.83
C ASN A 49 -7.58 12.49 9.86
N VAL A 50 -7.36 11.93 8.67
CA VAL A 50 -6.53 12.59 7.67
C VAL A 50 -7.08 12.45 6.26
N THR A 51 -6.79 13.43 5.41
CA THR A 51 -7.24 13.42 4.03
C THR A 51 -6.25 12.67 3.14
N ARG A 52 -6.49 12.72 1.83
CA ARG A 52 -5.62 12.05 0.86
C ARG A 52 -4.17 12.46 1.04
N GLU A 53 -3.97 13.72 1.42
CA GLU A 53 -2.63 14.27 1.59
C GLU A 53 -1.75 13.41 2.51
N ARG A 54 -2.34 12.81 3.55
CA ARG A 54 -1.55 11.98 4.45
C ARG A 54 -1.01 10.74 3.74
N ILE A 55 -1.88 9.99 3.07
CA ILE A 55 -1.41 8.82 2.33
C ILE A 55 -0.53 9.30 1.17
N ARG A 56 -0.86 10.48 0.66
CA ARG A 56 -0.10 11.10 -0.40
C ARG A 56 1.35 11.24 0.07
N GLN A 57 1.49 11.64 1.33
CA GLN A 57 2.80 11.78 1.96
C GLN A 57 3.47 10.42 2.13
N ILE A 58 2.72 9.44 2.63
CA ILE A 58 3.24 8.09 2.84
C ILE A 58 3.80 7.51 1.55
N GLU A 59 3.05 7.67 0.44
CA GLU A 59 3.51 7.17 -0.85
C GLU A 59 4.88 7.75 -1.19
N VAL A 60 5.01 9.06 -1.03
CA VAL A 60 6.26 9.75 -1.30
C VAL A 60 7.34 9.34 -0.30
N LYS A 61 7.04 9.48 0.98
CA LYS A 61 7.99 9.11 2.03
C LYS A 61 8.42 7.66 1.90
N ALA A 62 7.47 6.79 1.56
CA ALA A 62 7.78 5.38 1.39
C ALA A 62 8.87 5.22 0.33
N LEU A 63 8.70 5.96 -0.76
CA LEU A 63 9.67 5.94 -1.85
C LEU A 63 11.00 6.56 -1.41
N ARG A 64 10.91 7.66 -0.68
CA ARG A 64 12.10 8.35 -0.19
C ARG A 64 12.84 7.47 0.82
N LYS A 65 12.08 6.87 1.72
CA LYS A 65 12.63 6.01 2.76
C LYS A 65 13.25 4.74 2.18
N LEU A 66 12.67 4.22 1.10
CA LEU A 66 13.18 3.00 0.48
C LEU A 66 14.45 3.27 -0.33
N ARG A 67 14.37 4.17 -1.30
CA ARG A 67 15.52 4.49 -2.13
C ARG A 67 15.39 5.87 -2.76
N HIS A 68 16.45 6.31 -3.45
CA HIS A 68 16.46 7.59 -4.13
C HIS A 68 15.38 7.59 -5.22
N PRO A 69 14.70 8.71 -5.46
CA PRO A 69 13.66 8.77 -6.49
C PRO A 69 14.13 8.21 -7.83
N SER A 70 13.38 7.24 -8.35
CA SER A 70 13.70 6.62 -9.64
C SER A 70 12.69 5.54 -9.99
N ARG A 71 12.88 4.35 -9.43
CA ARG A 71 11.97 3.23 -9.69
C ARG A 71 11.89 2.31 -8.48
N SER A 72 10.66 1.85 -8.18
CA SER A 72 10.44 0.95 -7.05
C SER A 72 9.20 0.08 -7.28
N LYS A 73 9.07 -0.97 -6.48
CA LYS A 73 7.93 -1.88 -6.59
C LYS A 73 6.60 -1.13 -6.44
N TYR A 74 6.62 -0.06 -5.65
CA TYR A 74 5.42 0.74 -5.42
C TYR A 74 4.82 1.24 -6.73
N LEU A 75 5.71 1.71 -7.60
CA LEU A 75 5.33 2.24 -8.90
C LEU A 75 4.66 1.18 -9.76
N LYS A 76 5.33 0.05 -9.92
CA LYS A 76 4.80 -1.05 -10.73
C LYS A 76 3.57 -1.68 -10.09
N SER A 77 3.62 -1.87 -8.77
CA SER A 77 2.50 -2.46 -8.05
C SER A 77 1.27 -1.56 -8.10
N LEU A 78 1.48 -0.27 -7.85
CA LEU A 78 0.38 0.69 -7.90
C LEU A 78 -0.15 0.81 -9.32
N LEU A 79 0.76 0.76 -10.28
CA LEU A 79 0.39 0.86 -11.68
C LEU A 79 -0.36 -0.39 -12.13
N SER A 80 0.06 -1.55 -11.62
CA SER A 80 -0.58 -2.81 -11.97
C SER A 80 -1.94 -2.97 -11.28
N LEU A 81 -2.23 -2.08 -10.35
CA LEU A 81 -3.49 -2.13 -9.60
C LEU A 81 -4.70 -1.82 -10.48
N MET A 82 -4.60 -0.82 -11.35
CA MET A 82 -5.73 -0.48 -12.22
C MET A 82 -5.32 0.26 -13.50
N ASP A 83 -5.13 1.58 -13.42
CA ASP A 83 -4.77 2.36 -14.61
C ASP A 83 -4.20 3.74 -14.24
N GLU A 84 -3.45 3.82 -13.17
CA GLU A 84 -2.86 5.09 -12.74
C GLU A 84 -1.59 5.40 -13.53
N ASN A 85 -1.50 6.64 -14.01
CA ASN A 85 -0.33 7.07 -14.79
C ASN A 85 0.72 7.71 -13.87
N GLU A 86 1.97 7.30 -14.05
CA GLU A 86 3.07 7.83 -13.25
C GLU A 86 4.41 7.52 -13.91
N GLY A 87 5.17 8.56 -14.21
CA GLY A 87 6.47 8.39 -14.83
C GLY A 87 7.47 9.44 -14.40
N LYS A 1 -18.00 -16.01 10.83
CA LYS A 1 -16.62 -15.62 10.54
C LYS A 1 -16.23 -16.06 9.13
N GLU A 2 -16.15 -17.37 8.92
CA GLU A 2 -15.77 -17.91 7.62
C GLU A 2 -14.40 -17.40 7.19
N ALA A 3 -13.53 -17.16 8.17
CA ALA A 3 -12.19 -16.67 7.89
C ALA A 3 -11.15 -17.79 8.03
N MET A 4 -10.16 -17.79 7.15
CA MET A 4 -9.11 -18.80 7.17
C MET A 4 -8.04 -18.46 8.21
N ARG A 5 -7.30 -17.38 7.96
CA ARG A 5 -6.25 -16.94 8.86
C ARG A 5 -5.67 -15.61 8.42
N MET A 6 -4.93 -15.63 7.31
CA MET A 6 -4.31 -14.42 6.79
C MET A 6 -3.60 -14.70 5.45
N LEU A 7 -3.95 -13.91 4.44
CA LEU A 7 -3.35 -14.05 3.12
C LEU A 7 -2.36 -12.92 2.82
N MET A 8 -1.18 -13.28 2.35
CA MET A 8 -0.16 -12.30 2.03
C MET A 8 0.34 -12.47 0.59
N ARG A 9 0.90 -11.40 0.02
CA ARG A 9 1.41 -11.46 -1.35
C ARG A 9 2.82 -10.86 -1.45
N GLU A 10 3.51 -11.20 -2.54
CA GLU A 10 4.87 -10.71 -2.77
C GLU A 10 4.96 -9.20 -2.68
N GLU A 11 4.30 -8.53 -3.61
CA GLU A 11 4.31 -7.08 -3.68
C GLU A 11 3.76 -6.44 -2.42
N LEU A 12 2.75 -7.08 -1.82
CA LEU A 12 2.16 -6.56 -0.60
C LEU A 12 3.16 -6.61 0.54
N GLU A 13 3.93 -7.69 0.61
CA GLU A 13 4.93 -7.87 1.66
C GLU A 13 6.18 -7.02 1.42
N LYS A 14 6.65 -6.97 0.17
CA LYS A 14 7.85 -6.21 -0.16
C LYS A 14 7.65 -4.71 0.07
N VAL A 15 6.42 -4.24 -0.16
CA VAL A 15 6.12 -2.82 -0.01
C VAL A 15 5.93 -2.42 1.46
N LEU A 16 5.19 -3.22 2.22
CA LEU A 16 4.93 -2.91 3.63
C LEU A 16 6.20 -2.82 4.49
N LYS A 17 7.20 -3.64 4.19
CA LYS A 17 8.44 -3.64 4.97
C LYS A 17 9.10 -2.26 5.03
N THR A 18 8.82 -1.41 4.05
CA THR A 18 9.41 -0.07 4.03
C THR A 18 8.56 0.93 4.83
N LEU A 19 7.24 0.78 4.76
CA LEU A 19 6.34 1.68 5.46
C LEU A 19 6.28 1.35 6.95
N SER A 20 6.10 2.38 7.78
CA SER A 20 6.00 2.18 9.22
C SER A 20 4.66 1.53 9.58
N PRO A 21 4.53 0.99 10.79
CA PRO A 21 3.30 0.33 11.23
C PRO A 21 2.06 1.17 10.97
N ARG A 22 2.17 2.47 11.21
CA ARG A 22 1.04 3.39 11.00
C ARG A 22 0.83 3.69 9.52
N GLU A 23 1.92 3.85 8.79
CA GLU A 23 1.85 4.13 7.35
C GLU A 23 1.28 2.94 6.59
N ALA A 24 1.83 1.76 6.88
CA ALA A 24 1.38 0.54 6.22
C ALA A 24 -0.08 0.22 6.56
N MET A 25 -0.47 0.51 7.79
CA MET A 25 -1.83 0.24 8.24
C MET A 25 -2.85 0.96 7.36
N VAL A 26 -2.61 2.23 7.06
CA VAL A 26 -3.53 3.00 6.23
C VAL A 26 -3.61 2.38 4.83
N LEU A 27 -2.50 1.82 4.37
CA LEU A 27 -2.49 1.19 3.07
C LEU A 27 -3.23 -0.15 3.14
N ARG A 28 -3.17 -0.80 4.31
CA ARG A 28 -3.86 -2.07 4.48
C ARG A 28 -5.32 -1.88 4.10
N MET A 29 -5.86 -0.74 4.53
CA MET A 29 -7.25 -0.39 4.22
C MET A 29 -7.38 -0.17 2.72
N ARG A 30 -6.41 0.55 2.16
CA ARG A 30 -6.41 0.83 0.72
C ARG A 30 -6.31 -0.46 -0.09
N TYR A 31 -5.59 -1.45 0.45
CA TYR A 31 -5.41 -2.73 -0.23
C TYR A 31 -6.61 -3.65 -0.01
N GLY A 32 -7.42 -3.36 0.99
CA GLY A 32 -8.57 -4.20 1.31
C GLY A 32 -8.18 -5.41 2.14
N LEU A 33 -7.05 -5.31 2.81
CA LEU A 33 -6.55 -6.40 3.65
C LEU A 33 -7.31 -6.50 4.97
N LEU A 34 -7.82 -5.37 5.45
CA LEU A 34 -8.55 -5.33 6.71
C LEU A 34 -9.75 -6.29 6.71
N ASP A 35 -10.52 -6.30 5.63
CA ASP A 35 -11.69 -7.18 5.55
C ASP A 35 -11.69 -8.04 4.28
N GLY A 36 -10.70 -7.85 3.43
CA GLY A 36 -10.64 -8.61 2.20
C GLY A 36 -11.12 -7.83 0.98
N LYS A 37 -11.71 -6.68 1.23
CA LYS A 37 -12.23 -5.82 0.16
C LYS A 37 -11.52 -4.47 0.16
N PRO A 38 -11.02 -4.01 -1.00
CA PRO A 38 -10.33 -2.72 -1.10
C PRO A 38 -11.25 -1.55 -0.78
N LYS A 39 -10.71 -0.56 -0.09
CA LYS A 39 -11.47 0.63 0.28
C LYS A 39 -10.84 1.87 -0.33
N THR A 40 -11.66 2.87 -0.64
CA THR A 40 -11.15 4.10 -1.21
C THR A 40 -10.50 4.98 -0.14
N LEU A 41 -9.66 5.91 -0.56
CA LEU A 41 -8.97 6.77 0.39
C LEU A 41 -9.96 7.54 1.26
N GLU A 42 -11.09 7.91 0.68
CA GLU A 42 -12.13 8.65 1.40
C GLU A 42 -12.52 7.92 2.70
N GLU A 43 -12.66 6.61 2.61
CA GLU A 43 -13.01 5.80 3.77
C GLU A 43 -11.80 5.55 4.66
N VAL A 44 -10.65 5.31 4.05
CA VAL A 44 -9.43 5.04 4.80
C VAL A 44 -8.98 6.24 5.62
N GLY A 45 -8.75 7.37 4.94
CA GLY A 45 -8.32 8.55 5.65
C GLY A 45 -9.30 8.99 6.71
N GLN A 46 -10.58 9.01 6.33
CA GLN A 46 -11.64 9.40 7.25
C GLN A 46 -11.72 8.43 8.43
N TYR A 47 -11.34 7.18 8.18
CA TYR A 47 -11.38 6.16 9.22
C TYR A 47 -10.44 6.53 10.36
N PHE A 48 -9.31 7.11 10.01
CA PHE A 48 -8.33 7.53 11.01
C PHE A 48 -8.59 8.97 11.44
N ASN A 49 -7.97 9.93 10.75
CA ASN A 49 -8.16 11.34 11.08
C ASN A 49 -7.42 12.24 10.10
N VAL A 50 -7.27 11.76 8.86
CA VAL A 50 -6.55 12.52 7.84
C VAL A 50 -7.17 12.33 6.45
N THR A 51 -6.92 13.30 5.57
CA THR A 51 -7.43 13.27 4.21
C THR A 51 -6.48 12.48 3.29
N ARG A 52 -6.76 12.52 2.00
CA ARG A 52 -5.94 11.81 1.01
C ARG A 52 -4.47 12.16 1.16
N GLU A 53 -4.21 13.40 1.54
CA GLU A 53 -2.84 13.90 1.69
C GLU A 53 -1.98 12.99 2.57
N ARG A 54 -2.58 12.30 3.52
CA ARG A 54 -1.81 11.41 4.39
C ARG A 54 -1.22 10.23 3.61
N ILE A 55 -2.07 9.47 2.93
CA ILE A 55 -1.56 8.37 2.13
C ILE A 55 -0.74 8.93 0.98
N ARG A 56 -1.16 10.09 0.50
CA ARG A 56 -0.45 10.80 -0.56
C ARG A 56 0.96 11.07 -0.08
N GLN A 57 1.07 11.44 1.19
CA GLN A 57 2.36 11.70 1.82
C GLN A 57 3.18 10.41 1.98
N ILE A 58 2.53 9.37 2.50
CA ILE A 58 3.19 8.08 2.68
C ILE A 58 3.74 7.55 1.37
N GLU A 59 2.97 7.68 0.28
CA GLU A 59 3.42 7.23 -1.02
C GLU A 59 4.76 7.87 -1.38
N VAL A 60 4.82 9.19 -1.24
CA VAL A 60 6.05 9.93 -1.52
C VAL A 60 7.13 9.60 -0.50
N LYS A 61 6.79 9.71 0.78
CA LYS A 61 7.74 9.41 1.85
C LYS A 61 8.29 8.00 1.72
N ALA A 62 7.44 7.06 1.32
CA ALA A 62 7.88 5.69 1.15
C ALA A 62 9.01 5.64 0.15
N LEU A 63 8.86 6.39 -0.94
CA LEU A 63 9.87 6.47 -1.97
C LEU A 63 11.14 7.14 -1.44
N ARG A 64 10.95 8.22 -0.69
CA ARG A 64 12.08 8.94 -0.10
C ARG A 64 12.79 8.06 0.91
N LYS A 65 12.02 7.38 1.75
CA LYS A 65 12.55 6.51 2.78
C LYS A 65 13.31 5.32 2.19
N LEU A 66 12.86 4.81 1.06
CA LEU A 66 13.51 3.66 0.42
C LEU A 66 14.80 4.08 -0.29
N ARG A 67 14.68 4.91 -1.32
CA ARG A 67 15.86 5.35 -2.06
C ARG A 67 15.61 6.68 -2.76
N HIS A 68 16.69 7.28 -3.27
CA HIS A 68 16.59 8.55 -3.98
C HIS A 68 15.67 8.38 -5.19
N PRO A 69 16.05 7.56 -6.18
CA PRO A 69 15.20 7.35 -7.36
C PRO A 69 14.01 6.44 -7.09
N SER A 70 13.06 6.41 -8.02
CA SER A 70 11.87 5.58 -7.88
C SER A 70 12.00 4.32 -8.73
N ARG A 71 11.99 3.15 -8.07
CA ARG A 71 12.11 1.88 -8.77
C ARG A 71 12.03 0.71 -7.79
N SER A 72 10.81 0.36 -7.40
CA SER A 72 10.59 -0.74 -6.46
C SER A 72 9.22 -1.39 -6.69
N LYS A 73 8.95 -2.44 -5.93
CA LYS A 73 7.67 -3.15 -6.05
C LYS A 73 6.48 -2.21 -5.85
N TYR A 74 6.69 -1.15 -5.08
CA TYR A 74 5.65 -0.17 -4.80
C TYR A 74 5.07 0.39 -6.10
N LEU A 75 5.97 0.73 -7.01
CA LEU A 75 5.61 1.29 -8.29
C LEU A 75 4.77 0.32 -9.13
N LYS A 76 5.31 -0.87 -9.36
CA LYS A 76 4.61 -1.88 -10.14
C LYS A 76 3.34 -2.35 -9.43
N SER A 77 3.40 -2.50 -8.12
CA SER A 77 2.26 -2.95 -7.34
C SER A 77 1.10 -1.95 -7.46
N LEU A 78 1.43 -0.67 -7.32
CA LEU A 78 0.42 0.38 -7.43
C LEU A 78 -0.11 0.46 -8.85
N LEU A 79 0.79 0.26 -9.81
CA LEU A 79 0.43 0.29 -11.22
C LEU A 79 -0.50 -0.87 -11.56
N SER A 80 -0.22 -2.04 -10.98
CA SER A 80 -1.03 -3.23 -11.23
C SER A 80 -2.37 -3.16 -10.51
N LEU A 81 -2.50 -2.21 -9.58
CA LEU A 81 -3.74 -2.06 -8.82
C LEU A 81 -4.90 -1.55 -9.67
N MET A 82 -4.67 -0.54 -10.51
CA MET A 82 -5.74 0.00 -11.34
C MET A 82 -5.25 0.73 -12.59
N ASP A 83 -4.80 1.97 -12.43
CA ASP A 83 -4.32 2.76 -13.57
C ASP A 83 -3.39 3.90 -13.16
N GLU A 84 -2.27 3.56 -12.53
CA GLU A 84 -1.31 4.58 -12.09
C GLU A 84 -0.46 5.07 -13.26
N ASN A 85 -0.25 6.37 -13.32
CA ASN A 85 0.56 6.98 -14.39
C ASN A 85 2.03 7.05 -13.99
N GLU A 86 2.89 6.49 -14.84
CA GLU A 86 4.33 6.50 -14.58
C GLU A 86 4.92 7.89 -14.83
N GLY A 87 5.90 8.26 -14.02
CA GLY A 87 6.54 9.56 -14.18
C GLY A 87 7.72 9.52 -15.13
N LYS A 1 -0.03 -15.94 14.21
CA LYS A 1 0.72 -15.89 12.96
C LYS A 1 0.48 -17.13 12.12
N GLU A 2 -0.78 -17.59 12.09
CA GLU A 2 -1.15 -18.77 11.32
C GLU A 2 -1.65 -18.38 9.93
N ALA A 3 -1.24 -19.15 8.92
CA ALA A 3 -1.64 -18.89 7.54
C ALA A 3 -1.97 -20.19 6.81
N MET A 4 -2.85 -20.08 5.80
CA MET A 4 -3.25 -21.26 5.02
C MET A 4 -3.10 -20.98 3.53
N ARG A 5 -3.16 -22.05 2.73
CA ARG A 5 -3.04 -21.91 1.28
C ARG A 5 -1.70 -21.28 0.91
N MET A 6 -1.59 -20.81 -0.33
CA MET A 6 -0.36 -20.19 -0.82
C MET A 6 -0.45 -18.67 -0.76
N LEU A 7 0.71 -18.03 -0.68
CA LEU A 7 0.79 -16.57 -0.62
C LEU A 7 1.11 -15.98 -1.98
N MET A 8 0.40 -14.90 -2.33
CA MET A 8 0.60 -14.24 -3.62
C MET A 8 0.96 -12.77 -3.42
N ARG A 9 1.17 -12.06 -4.52
CA ARG A 9 1.52 -10.64 -4.45
C ARG A 9 2.84 -10.43 -3.69
N GLU A 10 3.86 -9.98 -4.40
CA GLU A 10 5.18 -9.74 -3.82
C GLU A 10 5.38 -8.28 -3.43
N GLU A 11 5.36 -7.42 -4.43
CA GLU A 11 5.57 -6.00 -4.22
C GLU A 11 4.57 -5.42 -3.22
N LEU A 12 3.36 -5.96 -3.20
CA LEU A 12 2.35 -5.48 -2.29
C LEU A 12 2.84 -5.58 -0.84
N GLU A 13 3.47 -6.71 -0.52
CA GLU A 13 4.00 -6.93 0.82
C GLU A 13 5.33 -6.21 1.06
N LYS A 14 6.13 -6.07 0.01
CA LYS A 14 7.43 -5.41 0.12
C LYS A 14 7.29 -3.94 0.53
N VAL A 15 6.23 -3.29 0.06
CA VAL A 15 6.00 -1.89 0.37
C VAL A 15 5.42 -1.68 1.77
N LEU A 16 4.40 -2.46 2.12
CA LEU A 16 3.75 -2.32 3.42
C LEU A 16 4.70 -2.55 4.60
N LYS A 17 5.59 -3.53 4.50
CA LYS A 17 6.53 -3.82 5.60
C LYS A 17 7.54 -2.69 5.82
N THR A 18 7.70 -1.81 4.84
CA THR A 18 8.65 -0.71 4.96
C THR A 18 8.02 0.50 5.63
N LEU A 19 6.70 0.68 5.45
CA LEU A 19 6.00 1.80 6.04
C LEU A 19 5.84 1.63 7.54
N SER A 20 5.67 2.74 8.25
CA SER A 20 5.48 2.71 9.70
C SER A 20 4.12 2.09 10.03
N PRO A 21 3.95 1.57 11.26
CA PRO A 21 2.70 0.94 11.67
C PRO A 21 1.48 1.78 11.31
N ARG A 22 1.53 3.07 11.61
CA ARG A 22 0.42 3.97 11.32
C ARG A 22 0.30 4.26 9.82
N GLU A 23 1.44 4.41 9.15
CA GLU A 23 1.44 4.70 7.72
C GLU A 23 0.93 3.50 6.93
N ALA A 24 1.54 2.33 7.18
CA ALA A 24 1.14 1.11 6.50
C ALA A 24 -0.31 0.74 6.80
N MET A 25 -0.76 1.06 8.01
CA MET A 25 -2.13 0.75 8.41
C MET A 25 -3.14 1.39 7.46
N VAL A 26 -2.92 2.66 7.10
CA VAL A 26 -3.83 3.35 6.19
C VAL A 26 -3.84 2.65 4.83
N LEU A 27 -2.70 2.08 4.47
CA LEU A 27 -2.60 1.37 3.20
C LEU A 27 -3.20 -0.03 3.36
N ARG A 28 -3.15 -0.57 4.59
CA ARG A 28 -3.72 -1.89 4.84
C ARG A 28 -5.18 -1.87 4.44
N MET A 29 -5.88 -0.84 4.90
CA MET A 29 -7.30 -0.66 4.59
C MET A 29 -7.45 -0.43 3.09
N ARG A 30 -6.58 0.42 2.54
CA ARG A 30 -6.60 0.73 1.12
C ARG A 30 -6.35 -0.52 0.27
N TYR A 31 -5.56 -1.45 0.82
CA TYR A 31 -5.23 -2.69 0.11
C TYR A 31 -6.34 -3.72 0.25
N GLY A 32 -7.17 -3.57 1.28
CA GLY A 32 -8.25 -4.53 1.51
C GLY A 32 -7.78 -5.74 2.30
N LEU A 33 -6.63 -5.59 2.96
CA LEU A 33 -6.05 -6.68 3.76
C LEU A 33 -6.77 -6.83 5.10
N LEU A 34 -7.29 -5.73 5.62
CA LEU A 34 -7.99 -5.74 6.91
C LEU A 34 -9.16 -6.74 6.92
N ASP A 35 -9.99 -6.72 5.87
CA ASP A 35 -11.13 -7.62 5.80
C ASP A 35 -11.16 -8.43 4.51
N GLY A 36 -10.26 -8.12 3.58
CA GLY A 36 -10.23 -8.85 2.32
C GLY A 36 -10.90 -8.10 1.19
N LYS A 37 -11.47 -6.93 1.50
CA LYS A 37 -12.14 -6.11 0.51
C LYS A 37 -11.51 -4.72 0.44
N PRO A 38 -10.77 -4.42 -0.64
CA PRO A 38 -10.10 -3.12 -0.80
C PRO A 38 -11.07 -1.95 -0.62
N LYS A 39 -10.62 -0.95 0.13
CA LYS A 39 -11.43 0.23 0.39
C LYS A 39 -10.75 1.47 -0.15
N THR A 40 -11.54 2.48 -0.50
CA THR A 40 -10.97 3.72 -1.02
C THR A 40 -10.38 4.56 0.10
N LEU A 41 -9.43 5.42 -0.23
CA LEU A 41 -8.81 6.27 0.78
C LEU A 41 -9.84 7.09 1.54
N GLU A 42 -10.89 7.50 0.84
CA GLU A 42 -11.94 8.31 1.46
C GLU A 42 -12.44 7.67 2.75
N GLU A 43 -12.57 6.35 2.74
CA GLU A 43 -13.03 5.61 3.91
C GLU A 43 -11.92 5.47 4.95
N VAL A 44 -10.71 5.20 4.48
CA VAL A 44 -9.57 5.01 5.37
C VAL A 44 -9.15 6.32 6.05
N GLY A 45 -8.97 7.37 5.25
CA GLY A 45 -8.58 8.65 5.81
C GLY A 45 -9.56 9.14 6.85
N GLN A 46 -10.83 9.18 6.48
CA GLN A 46 -11.89 9.60 7.39
C GLN A 46 -11.97 8.66 8.59
N TYR A 47 -11.60 7.40 8.38
CA TYR A 47 -11.63 6.42 9.45
C TYR A 47 -10.71 6.83 10.59
N PHE A 48 -9.55 7.39 10.23
CA PHE A 48 -8.59 7.85 11.21
C PHE A 48 -8.82 9.33 11.53
N ASN A 49 -8.14 10.21 10.80
CA ASN A 49 -8.29 11.65 11.01
C ASN A 49 -7.46 12.43 10.00
N VAL A 50 -7.28 11.87 8.81
CA VAL A 50 -6.49 12.53 7.77
C VAL A 50 -7.07 12.31 6.38
N THR A 51 -6.82 13.28 5.49
CA THR A 51 -7.29 13.21 4.11
C THR A 51 -6.29 12.49 3.22
N ARG A 52 -6.56 12.48 1.92
CA ARG A 52 -5.68 11.83 0.95
C ARG A 52 -4.23 12.33 1.09
N GLU A 53 -4.09 13.58 1.47
CA GLU A 53 -2.78 14.21 1.62
C GLU A 53 -1.84 13.39 2.50
N ARG A 54 -2.36 12.79 3.56
CA ARG A 54 -1.50 12.01 4.45
C ARG A 54 -0.96 10.76 3.75
N ILE A 55 -1.84 9.98 3.12
CA ILE A 55 -1.38 8.81 2.39
C ILE A 55 -0.53 9.26 1.21
N ARG A 56 -0.86 10.44 0.69
CA ARG A 56 -0.12 11.05 -0.40
C ARG A 56 1.34 11.21 0.05
N GLN A 57 1.48 11.63 1.31
CA GLN A 57 2.80 11.81 1.91
C GLN A 57 3.49 10.46 2.11
N ILE A 58 2.76 9.49 2.65
CA ILE A 58 3.32 8.15 2.88
C ILE A 58 3.84 7.54 1.59
N GLU A 59 3.07 7.68 0.50
CA GLU A 59 3.50 7.14 -0.78
C GLU A 59 4.86 7.68 -1.16
N VAL A 60 5.02 9.01 -1.04
CA VAL A 60 6.29 9.65 -1.35
C VAL A 60 7.38 9.23 -0.38
N LYS A 61 7.11 9.39 0.91
CA LYS A 61 8.08 9.02 1.95
C LYS A 61 8.49 7.56 1.81
N ALA A 62 7.52 6.69 1.51
CA ALA A 62 7.81 5.28 1.34
C ALA A 62 8.88 5.10 0.28
N LEU A 63 8.75 5.86 -0.80
CA LEU A 63 9.70 5.82 -1.90
C LEU A 63 11.07 6.29 -1.44
N ARG A 64 11.09 7.31 -0.59
CA ARG A 64 12.34 7.84 -0.06
C ARG A 64 13.04 6.79 0.80
N LYS A 65 12.25 6.01 1.51
CA LYS A 65 12.76 4.97 2.39
C LYS A 65 13.45 3.85 1.62
N LEU A 66 12.90 3.51 0.45
CA LEU A 66 13.48 2.43 -0.36
C LEU A 66 14.75 2.89 -1.07
N ARG A 67 14.65 3.93 -1.89
CA ARG A 67 15.80 4.45 -2.62
C ARG A 67 15.61 5.91 -3.01
N HIS A 68 16.73 6.58 -3.29
CA HIS A 68 16.72 7.97 -3.70
C HIS A 68 15.94 8.09 -5.01
N PRO A 69 16.32 7.35 -6.05
CA PRO A 69 15.63 7.42 -7.34
C PRO A 69 14.12 7.25 -7.20
N SER A 70 13.36 8.00 -8.02
CA SER A 70 11.91 7.93 -7.99
C SER A 70 11.42 6.56 -8.44
N ARG A 71 12.22 5.88 -9.27
CA ARG A 71 11.85 4.55 -9.76
C ARG A 71 11.88 3.52 -8.63
N SER A 72 10.77 2.80 -8.48
CA SER A 72 10.66 1.78 -7.44
C SER A 72 9.48 0.85 -7.72
N LYS A 73 9.45 -0.28 -7.03
CA LYS A 73 8.39 -1.27 -7.21
C LYS A 73 7.01 -0.65 -6.94
N TYR A 74 6.97 0.36 -6.07
CA TYR A 74 5.72 1.04 -5.72
C TYR A 74 5.00 1.50 -6.98
N LEU A 75 5.78 2.11 -7.88
CA LEU A 75 5.26 2.64 -9.12
C LEU A 75 4.62 1.56 -9.98
N LYS A 76 5.42 0.58 -10.39
CA LYS A 76 4.94 -0.51 -11.23
C LYS A 76 3.82 -1.29 -10.54
N SER A 77 3.95 -1.48 -9.22
CA SER A 77 2.95 -2.21 -8.46
C SER A 77 1.65 -1.40 -8.38
N LEU A 78 1.77 -0.10 -8.14
CA LEU A 78 0.60 0.76 -8.05
C LEU A 78 -0.08 0.87 -9.41
N LEU A 79 0.74 0.91 -10.46
CA LEU A 79 0.23 1.01 -11.82
C LEU A 79 -0.49 -0.28 -12.22
N SER A 80 0.08 -1.41 -11.83
CA SER A 80 -0.51 -2.71 -12.15
C SER A 80 -1.81 -2.94 -11.39
N LEU A 81 -1.89 -2.40 -10.18
CA LEU A 81 -3.08 -2.56 -9.34
C LEU A 81 -4.25 -1.69 -9.81
N MET A 82 -3.98 -0.59 -10.50
CA MET A 82 -5.06 0.29 -10.96
C MET A 82 -5.61 -0.10 -12.35
N ASP A 83 -4.86 0.20 -13.41
CA ASP A 83 -5.32 -0.12 -14.76
C ASP A 83 -4.17 -0.14 -15.78
N GLU A 84 -2.96 -0.41 -15.32
CA GLU A 84 -1.80 -0.46 -16.21
C GLU A 84 -1.75 -1.80 -16.96
N ASN A 85 -1.55 -1.71 -18.27
CA ASN A 85 -1.48 -2.91 -19.12
C ASN A 85 -0.62 -2.65 -20.35
N GLU A 86 -0.87 -1.54 -21.03
CA GLU A 86 -0.12 -1.18 -22.22
C GLU A 86 -0.30 0.30 -22.56
N GLY A 87 -1.55 0.77 -22.49
CA GLY A 87 -1.83 2.15 -22.79
C GLY A 87 -1.35 3.09 -21.71
N LYS A 1 4.86 -27.58 6.48
CA LYS A 1 3.90 -28.43 7.16
C LYS A 1 3.59 -27.90 8.56
N GLU A 2 4.60 -27.30 9.20
CA GLU A 2 4.44 -26.75 10.54
C GLU A 2 3.40 -25.64 10.55
N ALA A 3 3.36 -24.85 9.48
CA ALA A 3 2.40 -23.76 9.37
C ALA A 3 2.23 -23.30 7.92
N MET A 4 1.02 -22.88 7.58
CA MET A 4 0.73 -22.43 6.22
C MET A 4 -0.70 -21.91 6.11
N ARG A 5 -1.18 -21.26 7.17
CA ARG A 5 -2.53 -20.73 7.18
C ARG A 5 -2.69 -19.66 6.10
N MET A 6 -1.65 -18.85 5.93
CA MET A 6 -1.67 -17.77 4.94
C MET A 6 -0.30 -17.61 4.26
N LEU A 7 -0.31 -17.03 3.06
CA LEU A 7 0.91 -16.81 2.30
C LEU A 7 1.28 -15.33 2.27
N MET A 8 2.57 -15.05 2.39
CA MET A 8 3.06 -13.67 2.36
C MET A 8 3.18 -13.16 0.93
N ARG A 9 3.30 -11.84 0.78
CA ARG A 9 3.42 -11.25 -0.54
C ARG A 9 4.75 -10.51 -0.71
N GLU A 10 5.22 -10.42 -1.95
CA GLU A 10 6.48 -9.76 -2.26
C GLU A 10 6.33 -8.23 -2.30
N GLU A 11 5.53 -7.76 -3.25
CA GLU A 11 5.32 -6.35 -3.43
C GLU A 11 4.83 -5.68 -2.15
N LEU A 12 3.92 -6.32 -1.45
CA LEU A 12 3.39 -5.77 -0.21
C LEU A 12 4.48 -5.73 0.86
N GLU A 13 5.28 -6.78 0.91
CA GLU A 13 6.37 -6.88 1.90
C GLU A 13 7.49 -5.87 1.63
N LYS A 14 7.87 -5.71 0.37
CA LYS A 14 8.94 -4.78 0.01
C LYS A 14 8.58 -3.33 0.34
N VAL A 15 7.31 -2.99 0.19
CA VAL A 15 6.85 -1.64 0.44
C VAL A 15 6.60 -1.37 1.93
N LEU A 16 5.91 -2.30 2.60
CA LEU A 16 5.58 -2.13 4.02
C LEU A 16 6.82 -1.95 4.91
N LYS A 17 7.94 -2.57 4.55
CA LYS A 17 9.16 -2.47 5.37
C LYS A 17 9.58 -1.01 5.61
N THR A 18 9.19 -0.10 4.71
CA THR A 18 9.56 1.30 4.88
C THR A 18 8.47 2.10 5.58
N LEU A 19 7.22 1.71 5.37
CA LEU A 19 6.10 2.39 5.99
C LEU A 19 5.96 2.01 7.47
N SER A 20 5.62 2.99 8.30
CA SER A 20 5.43 2.74 9.73
C SER A 20 4.13 1.98 9.96
N PRO A 21 3.94 1.41 11.15
CA PRO A 21 2.73 0.66 11.48
C PRO A 21 1.46 1.39 11.11
N ARG A 22 1.52 2.73 11.12
CA ARG A 22 0.36 3.55 10.77
C ARG A 22 0.27 3.79 9.27
N GLU A 23 1.41 3.98 8.63
CA GLU A 23 1.45 4.23 7.18
C GLU A 23 0.99 3.00 6.42
N ALA A 24 1.53 1.84 6.79
CA ALA A 24 1.17 0.58 6.13
C ALA A 24 -0.28 0.22 6.39
N MET A 25 -0.77 0.52 7.58
CA MET A 25 -2.15 0.19 7.94
C MET A 25 -3.14 0.83 6.98
N VAL A 26 -2.97 2.13 6.71
CA VAL A 26 -3.88 2.83 5.80
C VAL A 26 -3.83 2.19 4.43
N LEU A 27 -2.64 1.80 4.00
CA LEU A 27 -2.50 1.16 2.70
C LEU A 27 -3.08 -0.26 2.76
N ARG A 28 -2.95 -0.91 3.93
CA ARG A 28 -3.49 -2.25 4.09
C ARG A 28 -4.99 -2.19 3.82
N MET A 29 -5.63 -1.20 4.45
CA MET A 29 -7.07 -1.01 4.27
C MET A 29 -7.35 -0.64 2.82
N ARG A 30 -6.54 0.27 2.29
CA ARG A 30 -6.69 0.73 0.91
C ARG A 30 -6.49 -0.42 -0.08
N TYR A 31 -5.67 -1.39 0.31
CA TYR A 31 -5.39 -2.54 -0.55
C TYR A 31 -6.55 -3.54 -0.56
N GLY A 32 -7.35 -3.54 0.50
CA GLY A 32 -8.49 -4.46 0.57
C GLY A 32 -8.11 -5.75 1.27
N LEU A 33 -6.88 -5.83 1.75
CA LEU A 33 -6.38 -7.02 2.45
C LEU A 33 -6.86 -7.06 3.89
N LEU A 34 -7.20 -5.90 4.45
CA LEU A 34 -7.67 -5.82 5.83
C LEU A 34 -8.92 -6.66 6.07
N ASP A 35 -9.93 -6.53 5.21
CA ASP A 35 -11.16 -7.28 5.36
C ASP A 35 -11.56 -8.03 4.09
N GLY A 36 -10.80 -7.86 3.03
CA GLY A 36 -11.10 -8.54 1.78
C GLY A 36 -11.78 -7.64 0.76
N LYS A 37 -12.19 -6.45 1.21
CA LYS A 37 -12.87 -5.49 0.34
C LYS A 37 -12.09 -4.17 0.30
N PRO A 38 -11.39 -3.88 -0.81
CA PRO A 38 -10.63 -2.64 -0.95
C PRO A 38 -11.49 -1.39 -0.78
N LYS A 39 -10.98 -0.44 -0.01
CA LYS A 39 -11.69 0.80 0.24
C LYS A 39 -10.87 1.99 -0.26
N THR A 40 -11.55 3.09 -0.56
CA THR A 40 -10.85 4.28 -1.03
C THR A 40 -10.17 5.00 0.13
N LEU A 41 -9.21 5.87 -0.19
CA LEU A 41 -8.49 6.59 0.84
C LEU A 41 -9.45 7.37 1.74
N GLU A 42 -10.53 7.87 1.16
CA GLU A 42 -11.53 8.62 1.91
C GLU A 42 -12.02 7.84 3.13
N GLU A 43 -12.25 6.55 2.95
CA GLU A 43 -12.71 5.69 4.03
C GLU A 43 -11.61 5.43 5.04
N VAL A 44 -10.41 5.17 4.55
CA VAL A 44 -9.27 4.88 5.42
C VAL A 44 -8.78 6.13 6.16
N GLY A 45 -8.51 7.20 5.42
CA GLY A 45 -8.04 8.41 6.04
C GLY A 45 -9.03 8.94 7.05
N GLN A 46 -10.29 9.06 6.64
CA GLN A 46 -11.34 9.55 7.52
C GLN A 46 -11.54 8.60 8.70
N TYR A 47 -11.22 7.32 8.49
CA TYR A 47 -11.35 6.32 9.54
C TYR A 47 -10.47 6.68 10.73
N PHE A 48 -9.31 7.24 10.44
CA PHE A 48 -8.38 7.64 11.49
C PHE A 48 -8.60 9.11 11.86
N ASN A 49 -7.92 10.00 11.15
CA ASN A 49 -8.07 11.44 11.41
C ASN A 49 -7.28 12.26 10.40
N VAL A 50 -7.13 11.73 9.19
CA VAL A 50 -6.37 12.41 8.15
C VAL A 50 -6.99 12.24 6.76
N THR A 51 -6.81 13.25 5.91
CA THR A 51 -7.33 13.22 4.55
C THR A 51 -6.35 12.53 3.60
N ARG A 52 -6.67 12.54 2.31
CA ARG A 52 -5.82 11.92 1.29
C ARG A 52 -4.39 12.45 1.37
N GLU A 53 -4.27 13.71 1.75
CA GLU A 53 -2.96 14.37 1.85
C GLU A 53 -1.97 13.58 2.70
N ARG A 54 -2.43 12.94 3.78
CA ARG A 54 -1.52 12.18 4.62
C ARG A 54 -0.97 10.96 3.90
N ILE A 55 -1.84 10.16 3.29
CA ILE A 55 -1.37 9.00 2.54
C ILE A 55 -0.56 9.50 1.35
N ARG A 56 -0.97 10.66 0.83
CA ARG A 56 -0.26 11.29 -0.27
C ARG A 56 1.18 11.50 0.14
N GLN A 57 1.37 11.93 1.39
CA GLN A 57 2.69 12.13 1.96
C GLN A 57 3.41 10.79 2.15
N ILE A 58 2.69 9.80 2.65
CA ILE A 58 3.26 8.47 2.87
C ILE A 58 3.85 7.90 1.58
N GLU A 59 3.09 8.00 0.49
CA GLU A 59 3.58 7.50 -0.80
C GLU A 59 4.93 8.10 -1.13
N VAL A 60 5.05 9.42 -0.94
CA VAL A 60 6.30 10.11 -1.20
C VAL A 60 7.38 9.68 -0.21
N LYS A 61 7.09 9.82 1.08
CA LYS A 61 8.04 9.44 2.13
C LYS A 61 8.46 7.98 1.98
N ALA A 62 7.53 7.13 1.59
CA ALA A 62 7.83 5.72 1.40
C ALA A 62 8.97 5.57 0.42
N LEU A 63 8.90 6.35 -0.66
CA LEU A 63 9.93 6.35 -1.68
C LEU A 63 11.25 6.87 -1.14
N ARG A 64 11.18 7.96 -0.37
CA ARG A 64 12.37 8.55 0.21
C ARG A 64 12.98 7.61 1.25
N LYS A 65 12.12 7.11 2.13
CA LYS A 65 12.54 6.21 3.20
C LYS A 65 13.02 4.86 2.65
N LEU A 66 12.46 4.42 1.54
CA LEU A 66 12.84 3.14 0.95
C LEU A 66 14.20 3.23 0.26
N ARG A 67 14.27 4.02 -0.82
CA ARG A 67 15.52 4.16 -1.57
C ARG A 67 15.57 5.49 -2.32
N HIS A 68 16.74 5.78 -2.89
CA HIS A 68 16.93 6.99 -3.66
C HIS A 68 15.99 6.97 -4.88
N PRO A 69 15.76 8.11 -5.53
CA PRO A 69 14.87 8.16 -6.70
C PRO A 69 15.40 7.34 -7.88
N SER A 70 14.58 6.42 -8.38
CA SER A 70 14.95 5.58 -9.51
C SER A 70 13.81 4.63 -9.87
N ARG A 71 13.70 3.53 -9.13
CA ARG A 71 12.65 2.54 -9.38
C ARG A 71 12.18 1.90 -8.09
N SER A 72 10.85 1.81 -7.93
CA SER A 72 10.27 1.21 -6.74
C SER A 72 9.11 0.28 -7.11
N LYS A 73 8.87 -0.72 -6.27
CA LYS A 73 7.80 -1.68 -6.49
C LYS A 73 6.43 -1.01 -6.50
N TYR A 74 6.35 0.15 -5.85
CA TYR A 74 5.09 0.91 -5.76
C TYR A 74 4.45 1.06 -7.13
N LEU A 75 5.28 1.43 -8.09
CA LEU A 75 4.84 1.63 -9.46
C LEU A 75 4.23 0.37 -10.06
N LYS A 76 5.00 -0.71 -10.08
CA LYS A 76 4.53 -1.98 -10.63
C LYS A 76 3.28 -2.47 -9.91
N SER A 77 3.30 -2.44 -8.58
CA SER A 77 2.17 -2.89 -7.78
C SER A 77 0.95 -2.02 -8.06
N LEU A 78 1.15 -0.71 -8.08
CA LEU A 78 0.05 0.22 -8.35
C LEU A 78 -0.41 0.07 -9.79
N LEU A 79 0.54 -0.20 -10.68
CA LEU A 79 0.23 -0.37 -12.09
C LEU A 79 -0.67 -1.58 -12.31
N SER A 80 -0.37 -2.66 -11.61
CA SER A 80 -1.15 -3.90 -11.73
C SER A 80 -2.51 -3.76 -11.05
N LEU A 81 -2.55 -3.10 -9.91
CA LEU A 81 -3.79 -2.93 -9.15
C LEU A 81 -4.64 -1.76 -9.68
N MET A 82 -4.06 -0.90 -10.52
CA MET A 82 -4.81 0.24 -11.04
C MET A 82 -5.65 -0.10 -12.28
N ASP A 83 -5.00 -0.30 -13.43
CA ASP A 83 -5.73 -0.60 -14.66
C ASP A 83 -4.85 -1.29 -15.70
N GLU A 84 -3.78 -1.93 -15.26
CA GLU A 84 -2.87 -2.62 -16.18
C GLU A 84 -3.41 -4.01 -16.52
N ASN A 85 -3.36 -4.34 -17.81
CA ASN A 85 -3.82 -5.64 -18.28
C ASN A 85 -3.07 -6.09 -19.53
N GLU A 86 -2.92 -5.17 -20.48
CA GLU A 86 -2.21 -5.46 -21.72
C GLU A 86 -0.70 -5.49 -21.50
N GLY A 87 -0.01 -6.35 -22.22
CA GLY A 87 1.43 -6.46 -22.09
C GLY A 87 2.05 -7.40 -23.10
N LYS A 1 1.56 -33.42 -12.92
CA LYS A 1 0.50 -32.96 -13.80
C LYS A 1 -0.70 -32.45 -12.99
N GLU A 2 -0.91 -33.04 -11.82
CA GLU A 2 -2.01 -32.65 -10.96
C GLU A 2 -1.51 -31.87 -9.74
N ALA A 3 -2.41 -31.08 -9.13
CA ALA A 3 -2.05 -30.28 -7.97
C ALA A 3 -0.94 -29.30 -8.28
N MET A 4 -1.27 -28.01 -8.27
CA MET A 4 -0.31 -26.95 -8.56
C MET A 4 -0.90 -25.58 -8.29
N ARG A 5 -1.23 -25.31 -7.03
CA ARG A 5 -1.80 -24.02 -6.65
C ARG A 5 -0.98 -23.38 -5.54
N MET A 6 -0.45 -22.18 -5.82
CA MET A 6 0.36 -21.45 -4.85
C MET A 6 0.13 -19.95 -4.94
N LEU A 7 0.30 -19.26 -3.81
CA LEU A 7 0.12 -17.82 -3.75
C LEU A 7 1.45 -17.10 -3.59
N MET A 8 1.64 -16.04 -4.36
CA MET A 8 2.87 -15.27 -4.31
C MET A 8 2.58 -13.77 -4.22
N ARG A 9 3.36 -13.05 -3.41
CA ARG A 9 3.16 -11.61 -3.25
C ARG A 9 4.44 -10.92 -2.77
N GLU A 10 5.16 -10.32 -3.72
CA GLU A 10 6.41 -9.62 -3.42
C GLU A 10 6.21 -8.12 -3.26
N GLU A 11 5.74 -7.50 -4.33
CA GLU A 11 5.51 -6.06 -4.35
C GLU A 11 4.70 -5.60 -3.15
N LEU A 12 3.71 -6.40 -2.75
CA LEU A 12 2.89 -6.06 -1.61
C LEU A 12 3.72 -6.03 -0.32
N GLU A 13 4.56 -7.03 -0.15
CA GLU A 13 5.43 -7.14 1.03
C GLU A 13 6.60 -6.15 0.97
N LYS A 14 7.11 -5.89 -0.22
CA LYS A 14 8.25 -4.97 -0.38
C LYS A 14 7.88 -3.55 0.03
N VAL A 15 6.65 -3.14 -0.27
CA VAL A 15 6.19 -1.80 0.07
C VAL A 15 5.74 -1.68 1.53
N LEU A 16 4.91 -2.61 1.98
CA LEU A 16 4.39 -2.57 3.35
C LEU A 16 5.48 -2.65 4.42
N LYS A 17 6.48 -3.50 4.22
CA LYS A 17 7.56 -3.66 5.22
C LYS A 17 8.35 -2.37 5.41
N THR A 18 8.31 -1.46 4.44
CA THR A 18 9.05 -0.20 4.55
C THR A 18 8.25 0.86 5.30
N LEU A 19 6.93 0.86 5.11
CA LEU A 19 6.07 1.83 5.77
C LEU A 19 5.92 1.52 7.25
N SER A 20 5.73 2.56 8.05
CA SER A 20 5.54 2.40 9.50
C SER A 20 4.19 1.77 9.77
N PRO A 21 3.97 1.26 11.00
CA PRO A 21 2.70 0.63 11.36
C PRO A 21 1.49 1.46 10.95
N ARG A 22 1.49 2.74 11.32
CA ARG A 22 0.39 3.63 10.99
C ARG A 22 0.32 3.91 9.49
N GLU A 23 1.49 4.06 8.86
CA GLU A 23 1.54 4.33 7.41
C GLU A 23 1.06 3.13 6.62
N ALA A 24 1.63 1.97 6.91
CA ALA A 24 1.26 0.74 6.22
C ALA A 24 -0.21 0.40 6.46
N MET A 25 -0.69 0.66 7.67
CA MET A 25 -2.07 0.35 8.02
C MET A 25 -3.05 1.10 7.10
N VAL A 26 -2.73 2.35 6.78
CA VAL A 26 -3.60 3.16 5.92
C VAL A 26 -3.71 2.50 4.56
N LEU A 27 -2.62 1.92 4.07
CA LEU A 27 -2.64 1.26 2.79
C LEU A 27 -3.30 -0.11 2.92
N ARG A 28 -3.20 -0.71 4.12
CA ARG A 28 -3.82 -2.00 4.36
C ARG A 28 -5.30 -1.88 4.08
N MET A 29 -5.90 -0.83 4.62
CA MET A 29 -7.32 -0.56 4.43
C MET A 29 -7.58 -0.27 2.96
N ARG A 30 -6.71 0.56 2.37
CA ARG A 30 -6.84 0.93 0.96
C ARG A 30 -6.73 -0.29 0.06
N TYR A 31 -5.95 -1.28 0.49
CA TYR A 31 -5.76 -2.51 -0.29
C TYR A 31 -6.92 -3.48 -0.09
N GLY A 32 -7.66 -3.32 1.00
CA GLY A 32 -8.78 -4.21 1.27
C GLY A 32 -8.33 -5.49 1.95
N LEU A 33 -7.16 -5.45 2.57
CA LEU A 33 -6.59 -6.60 3.26
C LEU A 33 -7.25 -6.84 4.62
N LEU A 34 -7.73 -5.77 5.23
CA LEU A 34 -8.38 -5.85 6.54
C LEU A 34 -9.61 -6.75 6.52
N ASP A 35 -10.46 -6.59 5.51
CA ASP A 35 -11.69 -7.40 5.42
C ASP A 35 -11.81 -8.10 4.06
N GLY A 36 -10.94 -7.77 3.13
CA GLY A 36 -11.02 -8.39 1.81
C GLY A 36 -11.66 -7.50 0.76
N LYS A 37 -12.13 -6.33 1.19
CA LYS A 37 -12.78 -5.38 0.30
C LYS A 37 -12.05 -4.06 0.28
N PRO A 38 -11.32 -3.73 -0.80
CA PRO A 38 -10.57 -2.49 -0.90
C PRO A 38 -11.44 -1.26 -0.68
N LYS A 39 -10.93 -0.31 0.09
CA LYS A 39 -11.65 0.91 0.39
C LYS A 39 -10.87 2.12 -0.10
N THR A 40 -11.58 3.22 -0.36
CA THR A 40 -10.92 4.44 -0.82
C THR A 40 -10.25 5.16 0.33
N LEU A 41 -9.30 6.04 0.01
CA LEU A 41 -8.58 6.77 1.05
C LEU A 41 -9.55 7.54 1.96
N GLU A 42 -10.63 8.04 1.36
CA GLU A 42 -11.63 8.80 2.12
C GLU A 42 -12.10 8.03 3.34
N GLU A 43 -12.28 6.72 3.18
CA GLU A 43 -12.72 5.86 4.28
C GLU A 43 -11.58 5.62 5.27
N VAL A 44 -10.39 5.36 4.76
CA VAL A 44 -9.23 5.09 5.60
C VAL A 44 -8.78 6.33 6.37
N GLY A 45 -8.52 7.42 5.65
CA GLY A 45 -8.09 8.64 6.30
C GLY A 45 -9.09 9.12 7.33
N GLN A 46 -10.36 9.21 6.91
CA GLN A 46 -11.42 9.64 7.81
C GLN A 46 -11.59 8.66 8.97
N TYR A 47 -11.22 7.40 8.74
CA TYR A 47 -11.33 6.38 9.77
C TYR A 47 -10.43 6.74 10.95
N PHE A 48 -9.26 7.28 10.66
CA PHE A 48 -8.32 7.69 11.70
C PHE A 48 -8.54 9.15 12.07
N ASN A 49 -7.85 10.05 11.36
CA ASN A 49 -7.99 11.48 11.61
C ASN A 49 -7.18 12.29 10.61
N VAL A 50 -7.04 11.77 9.40
CA VAL A 50 -6.27 12.45 8.37
C VAL A 50 -6.89 12.31 6.98
N THR A 51 -6.67 13.32 6.14
CA THR A 51 -7.19 13.32 4.79
C THR A 51 -6.26 12.58 3.83
N ARG A 52 -6.61 12.57 2.55
CA ARG A 52 -5.80 11.90 1.53
C ARG A 52 -4.35 12.37 1.58
N GLU A 53 -4.16 13.64 1.92
CA GLU A 53 -2.84 14.23 1.98
C GLU A 53 -1.86 13.42 2.84
N ARG A 54 -2.35 12.77 3.89
CA ARG A 54 -1.47 11.99 4.75
C ARG A 54 -0.90 10.78 4.00
N ILE A 55 -1.76 9.97 3.40
CA ILE A 55 -1.27 8.83 2.63
C ILE A 55 -0.49 9.36 1.42
N ARG A 56 -0.93 10.51 0.93
CA ARG A 56 -0.26 11.18 -0.17
C ARG A 56 1.19 11.40 0.21
N GLN A 57 1.39 11.81 1.46
CA GLN A 57 2.72 12.03 2.01
C GLN A 57 3.46 10.72 2.17
N ILE A 58 2.77 9.70 2.69
CA ILE A 58 3.38 8.38 2.89
C ILE A 58 3.94 7.83 1.58
N GLU A 59 3.15 7.94 0.51
CA GLU A 59 3.60 7.46 -0.80
C GLU A 59 4.95 8.08 -1.16
N VAL A 60 5.06 9.39 -0.96
CA VAL A 60 6.30 10.10 -1.25
C VAL A 60 7.40 9.69 -0.28
N LYS A 61 7.14 9.85 1.02
CA LYS A 61 8.11 9.48 2.04
C LYS A 61 8.54 8.02 1.91
N ALA A 62 7.61 7.16 1.50
CA ALA A 62 7.92 5.76 1.32
C ALA A 62 9.04 5.61 0.29
N LEU A 63 8.92 6.38 -0.79
CA LEU A 63 9.92 6.38 -1.85
C LEU A 63 11.25 6.94 -1.34
N ARG A 64 11.18 8.05 -0.61
CA ARG A 64 12.37 8.67 -0.06
C ARG A 64 13.01 7.76 1.00
N LYS A 65 12.15 7.11 1.78
CA LYS A 65 12.59 6.23 2.85
C LYS A 65 13.39 5.03 2.31
N LEU A 66 12.97 4.50 1.16
CA LEU A 66 13.66 3.35 0.57
C LEU A 66 15.00 3.75 -0.04
N ARG A 67 14.99 4.77 -0.91
CA ARG A 67 16.21 5.22 -1.55
C ARG A 67 16.09 6.64 -2.06
N HIS A 68 15.32 6.81 -3.14
CA HIS A 68 15.08 8.12 -3.72
C HIS A 68 13.67 8.17 -4.29
N PRO A 69 13.20 9.32 -4.78
CA PRO A 69 11.85 9.44 -5.34
C PRO A 69 11.71 8.73 -6.68
N SER A 70 12.84 8.25 -7.21
CA SER A 70 12.85 7.54 -8.48
C SER A 70 11.85 6.39 -8.48
N ARG A 71 11.56 5.84 -9.65
CA ARG A 71 10.61 4.74 -9.77
C ARG A 71 11.01 3.57 -8.87
N SER A 72 10.01 2.87 -8.35
CA SER A 72 10.25 1.72 -7.46
C SER A 72 9.10 0.73 -7.55
N LYS A 73 9.17 -0.31 -6.72
CA LYS A 73 8.13 -1.35 -6.69
C LYS A 73 6.75 -0.74 -6.46
N TYR A 74 6.69 0.34 -5.70
CA TYR A 74 5.42 1.01 -5.41
C TYR A 74 4.71 1.40 -6.70
N LEU A 75 5.47 1.98 -7.61
CA LEU A 75 4.96 2.43 -8.89
C LEU A 75 4.47 1.26 -9.74
N LYS A 76 5.38 0.35 -10.06
CA LYS A 76 5.05 -0.82 -10.88
C LYS A 76 3.96 -1.67 -10.23
N SER A 77 3.99 -1.77 -8.90
CA SER A 77 3.01 -2.54 -8.16
C SER A 77 1.61 -1.99 -8.40
N LEU A 78 1.48 -0.68 -8.35
CA LEU A 78 0.18 -0.04 -8.57
C LEU A 78 -0.24 -0.20 -10.02
N LEU A 79 0.73 -0.15 -10.92
CA LEU A 79 0.48 -0.29 -12.35
C LEU A 79 0.02 -1.70 -12.67
N SER A 80 0.63 -2.69 -12.02
CA SER A 80 0.29 -4.09 -12.24
C SER A 80 -1.10 -4.42 -11.68
N LEU A 81 -1.50 -3.72 -10.63
CA LEU A 81 -2.78 -3.96 -9.99
C LEU A 81 -3.95 -3.41 -10.81
N MET A 82 -3.74 -2.36 -11.61
CA MET A 82 -4.81 -1.79 -12.40
C MET A 82 -4.96 -2.43 -13.79
N ASP A 83 -5.65 -1.77 -14.71
CA ASP A 83 -5.83 -2.32 -16.05
C ASP A 83 -4.65 -2.05 -16.98
N GLU A 84 -3.54 -1.60 -16.41
CA GLU A 84 -2.35 -1.32 -17.22
C GLU A 84 -1.60 -2.60 -17.56
N ASN A 85 -1.41 -2.84 -18.84
CA ASN A 85 -0.71 -4.04 -19.31
C ASN A 85 0.78 -3.75 -19.51
N GLU A 86 1.09 -2.98 -20.56
CA GLU A 86 2.47 -2.63 -20.87
C GLU A 86 2.98 -1.55 -19.91
N GLY A 87 4.26 -1.63 -19.57
CA GLY A 87 4.85 -0.65 -18.67
C GLY A 87 5.17 0.66 -19.37
N LYS A 1 -10.85 -24.17 7.91
CA LYS A 1 -10.72 -23.90 9.35
C LYS A 1 -9.26 -23.73 9.74
N GLU A 2 -8.39 -24.51 9.09
CA GLU A 2 -6.95 -24.45 9.38
C GLU A 2 -6.18 -23.88 8.19
N ALA A 3 -4.99 -23.35 8.46
CA ALA A 3 -4.15 -22.78 7.42
C ALA A 3 -3.11 -23.78 6.94
N MET A 4 -2.84 -23.76 5.63
CA MET A 4 -1.86 -24.67 5.05
C MET A 4 -1.67 -24.40 3.56
N ARG A 5 -2.77 -24.08 2.87
CA ARG A 5 -2.71 -23.79 1.45
C ARG A 5 -2.86 -22.29 1.21
N MET A 6 -2.72 -21.89 -0.06
CA MET A 6 -2.81 -20.48 -0.43
C MET A 6 -1.61 -19.68 0.07
N LEU A 7 -1.00 -18.91 -0.82
CA LEU A 7 0.15 -18.08 -0.46
C LEU A 7 -0.21 -16.60 -0.48
N MET A 8 0.47 -15.84 0.37
CA MET A 8 0.23 -14.40 0.46
C MET A 8 1.00 -13.64 -0.63
N ARG A 9 0.42 -12.55 -1.13
CA ARG A 9 1.07 -11.77 -2.17
C ARG A 9 2.43 -11.24 -1.72
N GLU A 10 3.38 -11.18 -2.65
CA GLU A 10 4.73 -10.71 -2.35
C GLU A 10 4.81 -9.19 -2.30
N GLU A 11 4.38 -8.56 -3.40
CA GLU A 11 4.43 -7.13 -3.52
C GLU A 11 3.78 -6.43 -2.32
N LEU A 12 2.75 -7.04 -1.75
CA LEU A 12 2.08 -6.47 -0.61
C LEU A 12 3.05 -6.32 0.56
N GLU A 13 3.84 -7.37 0.81
CA GLU A 13 4.83 -7.37 1.89
C GLU A 13 6.09 -6.58 1.53
N LYS A 14 6.48 -6.63 0.26
CA LYS A 14 7.69 -5.93 -0.18
C LYS A 14 7.55 -4.42 -0.01
N VAL A 15 6.36 -3.91 -0.22
CA VAL A 15 6.12 -2.47 -0.10
C VAL A 15 5.96 -2.02 1.35
N LEU A 16 5.31 -2.83 2.17
CA LEU A 16 5.09 -2.47 3.58
C LEU A 16 6.39 -2.35 4.40
N LYS A 17 7.42 -3.11 4.03
CA LYS A 17 8.68 -3.08 4.78
C LYS A 17 9.26 -1.66 4.86
N THR A 18 8.97 -0.81 3.89
CA THR A 18 9.48 0.56 3.91
C THR A 18 8.57 1.50 4.67
N LEU A 19 7.26 1.29 4.55
CA LEU A 19 6.29 2.12 5.24
C LEU A 19 6.19 1.77 6.72
N SER A 20 5.90 2.76 7.55
CA SER A 20 5.75 2.55 8.99
C SER A 20 4.47 1.78 9.28
N PRO A 21 4.34 1.20 10.48
CA PRO A 21 3.15 0.42 10.85
C PRO A 21 1.86 1.17 10.56
N ARG A 22 1.82 2.46 10.88
CA ARG A 22 0.63 3.28 10.64
C ARG A 22 0.49 3.66 9.17
N GLU A 23 1.62 3.88 8.50
CA GLU A 23 1.60 4.25 7.09
C GLU A 23 1.12 3.09 6.23
N ALA A 24 1.70 1.91 6.46
CA ALA A 24 1.32 0.72 5.71
C ALA A 24 -0.12 0.32 6.00
N MET A 25 -0.52 0.42 7.25
CA MET A 25 -1.87 0.03 7.65
C MET A 25 -2.92 0.84 6.90
N VAL A 26 -2.69 2.15 6.74
CA VAL A 26 -3.64 3.01 6.04
C VAL A 26 -3.79 2.54 4.60
N LEU A 27 -2.70 2.09 4.01
CA LEU A 27 -2.74 1.61 2.63
C LEU A 27 -3.41 0.24 2.60
N ARG A 28 -3.17 -0.59 3.63
CA ARG A 28 -3.77 -1.90 3.71
C ARG A 28 -5.28 -1.73 3.67
N MET A 29 -5.76 -0.68 4.35
CA MET A 29 -7.17 -0.37 4.38
C MET A 29 -7.64 0.00 2.98
N ARG A 30 -6.83 0.79 2.28
CA ARG A 30 -7.14 1.21 0.93
C ARG A 30 -7.03 0.06 -0.06
N TYR A 31 -6.12 -0.89 0.24
CA TYR A 31 -5.90 -2.04 -0.64
C TYR A 31 -6.97 -3.11 -0.43
N GLY A 32 -7.58 -3.13 0.75
CA GLY A 32 -8.59 -4.14 1.04
C GLY A 32 -7.99 -5.43 1.57
N LEU A 33 -6.80 -5.32 2.16
CA LEU A 33 -6.10 -6.47 2.71
C LEU A 33 -6.72 -6.95 4.01
N LEU A 34 -7.34 -6.02 4.75
CA LEU A 34 -7.97 -6.35 6.03
C LEU A 34 -8.92 -7.55 5.91
N ASP A 35 -9.91 -7.45 5.03
CA ASP A 35 -10.87 -8.53 4.86
C ASP A 35 -11.02 -8.97 3.39
N GLY A 36 -10.24 -8.36 2.51
CA GLY A 36 -10.32 -8.72 1.10
C GLY A 36 -11.19 -7.77 0.30
N LYS A 37 -11.51 -6.62 0.88
CA LYS A 37 -12.35 -5.62 0.23
C LYS A 37 -11.63 -4.28 0.15
N PRO A 38 -11.15 -3.89 -1.04
CA PRO A 38 -10.45 -2.61 -1.23
C PRO A 38 -11.37 -1.41 -1.06
N LYS A 39 -10.89 -0.43 -0.30
CA LYS A 39 -11.66 0.78 -0.05
C LYS A 39 -10.92 2.00 -0.57
N THR A 40 -11.67 3.05 -0.93
CA THR A 40 -11.05 4.27 -1.43
C THR A 40 -10.47 5.09 -0.30
N LEU A 41 -9.64 6.08 -0.63
CA LEU A 41 -9.03 6.91 0.40
C LEU A 41 -10.08 7.55 1.30
N GLU A 42 -11.24 7.84 0.73
CA GLU A 42 -12.33 8.45 1.50
C GLU A 42 -12.64 7.66 2.76
N GLU A 43 -12.70 6.34 2.63
CA GLU A 43 -12.98 5.45 3.75
C GLU A 43 -11.75 5.27 4.63
N VAL A 44 -10.58 5.20 3.99
CA VAL A 44 -9.33 5.00 4.71
C VAL A 44 -8.97 6.20 5.60
N GLY A 45 -8.84 7.37 4.98
CA GLY A 45 -8.51 8.56 5.74
C GLY A 45 -9.53 8.85 6.81
N GLN A 46 -10.80 8.82 6.42
CA GLN A 46 -11.89 9.07 7.36
C GLN A 46 -11.91 8.02 8.46
N TYR A 47 -11.43 6.82 8.14
CA TYR A 47 -11.40 5.73 9.10
C TYR A 47 -10.55 6.11 10.30
N PHE A 48 -9.43 6.78 10.04
CA PHE A 48 -8.53 7.23 11.11
C PHE A 48 -8.89 8.65 11.53
N ASN A 49 -8.26 9.63 10.90
CA ASN A 49 -8.53 11.03 11.22
C ASN A 49 -7.73 11.97 10.31
N VAL A 50 -7.49 11.53 9.08
CA VAL A 50 -6.71 12.33 8.14
C VAL A 50 -7.27 12.23 6.71
N THR A 51 -7.02 13.28 5.93
CA THR A 51 -7.47 13.34 4.54
C THR A 51 -6.42 12.73 3.60
N ARG A 52 -6.64 12.90 2.30
CA ARG A 52 -5.71 12.39 1.29
C ARG A 52 -4.29 12.87 1.54
N GLU A 53 -4.18 14.06 2.11
CA GLU A 53 -2.88 14.67 2.38
C GLU A 53 -1.95 13.76 3.20
N ARG A 54 -2.51 12.99 4.13
CA ARG A 54 -1.67 12.11 4.94
C ARG A 54 -1.06 11.00 4.09
N ILE A 55 -1.86 10.32 3.28
CA ILE A 55 -1.33 9.29 2.40
C ILE A 55 -0.42 9.97 1.36
N ARG A 56 -0.79 11.19 1.02
CA ARG A 56 0.00 11.99 0.09
C ARG A 56 1.41 12.14 0.65
N GLN A 57 1.48 12.32 1.96
CA GLN A 57 2.75 12.44 2.67
C GLN A 57 3.50 11.11 2.68
N ILE A 58 2.78 10.03 2.99
CA ILE A 58 3.38 8.70 3.04
C ILE A 58 4.01 8.35 1.69
N GLU A 59 3.28 8.60 0.60
CA GLU A 59 3.79 8.30 -0.73
C GLU A 59 5.14 9.00 -0.94
N VAL A 60 5.23 10.25 -0.48
CA VAL A 60 6.46 11.02 -0.60
C VAL A 60 7.55 10.43 0.29
N LYS A 61 7.29 10.35 1.59
CA LYS A 61 8.26 9.80 2.53
C LYS A 61 8.66 8.38 2.14
N ALA A 62 7.70 7.60 1.65
CA ALA A 62 7.99 6.24 1.23
C ALA A 62 9.10 6.26 0.19
N LEU A 63 9.00 7.22 -0.72
CA LEU A 63 10.01 7.40 -1.76
C LEU A 63 11.34 7.85 -1.16
N ARG A 64 11.27 8.77 -0.21
CA ARG A 64 12.46 9.27 0.46
C ARG A 64 13.13 8.14 1.25
N LYS A 65 12.31 7.34 1.92
CA LYS A 65 12.79 6.24 2.73
C LYS A 65 13.48 5.16 1.87
N LEU A 66 13.14 5.09 0.60
CA LEU A 66 13.73 4.10 -0.29
C LEU A 66 15.16 4.46 -0.66
N ARG A 67 15.36 5.66 -1.21
CA ARG A 67 16.69 6.11 -1.59
C ARG A 67 17.51 4.97 -2.22
N HIS A 68 16.89 4.27 -3.17
CA HIS A 68 17.56 3.19 -3.87
C HIS A 68 17.16 3.23 -5.34
N PRO A 69 17.89 3.97 -6.19
CA PRO A 69 17.56 4.06 -7.61
C PRO A 69 17.79 2.75 -8.36
N SER A 70 16.70 2.11 -8.77
CA SER A 70 16.77 0.84 -9.49
C SER A 70 15.36 0.33 -9.83
N ARG A 71 14.70 -0.29 -8.86
CA ARG A 71 13.35 -0.81 -9.06
C ARG A 71 12.66 -1.07 -7.72
N SER A 72 11.44 -0.55 -7.58
CA SER A 72 10.67 -0.73 -6.36
C SER A 72 9.32 -1.37 -6.66
N LYS A 73 8.85 -2.22 -5.75
CA LYS A 73 7.57 -2.90 -5.91
C LYS A 73 6.40 -1.92 -5.87
N TYR A 74 6.61 -0.78 -5.21
CA TYR A 74 5.58 0.24 -5.09
C TYR A 74 5.00 0.59 -6.46
N LEU A 75 5.90 0.76 -7.42
CA LEU A 75 5.52 1.10 -8.79
C LEU A 75 4.64 0.03 -9.41
N LYS A 76 5.18 -1.16 -9.59
CA LYS A 76 4.45 -2.26 -10.19
C LYS A 76 3.22 -2.64 -9.36
N SER A 77 3.36 -2.55 -8.03
CA SER A 77 2.25 -2.88 -7.14
C SER A 77 1.09 -1.91 -7.35
N LEU A 78 1.40 -0.68 -7.72
CA LEU A 78 0.37 0.32 -7.95
C LEU A 78 -0.47 -0.06 -9.16
N LEU A 79 0.19 -0.57 -10.19
CA LEU A 79 -0.49 -0.99 -11.41
C LEU A 79 -1.34 -2.23 -11.14
N SER A 80 -0.87 -3.09 -10.25
CA SER A 80 -1.59 -4.31 -9.89
C SER A 80 -2.88 -4.01 -9.13
N LEU A 81 -2.89 -2.89 -8.42
CA LEU A 81 -4.06 -2.51 -7.63
C LEU A 81 -5.23 -2.06 -8.50
N MET A 82 -4.97 -1.32 -9.58
CA MET A 82 -6.05 -0.85 -10.44
C MET A 82 -5.60 -0.53 -11.87
N ASP A 83 -6.45 0.11 -12.66
CA ASP A 83 -6.10 0.43 -14.05
C ASP A 83 -5.28 1.71 -14.17
N GLU A 84 -4.21 1.80 -13.40
CA GLU A 84 -3.35 2.99 -13.44
C GLU A 84 -2.41 2.95 -14.65
N ASN A 85 -2.38 4.04 -15.40
CA ASN A 85 -1.53 4.13 -16.58
C ASN A 85 -1.15 5.58 -16.87
N GLU A 86 -0.61 5.81 -18.07
CA GLU A 86 -0.22 7.16 -18.47
C GLU A 86 -1.44 7.98 -18.89
N GLY A 87 -1.43 9.26 -18.53
CA GLY A 87 -2.53 10.13 -18.87
C GLY A 87 -2.09 11.56 -19.15
N LYS A 1 -14.86 -21.26 11.54
CA LYS A 1 -13.57 -21.42 10.88
C LYS A 1 -13.75 -21.88 9.43
N GLU A 2 -13.27 -21.06 8.50
CA GLU A 2 -13.39 -21.38 7.08
C GLU A 2 -12.01 -21.47 6.42
N ALA A 3 -11.92 -22.23 5.34
CA ALA A 3 -10.66 -22.39 4.62
C ALA A 3 -10.21 -21.08 3.98
N MET A 4 -8.90 -20.90 3.87
CA MET A 4 -8.33 -19.69 3.29
C MET A 4 -8.04 -19.88 1.80
N ARG A 5 -8.29 -18.84 1.00
CA ARG A 5 -8.04 -18.91 -0.43
C ARG A 5 -6.84 -18.06 -0.79
N MET A 6 -6.02 -17.73 0.20
CA MET A 6 -4.84 -16.90 -0.02
C MET A 6 -3.69 -17.32 0.91
N LEU A 7 -2.50 -17.47 0.34
CA LEU A 7 -1.32 -17.85 1.09
C LEU A 7 -0.48 -16.64 1.48
N MET A 8 0.25 -16.10 0.49
CA MET A 8 1.08 -14.94 0.73
C MET A 8 1.36 -14.20 -0.58
N ARG A 9 1.79 -12.93 -0.48
CA ARG A 9 2.07 -12.13 -1.67
C ARG A 9 3.45 -11.47 -1.57
N GLU A 10 4.07 -11.24 -2.73
CA GLU A 10 5.39 -10.62 -2.80
C GLU A 10 5.31 -9.11 -2.87
N GLU A 11 4.82 -8.61 -4.00
CA GLU A 11 4.71 -7.18 -4.23
C GLU A 11 3.89 -6.49 -3.15
N LEU A 12 2.89 -7.17 -2.64
CA LEU A 12 2.05 -6.61 -1.59
C LEU A 12 2.86 -6.40 -0.31
N GLU A 13 3.71 -7.37 0.01
CA GLU A 13 4.54 -7.30 1.21
C GLU A 13 5.72 -6.33 1.04
N LYS A 14 6.26 -6.24 -0.18
CA LYS A 14 7.39 -5.36 -0.44
C LYS A 14 7.03 -3.88 -0.22
N VAL A 15 5.80 -3.53 -0.57
CA VAL A 15 5.36 -2.14 -0.43
C VAL A 15 4.94 -1.81 1.01
N LEU A 16 4.13 -2.66 1.63
CA LEU A 16 3.66 -2.42 3.00
C LEU A 16 4.75 -2.62 4.06
N LYS A 17 5.62 -3.61 3.88
CA LYS A 17 6.67 -3.88 4.87
C LYS A 17 7.65 -2.71 5.02
N THR A 18 7.69 -1.82 4.04
CA THR A 18 8.62 -0.69 4.09
C THR A 18 8.00 0.50 4.82
N LEU A 19 6.68 0.64 4.75
CA LEU A 19 6.00 1.73 5.42
C LEU A 19 5.93 1.50 6.93
N SER A 20 5.79 2.60 7.68
CA SER A 20 5.70 2.52 9.14
C SER A 20 4.38 1.87 9.54
N PRO A 21 4.27 1.38 10.78
CA PRO A 21 3.05 0.73 11.27
C PRO A 21 1.80 1.52 10.92
N ARG A 22 1.78 2.81 11.30
CA ARG A 22 0.62 3.66 11.02
C ARG A 22 0.52 4.01 9.54
N GLU A 23 1.67 4.11 8.87
CA GLU A 23 1.68 4.44 7.45
C GLU A 23 1.11 3.29 6.62
N ALA A 24 1.66 2.10 6.82
CA ALA A 24 1.19 0.92 6.09
C ALA A 24 -0.24 0.57 6.47
N MET A 25 -0.64 0.89 7.68
CA MET A 25 -1.99 0.59 8.15
C MET A 25 -3.03 1.33 7.32
N VAL A 26 -2.74 2.58 6.95
CA VAL A 26 -3.67 3.36 6.14
C VAL A 26 -3.69 2.84 4.71
N LEU A 27 -2.54 2.39 4.23
CA LEU A 27 -2.44 1.86 2.88
C LEU A 27 -3.07 0.47 2.83
N ARG A 28 -2.91 -0.30 3.92
CA ARG A 28 -3.49 -1.63 3.99
C ARG A 28 -4.99 -1.51 3.81
N MET A 29 -5.55 -0.48 4.45
CA MET A 29 -6.98 -0.21 4.36
C MET A 29 -7.33 0.15 2.92
N ARG A 30 -6.51 1.02 2.32
CA ARG A 30 -6.71 1.45 0.94
C ARG A 30 -6.57 0.28 -0.02
N TYR A 31 -5.70 -0.67 0.33
CA TYR A 31 -5.47 -1.84 -0.52
C TYR A 31 -6.53 -2.91 -0.31
N GLY A 32 -7.22 -2.86 0.83
CA GLY A 32 -8.24 -3.85 1.12
C GLY A 32 -7.66 -5.12 1.71
N LEU A 33 -6.48 -5.00 2.31
CA LEU A 33 -5.80 -6.14 2.91
C LEU A 33 -6.41 -6.52 4.26
N LEU A 34 -6.95 -5.55 4.96
CA LEU A 34 -7.57 -5.78 6.27
C LEU A 34 -8.67 -6.83 6.21
N ASP A 35 -9.55 -6.74 5.21
CA ASP A 35 -10.65 -7.70 5.08
C ASP A 35 -10.69 -8.35 3.69
N GLY A 36 -9.84 -7.91 2.79
CA GLY A 36 -9.83 -8.47 1.45
C GLY A 36 -10.54 -7.60 0.43
N LYS A 37 -11.17 -6.53 0.91
CA LYS A 37 -11.90 -5.61 0.04
C LYS A 37 -11.30 -4.21 0.11
N PRO A 38 -10.80 -3.68 -1.02
CA PRO A 38 -10.20 -2.33 -1.06
C PRO A 38 -11.20 -1.24 -0.68
N LYS A 39 -10.72 -0.27 0.09
CA LYS A 39 -11.55 0.84 0.53
C LYS A 39 -10.99 2.16 0.02
N THR A 40 -11.88 3.12 -0.25
CA THR A 40 -11.44 4.41 -0.73
C THR A 40 -10.89 5.26 0.41
N LEU A 41 -10.16 6.33 0.06
CA LEU A 41 -9.57 7.18 1.08
C LEU A 41 -10.62 7.68 2.06
N GLU A 42 -11.81 7.96 1.57
CA GLU A 42 -12.90 8.44 2.41
C GLU A 42 -13.13 7.52 3.59
N GLU A 43 -12.99 6.22 3.36
CA GLU A 43 -13.18 5.22 4.41
C GLU A 43 -11.98 5.16 5.35
N VAL A 44 -10.78 5.09 4.77
CA VAL A 44 -9.56 5.01 5.57
C VAL A 44 -9.26 6.32 6.29
N GLY A 45 -9.23 7.42 5.55
CA GLY A 45 -8.94 8.70 6.16
C GLY A 45 -9.91 9.01 7.29
N GLN A 46 -11.20 8.95 6.99
CA GLN A 46 -12.24 9.21 7.99
C GLN A 46 -12.15 8.21 9.12
N TYR A 47 -11.66 7.00 8.82
CA TYR A 47 -11.53 5.95 9.82
C TYR A 47 -10.60 6.42 10.94
N PHE A 48 -9.53 7.11 10.55
CA PHE A 48 -8.58 7.63 11.52
C PHE A 48 -8.89 9.08 11.86
N ASN A 49 -8.27 10.02 11.13
CA ASN A 49 -8.50 11.44 11.35
C ASN A 49 -7.68 12.28 10.37
N VAL A 50 -7.48 11.77 9.17
CA VAL A 50 -6.69 12.47 8.17
C VAL A 50 -7.26 12.30 6.76
N THR A 51 -7.03 13.31 5.91
CA THR A 51 -7.49 13.30 4.53
C THR A 51 -6.46 12.68 3.61
N ARG A 52 -6.67 12.81 2.31
CA ARG A 52 -5.74 12.27 1.32
C ARG A 52 -4.32 12.77 1.54
N GLU A 53 -4.21 14.00 2.01
CA GLU A 53 -2.91 14.62 2.25
C GLU A 53 -1.97 13.73 3.08
N ARG A 54 -2.50 13.05 4.09
CA ARG A 54 -1.65 12.20 4.92
C ARG A 54 -1.13 11.01 4.13
N ILE A 55 -2.00 10.30 3.41
CA ILE A 55 -1.54 9.19 2.59
C ILE A 55 -0.69 9.74 1.46
N ARG A 56 -1.03 10.94 1.02
CA ARG A 56 -0.27 11.63 -0.02
C ARG A 56 1.17 11.76 0.45
N GLN A 57 1.32 12.08 1.73
CA GLN A 57 2.63 12.21 2.36
C GLN A 57 3.35 10.86 2.44
N ILE A 58 2.62 9.83 2.88
CA ILE A 58 3.17 8.49 3.01
C ILE A 58 3.69 7.98 1.66
N GLU A 59 2.88 8.18 0.60
CA GLU A 59 3.28 7.74 -0.74
C GLU A 59 4.64 8.35 -1.10
N VAL A 60 4.79 9.64 -0.81
CA VAL A 60 6.04 10.35 -1.10
C VAL A 60 7.17 9.84 -0.22
N LYS A 61 6.96 9.90 1.10
CA LYS A 61 7.96 9.43 2.06
C LYS A 61 8.33 7.98 1.80
N ALA A 62 7.35 7.16 1.42
CA ALA A 62 7.60 5.77 1.14
C ALA A 62 8.65 5.65 0.03
N LEU A 63 8.51 6.51 -0.97
CA LEU A 63 9.45 6.56 -2.09
C LEU A 63 10.83 7.01 -1.61
N ARG A 64 10.84 8.05 -0.79
CA ARG A 64 12.10 8.58 -0.26
C ARG A 64 12.76 7.55 0.66
N LYS A 65 11.97 6.99 1.56
CA LYS A 65 12.44 6.01 2.52
C LYS A 65 12.85 4.69 1.83
N LEU A 66 12.12 4.29 0.81
CA LEU A 66 12.43 3.05 0.09
C LEU A 66 13.60 3.23 -0.85
N ARG A 67 13.44 4.07 -1.87
CA ARG A 67 14.50 4.30 -2.84
C ARG A 67 14.40 5.68 -3.46
N HIS A 68 15.52 6.40 -3.48
CA HIS A 68 15.59 7.73 -4.06
C HIS A 68 15.82 7.60 -5.57
N PRO A 69 16.85 6.86 -6.00
CA PRO A 69 17.15 6.70 -7.42
C PRO A 69 15.94 6.23 -8.22
N SER A 70 15.44 5.04 -7.90
CA SER A 70 14.29 4.47 -8.58
C SER A 70 13.68 3.34 -7.76
N ARG A 71 12.62 2.71 -8.28
CA ARG A 71 11.96 1.62 -7.58
C ARG A 71 11.69 0.45 -8.52
N SER A 72 11.44 -0.72 -7.94
CA SER A 72 11.17 -1.92 -8.73
C SER A 72 9.75 -2.43 -8.46
N LYS A 73 9.59 -3.18 -7.37
CA LYS A 73 8.29 -3.74 -7.02
C LYS A 73 7.24 -2.65 -6.82
N TYR A 74 7.66 -1.51 -6.27
CA TYR A 74 6.76 -0.39 -6.02
C TYR A 74 6.03 0.01 -7.31
N LEU A 75 6.80 0.07 -8.39
CA LEU A 75 6.29 0.45 -9.68
C LEU A 75 5.29 -0.58 -10.23
N LYS A 76 5.76 -1.82 -10.39
CA LYS A 76 4.93 -2.90 -10.91
C LYS A 76 3.76 -3.19 -9.98
N SER A 77 4.00 -3.13 -8.68
CA SER A 77 2.96 -3.39 -7.69
C SER A 77 1.82 -2.38 -7.84
N LEU A 78 2.16 -1.10 -7.83
CA LEU A 78 1.17 -0.05 -7.98
C LEU A 78 0.57 -0.08 -9.38
N LEU A 79 1.41 -0.43 -10.35
CA LEU A 79 0.99 -0.50 -11.74
C LEU A 79 -0.03 -1.62 -11.93
N SER A 80 0.28 -2.79 -11.38
CA SER A 80 -0.62 -3.95 -11.49
C SER A 80 -1.82 -3.82 -10.56
N LEU A 81 -1.71 -2.95 -9.55
CA LEU A 81 -2.79 -2.76 -8.59
C LEU A 81 -3.99 -2.02 -9.18
N MET A 82 -3.76 -0.98 -9.98
CA MET A 82 -4.86 -0.22 -10.55
C MET A 82 -4.48 0.55 -11.82
N ASP A 83 -3.24 1.00 -11.92
CA ASP A 83 -2.79 1.78 -13.09
C ASP A 83 -2.56 0.91 -14.32
N GLU A 84 -2.77 -0.39 -14.18
CA GLU A 84 -2.58 -1.32 -15.31
C GLU A 84 -3.38 -2.60 -15.11
N ASN A 85 -4.39 -2.79 -15.95
CA ASN A 85 -5.24 -3.97 -15.87
C ASN A 85 -4.68 -5.10 -16.75
N GLU A 86 -4.79 -4.92 -18.07
CA GLU A 86 -4.31 -5.91 -19.02
C GLU A 86 -4.04 -5.29 -20.38
N GLY A 87 -4.98 -4.47 -20.84
CA GLY A 87 -4.84 -3.82 -22.12
C GLY A 87 -5.89 -2.76 -22.37
N LYS A 1 -3.89 -27.68 7.44
CA LYS A 1 -4.66 -26.94 6.44
C LYS A 1 -3.76 -25.98 5.67
N GLU A 2 -4.21 -25.60 4.48
CA GLU A 2 -3.44 -24.69 3.63
C GLU A 2 -3.24 -23.34 4.32
N ALA A 3 -4.24 -22.92 5.08
CA ALA A 3 -4.18 -21.65 5.80
C ALA A 3 -4.16 -21.85 7.31
N MET A 4 -2.97 -22.11 7.84
CA MET A 4 -2.82 -22.34 9.28
C MET A 4 -3.30 -21.12 10.07
N ARG A 5 -3.08 -19.93 9.52
CA ARG A 5 -3.49 -18.70 10.20
C ARG A 5 -3.98 -17.68 9.17
N MET A 6 -3.07 -17.17 8.37
CA MET A 6 -3.40 -16.17 7.34
C MET A 6 -2.46 -16.26 6.15
N LEU A 7 -2.90 -15.71 5.03
CA LEU A 7 -2.11 -15.72 3.80
C LEU A 7 -1.30 -14.44 3.66
N MET A 8 -0.13 -14.54 3.03
CA MET A 8 0.74 -13.39 2.83
C MET A 8 0.96 -13.13 1.34
N ARG A 9 1.31 -11.89 1.01
CA ARG A 9 1.54 -11.52 -0.39
C ARG A 9 2.94 -10.94 -0.60
N GLU A 10 3.43 -11.01 -1.82
CA GLU A 10 4.76 -10.50 -2.17
C GLU A 10 4.76 -8.98 -2.34
N GLU A 11 4.01 -8.52 -3.33
CA GLU A 11 3.94 -7.11 -3.63
C GLU A 11 3.53 -6.28 -2.43
N LEU A 12 2.66 -6.83 -1.59
CA LEU A 12 2.21 -6.13 -0.40
C LEU A 12 3.35 -5.99 0.61
N GLU A 13 4.12 -7.06 0.78
CA GLU A 13 5.24 -7.06 1.73
C GLU A 13 6.39 -6.16 1.26
N LYS A 14 6.67 -6.17 -0.05
CA LYS A 14 7.77 -5.36 -0.60
C LYS A 14 7.54 -3.87 -0.38
N VAL A 15 6.28 -3.45 -0.45
CA VAL A 15 5.94 -2.05 -0.28
C VAL A 15 5.80 -1.65 1.20
N LEU A 16 5.15 -2.50 1.99
CA LEU A 16 4.95 -2.20 3.42
C LEU A 16 6.25 -2.11 4.22
N LYS A 17 7.26 -2.88 3.85
CA LYS A 17 8.53 -2.87 4.58
C LYS A 17 9.14 -1.46 4.69
N THR A 18 8.79 -0.58 3.76
CA THR A 18 9.33 0.78 3.79
C THR A 18 8.47 1.71 4.64
N LEU A 19 7.16 1.51 4.60
CA LEU A 19 6.25 2.33 5.39
C LEU A 19 6.22 1.90 6.85
N SER A 20 6.00 2.86 7.74
CA SER A 20 5.92 2.58 9.17
C SER A 20 4.62 1.82 9.49
N PRO A 21 4.57 1.12 10.62
CA PRO A 21 3.39 0.35 11.02
C PRO A 21 2.11 1.18 10.94
N ARG A 22 2.24 2.49 11.12
CA ARG A 22 1.08 3.39 11.07
C ARG A 22 0.77 3.83 9.65
N GLU A 23 1.82 4.12 8.87
CA GLU A 23 1.63 4.56 7.50
C GLU A 23 1.08 3.43 6.63
N ALA A 24 1.69 2.25 6.75
CA ALA A 24 1.25 1.09 5.99
C ALA A 24 -0.16 0.69 6.36
N MET A 25 -0.53 0.86 7.62
CA MET A 25 -1.86 0.49 8.10
C MET A 25 -2.94 1.25 7.32
N VAL A 26 -2.71 2.55 7.07
CA VAL A 26 -3.69 3.35 6.34
C VAL A 26 -3.85 2.81 4.92
N LEU A 27 -2.73 2.46 4.30
CA LEU A 27 -2.76 1.93 2.95
C LEU A 27 -3.38 0.53 2.97
N ARG A 28 -3.18 -0.20 4.08
CA ARG A 28 -3.75 -1.53 4.21
C ARG A 28 -5.26 -1.42 4.04
N MET A 29 -5.82 -0.35 4.61
CA MET A 29 -7.24 -0.09 4.52
C MET A 29 -7.61 0.18 3.07
N ARG A 30 -6.83 1.04 2.42
CA ARG A 30 -7.06 1.39 1.03
C ARG A 30 -6.84 0.21 0.11
N TYR A 31 -5.91 -0.67 0.49
CA TYR A 31 -5.59 -1.85 -0.31
C TYR A 31 -6.65 -2.95 -0.14
N GLY A 32 -7.28 -2.99 1.03
CA GLY A 32 -8.29 -4.02 1.28
C GLY A 32 -7.68 -5.28 1.89
N LEU A 33 -6.59 -5.09 2.62
CA LEU A 33 -5.90 -6.22 3.26
C LEU A 33 -6.64 -6.71 4.51
N LEU A 34 -7.35 -5.80 5.16
CA LEU A 34 -8.09 -6.14 6.38
C LEU A 34 -9.13 -7.23 6.14
N ASP A 35 -9.89 -7.13 5.04
CA ASP A 35 -10.91 -8.12 4.73
C ASP A 35 -10.75 -8.71 3.33
N GLY A 36 -9.84 -8.17 2.54
CA GLY A 36 -9.64 -8.67 1.19
C GLY A 36 -10.30 -7.80 0.12
N LYS A 37 -11.03 -6.79 0.57
CA LYS A 37 -11.72 -5.88 -0.35
C LYS A 37 -11.18 -4.46 -0.21
N PRO A 38 -10.50 -3.93 -1.25
CA PRO A 38 -9.93 -2.58 -1.22
C PRO A 38 -10.99 -1.51 -1.01
N LYS A 39 -10.64 -0.50 -0.22
CA LYS A 39 -11.54 0.61 0.07
C LYS A 39 -10.96 1.91 -0.43
N THR A 40 -11.83 2.88 -0.70
CA THR A 40 -11.37 4.18 -1.17
C THR A 40 -10.81 5.00 -0.02
N LEU A 41 -10.08 6.07 -0.35
CA LEU A 41 -9.48 6.92 0.69
C LEU A 41 -10.54 7.40 1.68
N GLU A 42 -11.75 7.61 1.20
CA GLU A 42 -12.84 8.08 2.05
C GLU A 42 -12.97 7.22 3.30
N GLU A 43 -13.04 5.91 3.11
CA GLU A 43 -13.16 4.97 4.22
C GLU A 43 -11.88 4.92 5.04
N VAL A 44 -10.74 5.04 4.37
CA VAL A 44 -9.45 4.98 5.03
C VAL A 44 -9.19 6.21 5.90
N GLY A 45 -9.26 7.39 5.30
CA GLY A 45 -9.02 8.61 6.05
C GLY A 45 -10.06 8.82 7.13
N GLN A 46 -11.32 8.69 6.76
CA GLN A 46 -12.42 8.88 7.70
C GLN A 46 -12.32 7.88 8.85
N TYR A 47 -11.76 6.70 8.56
CA TYR A 47 -11.61 5.67 9.57
C TYR A 47 -10.68 6.14 10.67
N PHE A 48 -9.65 6.89 10.30
CA PHE A 48 -8.70 7.43 11.25
C PHE A 48 -9.07 8.87 11.61
N ASN A 49 -8.47 9.83 10.91
CA ASN A 49 -8.75 11.24 11.16
C ASN A 49 -7.94 12.13 10.22
N VAL A 50 -7.71 11.65 9.00
CA VAL A 50 -6.92 12.40 8.03
C VAL A 50 -7.48 12.27 6.62
N THR A 51 -7.22 13.28 5.79
CA THR A 51 -7.68 13.30 4.41
C THR A 51 -6.62 12.68 3.49
N ARG A 52 -6.83 12.83 2.18
CA ARG A 52 -5.90 12.30 1.19
C ARG A 52 -4.47 12.79 1.44
N GLU A 53 -4.36 14.00 1.97
CA GLU A 53 -3.07 14.61 2.24
C GLU A 53 -2.15 13.72 3.07
N ARG A 54 -2.70 13.00 4.05
CA ARG A 54 -1.87 12.12 4.88
C ARG A 54 -1.32 10.95 4.06
N ILE A 55 -2.16 10.27 3.30
CA ILE A 55 -1.68 9.19 2.46
C ILE A 55 -0.79 9.77 1.37
N ARG A 56 -1.12 10.99 0.97
CA ARG A 56 -0.34 11.72 -0.02
C ARG A 56 1.10 11.83 0.48
N GLN A 57 1.22 12.09 1.78
CA GLN A 57 2.51 12.20 2.44
C GLN A 57 3.23 10.84 2.46
N ILE A 58 2.51 9.79 2.87
CA ILE A 58 3.07 8.45 2.93
C ILE A 58 3.56 8.00 1.56
N GLU A 59 2.74 8.20 0.52
CA GLU A 59 3.13 7.83 -0.83
C GLU A 59 4.43 8.51 -1.21
N VAL A 60 4.56 9.78 -0.84
CA VAL A 60 5.77 10.53 -1.13
C VAL A 60 6.97 9.97 -0.36
N LYS A 61 6.85 9.91 0.96
CA LYS A 61 7.92 9.38 1.80
C LYS A 61 8.29 7.96 1.39
N ALA A 62 7.28 7.16 1.04
CA ALA A 62 7.54 5.79 0.61
C ALA A 62 8.44 5.81 -0.62
N LEU A 63 8.17 6.76 -1.51
CA LEU A 63 8.95 6.93 -2.72
C LEU A 63 10.36 7.38 -2.40
N ARG A 64 10.48 8.36 -1.52
CA ARG A 64 11.78 8.87 -1.11
C ARG A 64 12.55 7.80 -0.35
N LYS A 65 11.86 7.15 0.58
CA LYS A 65 12.46 6.10 1.39
C LYS A 65 12.83 4.86 0.57
N LEU A 66 12.08 4.60 -0.49
CA LEU A 66 12.35 3.44 -1.34
C LEU A 66 13.53 3.70 -2.28
N ARG A 67 14.06 4.92 -2.24
CA ARG A 67 15.18 5.26 -3.11
C ARG A 67 16.31 4.25 -3.02
N HIS A 68 16.47 3.66 -1.84
CA HIS A 68 17.49 2.65 -1.61
C HIS A 68 17.25 1.47 -2.56
N PRO A 69 18.30 0.90 -3.15
CA PRO A 69 18.13 -0.23 -4.08
C PRO A 69 17.74 -1.52 -3.37
N SER A 70 16.88 -2.30 -4.02
CA SER A 70 16.41 -3.57 -3.46
C SER A 70 15.44 -4.25 -4.42
N ARG A 71 14.18 -3.81 -4.41
CA ARG A 71 13.16 -4.39 -5.28
C ARG A 71 12.25 -3.31 -5.87
N SER A 72 11.82 -3.51 -7.11
CA SER A 72 10.95 -2.56 -7.78
C SER A 72 9.49 -2.97 -7.66
N LYS A 73 9.20 -3.85 -6.71
CA LYS A 73 7.84 -4.35 -6.49
C LYS A 73 6.87 -3.21 -6.21
N TYR A 74 7.38 -2.13 -5.62
CA TYR A 74 6.56 -0.96 -5.29
C TYR A 74 5.88 -0.41 -6.55
N LEU A 75 6.70 -0.19 -7.57
CA LEU A 75 6.25 0.35 -8.84
C LEU A 75 5.17 -0.53 -9.46
N LYS A 76 5.55 -1.75 -9.83
CA LYS A 76 4.63 -2.68 -10.46
C LYS A 76 3.39 -2.92 -9.59
N SER A 77 3.60 -3.03 -8.29
CA SER A 77 2.49 -3.27 -7.36
C SER A 77 1.51 -2.11 -7.40
N LEU A 78 2.02 -0.89 -7.43
CA LEU A 78 1.18 0.30 -7.48
C LEU A 78 0.44 0.36 -8.81
N LEU A 79 1.14 -0.04 -9.88
CA LEU A 79 0.57 -0.04 -11.21
C LEU A 79 -0.52 -1.11 -11.33
N SER A 80 -0.26 -2.27 -10.72
CA SER A 80 -1.20 -3.39 -10.76
C SER A 80 -2.47 -3.08 -9.97
N LEU A 81 -2.36 -2.18 -9.01
CA LEU A 81 -3.50 -1.81 -8.17
C LEU A 81 -4.53 -0.95 -8.90
N MET A 82 -4.09 0.18 -9.48
CA MET A 82 -5.04 1.05 -10.17
C MET A 82 -4.35 2.07 -11.09
N ASP A 83 -3.08 2.36 -10.86
CA ASP A 83 -2.36 3.35 -11.66
C ASP A 83 -2.15 2.90 -13.11
N GLU A 84 -2.12 1.59 -13.32
CA GLU A 84 -1.93 1.06 -14.68
C GLU A 84 -3.24 1.06 -15.46
N ASN A 85 -3.22 1.66 -16.64
CA ASN A 85 -4.40 1.74 -17.50
C ASN A 85 -4.41 0.60 -18.52
N GLU A 86 -3.23 0.10 -18.85
CA GLU A 86 -3.10 -0.98 -19.81
C GLU A 86 -3.45 -2.32 -19.17
N GLY A 87 -4.15 -3.17 -19.93
CA GLY A 87 -4.53 -4.47 -19.43
C GLY A 87 -3.68 -5.59 -19.99
N LYS A 1 -4.42 -30.40 8.04
CA LYS A 1 -4.13 -29.41 9.07
C LYS A 1 -3.62 -28.12 8.44
N GLU A 2 -4.50 -27.40 7.76
CA GLU A 2 -4.13 -26.15 7.11
C GLU A 2 -3.59 -25.14 8.12
N ALA A 3 -2.58 -24.38 7.71
CA ALA A 3 -1.98 -23.38 8.58
C ALA A 3 -1.65 -22.10 7.81
N MET A 4 -2.39 -21.86 6.73
CA MET A 4 -2.18 -20.66 5.91
C MET A 4 -3.41 -19.75 5.96
N ARG A 5 -3.50 -18.94 7.01
CA ARG A 5 -4.62 -18.01 7.16
C ARG A 5 -4.66 -17.03 6.00
N MET A 6 -3.47 -16.56 5.58
CA MET A 6 -3.38 -15.61 4.49
C MET A 6 -2.12 -15.86 3.65
N LEU A 7 -2.13 -15.36 2.42
CA LEU A 7 -0.99 -15.52 1.51
C LEU A 7 -0.15 -14.24 1.47
N MET A 8 1.15 -14.42 1.28
CA MET A 8 2.08 -13.29 1.22
C MET A 8 2.47 -12.98 -0.22
N ARG A 9 2.71 -11.71 -0.52
CA ARG A 9 3.08 -11.31 -1.87
C ARG A 9 4.40 -10.51 -1.88
N GLU A 10 5.10 -10.54 -3.01
CA GLU A 10 6.36 -9.84 -3.15
C GLU A 10 6.19 -8.33 -3.06
N GLU A 11 5.44 -7.78 -3.99
CA GLU A 11 5.21 -6.35 -4.06
C GLU A 11 4.55 -5.82 -2.80
N LEU A 12 3.68 -6.60 -2.20
CA LEU A 12 2.99 -6.19 -0.98
C LEU A 12 4.00 -6.01 0.16
N GLU A 13 4.92 -6.96 0.28
CA GLU A 13 5.94 -6.92 1.33
C GLU A 13 6.99 -5.83 1.08
N LYS A 14 7.35 -5.61 -0.18
CA LYS A 14 8.35 -4.61 -0.53
C LYS A 14 7.89 -3.20 -0.14
N VAL A 15 6.61 -2.94 -0.28
CA VAL A 15 6.06 -1.62 0.04
C VAL A 15 5.75 -1.46 1.53
N LEU A 16 5.06 -2.44 2.11
CA LEU A 16 4.68 -2.37 3.52
C LEU A 16 5.87 -2.40 4.49
N LYS A 17 6.89 -3.20 4.19
CA LYS A 17 8.06 -3.31 5.06
C LYS A 17 8.75 -1.96 5.29
N THR A 18 8.55 -1.01 4.39
CA THR A 18 9.18 0.31 4.54
C THR A 18 8.31 1.25 5.37
N LEU A 19 7.00 1.12 5.25
CA LEU A 19 6.07 1.97 6.01
C LEU A 19 5.99 1.54 7.47
N SER A 20 5.81 2.51 8.35
CA SER A 20 5.68 2.24 9.78
C SER A 20 4.34 1.58 10.06
N PRO A 21 4.17 0.99 11.26
CA PRO A 21 2.93 0.31 11.64
C PRO A 21 1.69 1.17 11.35
N ARG A 22 1.80 2.47 11.60
CA ARG A 22 0.68 3.38 11.36
C ARG A 22 0.54 3.72 9.88
N GLU A 23 1.67 3.88 9.19
CA GLU A 23 1.66 4.21 7.77
C GLU A 23 1.10 3.06 6.96
N ALA A 24 1.64 1.87 7.19
CA ALA A 24 1.19 0.68 6.47
C ALA A 24 -0.28 0.38 6.76
N MET A 25 -0.73 0.73 7.96
CA MET A 25 -2.11 0.48 8.35
C MET A 25 -3.09 1.20 7.43
N VAL A 26 -2.76 2.45 7.07
CA VAL A 26 -3.64 3.23 6.19
C VAL A 26 -3.72 2.55 4.82
N LEU A 27 -2.60 2.02 4.36
CA LEU A 27 -2.57 1.35 3.08
C LEU A 27 -3.20 -0.04 3.22
N ARG A 28 -3.12 -0.61 4.43
CA ARG A 28 -3.71 -1.93 4.68
C ARG A 28 -5.19 -1.86 4.33
N MET A 29 -5.84 -0.82 4.85
CA MET A 29 -7.26 -0.59 4.60
C MET A 29 -7.45 -0.28 3.12
N ARG A 30 -6.56 0.54 2.57
CA ARG A 30 -6.63 0.93 1.17
C ARG A 30 -6.52 -0.29 0.26
N TYR A 31 -5.71 -1.28 0.68
CA TYR A 31 -5.53 -2.50 -0.10
C TYR A 31 -6.67 -3.49 0.11
N GLY A 32 -7.38 -3.35 1.23
CA GLY A 32 -8.48 -4.26 1.53
C GLY A 32 -8.03 -5.47 2.31
N LEU A 33 -6.90 -5.33 3.00
CA LEU A 33 -6.34 -6.42 3.81
C LEU A 33 -7.09 -6.59 5.12
N LEU A 34 -7.62 -5.50 5.65
CA LEU A 34 -8.34 -5.52 6.92
C LEU A 34 -9.54 -6.46 6.88
N ASP A 35 -10.32 -6.41 5.79
CA ASP A 35 -11.51 -7.25 5.68
C ASP A 35 -11.52 -8.08 4.38
N GLY A 36 -10.59 -7.79 3.48
CA GLY A 36 -10.54 -8.52 2.22
C GLY A 36 -11.15 -7.76 1.06
N LYS A 37 -11.63 -6.56 1.34
CA LYS A 37 -12.24 -5.71 0.31
C LYS A 37 -11.52 -4.37 0.21
N PRO A 38 -10.74 -4.16 -0.86
CA PRO A 38 -10.00 -2.90 -1.05
C PRO A 38 -10.91 -1.68 -0.98
N LYS A 39 -10.50 -0.70 -0.18
CA LYS A 39 -11.25 0.53 0.00
C LYS A 39 -10.42 1.73 -0.44
N THR A 40 -11.10 2.83 -0.74
CA THR A 40 -10.40 4.04 -1.15
C THR A 40 -9.79 4.75 0.05
N LEU A 41 -8.73 5.51 -0.18
CA LEU A 41 -8.07 6.21 0.91
C LEU A 41 -9.04 7.12 1.65
N GLU A 42 -10.02 7.66 0.92
CA GLU A 42 -11.01 8.54 1.52
C GLU A 42 -11.64 7.92 2.76
N GLU A 43 -11.93 6.62 2.69
CA GLU A 43 -12.53 5.90 3.81
C GLU A 43 -11.51 5.67 4.92
N VAL A 44 -10.27 5.39 4.53
CA VAL A 44 -9.21 5.12 5.49
C VAL A 44 -8.79 6.38 6.25
N GLY A 45 -8.42 7.42 5.53
CA GLY A 45 -8.02 8.66 6.17
C GLY A 45 -9.10 9.20 7.07
N GLN A 46 -10.32 9.30 6.53
CA GLN A 46 -11.45 9.79 7.29
C GLN A 46 -11.75 8.87 8.48
N TYR A 47 -11.41 7.59 8.33
CA TYR A 47 -11.63 6.62 9.40
C TYR A 47 -10.76 6.95 10.61
N PHE A 48 -9.57 7.49 10.34
CA PHE A 48 -8.65 7.86 11.40
C PHE A 48 -8.91 9.30 11.86
N ASN A 49 -8.23 10.25 11.24
CA ASN A 49 -8.40 11.66 11.59
C ASN A 49 -7.62 12.56 10.64
N VAL A 50 -7.42 12.10 9.41
CA VAL A 50 -6.67 12.86 8.42
C VAL A 50 -7.26 12.74 7.02
N THR A 51 -6.94 13.71 6.17
CA THR A 51 -7.42 13.73 4.79
C THR A 51 -6.49 12.92 3.88
N ARG A 52 -6.75 12.99 2.57
CA ARG A 52 -5.93 12.29 1.59
C ARG A 52 -4.44 12.63 1.74
N GLU A 53 -4.18 13.85 2.17
CA GLU A 53 -2.82 14.33 2.33
C GLU A 53 -1.96 13.41 3.21
N ARG A 54 -2.57 12.74 4.18
CA ARG A 54 -1.82 11.85 5.06
C ARG A 54 -1.24 10.67 4.29
N ILE A 55 -2.08 9.94 3.55
CA ILE A 55 -1.57 8.83 2.75
C ILE A 55 -0.72 9.39 1.63
N ARG A 56 -1.12 10.56 1.14
CA ARG A 56 -0.36 11.27 0.11
C ARG A 56 1.05 11.51 0.61
N GLN A 57 1.13 11.87 1.90
CA GLN A 57 2.41 12.11 2.56
C GLN A 57 3.21 10.81 2.68
N ILE A 58 2.55 9.76 3.16
CA ILE A 58 3.19 8.45 3.32
C ILE A 58 3.74 7.94 1.99
N GLU A 59 2.93 8.05 0.94
CA GLU A 59 3.36 7.61 -0.39
C GLU A 59 4.68 8.27 -0.77
N VAL A 60 4.77 9.58 -0.51
CA VAL A 60 5.97 10.33 -0.81
C VAL A 60 7.14 9.89 0.07
N LYS A 61 6.95 9.99 1.39
CA LYS A 61 7.98 9.59 2.34
C LYS A 61 8.39 8.13 2.13
N ALA A 62 7.43 7.31 1.72
CA ALA A 62 7.72 5.90 1.48
C ALA A 62 8.78 5.79 0.39
N LEU A 63 8.64 6.61 -0.64
CA LEU A 63 9.58 6.65 -1.75
C LEU A 63 10.95 7.11 -1.28
N ARG A 64 10.98 8.19 -0.52
CA ARG A 64 12.23 8.74 0.01
C ARG A 64 12.83 7.78 1.02
N LYS A 65 11.99 7.24 1.88
CA LYS A 65 12.43 6.33 2.92
C LYS A 65 12.94 5.00 2.35
N LEU A 66 12.35 4.55 1.24
CA LEU A 66 12.76 3.30 0.63
C LEU A 66 14.10 3.43 -0.10
N ARG A 67 14.12 4.24 -1.16
CA ARG A 67 15.34 4.44 -1.93
C ARG A 67 15.32 5.76 -2.69
N HIS A 68 14.48 5.82 -3.72
CA HIS A 68 14.35 7.03 -4.53
C HIS A 68 12.89 7.16 -4.98
N PRO A 69 12.57 8.17 -5.80
CA PRO A 69 11.19 8.36 -6.27
C PRO A 69 10.57 7.08 -6.81
N SER A 70 9.29 7.15 -7.16
CA SER A 70 8.57 5.98 -7.68
C SER A 70 9.36 5.30 -8.79
N ARG A 71 9.88 4.11 -8.50
CA ARG A 71 10.67 3.36 -9.48
C ARG A 71 10.72 1.88 -9.12
N SER A 72 10.89 1.59 -7.84
CA SER A 72 10.95 0.21 -7.36
C SER A 72 9.66 -0.54 -7.72
N LYS A 73 9.47 -1.70 -7.07
CA LYS A 73 8.29 -2.52 -7.32
C LYS A 73 7.00 -1.70 -7.15
N TYR A 74 7.06 -0.66 -6.34
CA TYR A 74 5.91 0.21 -6.10
C TYR A 74 5.28 0.66 -7.41
N LEU A 75 6.14 1.04 -8.34
CA LEU A 75 5.73 1.52 -9.65
C LEU A 75 4.96 0.46 -10.41
N LYS A 76 5.59 -0.69 -10.63
CA LYS A 76 4.97 -1.78 -11.36
C LYS A 76 3.79 -2.37 -10.59
N SER A 77 3.89 -2.39 -9.27
CA SER A 77 2.83 -2.93 -8.42
C SER A 77 1.54 -2.15 -8.63
N LEU A 78 1.62 -0.83 -8.52
CA LEU A 78 0.45 0.02 -8.71
C LEU A 78 -0.04 -0.06 -10.15
N LEU A 79 0.91 -0.21 -11.07
CA LEU A 79 0.60 -0.31 -12.49
C LEU A 79 -0.20 -1.58 -12.77
N SER A 80 0.12 -2.65 -12.06
CA SER A 80 -0.56 -3.93 -12.22
C SER A 80 -1.98 -3.89 -11.66
N LEU A 81 -2.22 -2.96 -10.74
CA LEU A 81 -3.53 -2.84 -10.11
C LEU A 81 -4.58 -2.22 -11.03
N MET A 82 -4.15 -1.66 -12.17
CA MET A 82 -5.12 -1.04 -13.09
C MET A 82 -4.61 -0.97 -14.54
N ASP A 83 -5.51 -0.72 -15.48
CA ASP A 83 -5.12 -0.66 -16.89
C ASP A 83 -4.36 0.62 -17.25
N GLU A 84 -3.23 0.84 -16.59
CA GLU A 84 -2.42 2.03 -16.85
C GLU A 84 -1.67 1.90 -18.17
N ASN A 85 -0.59 1.11 -18.14
CA ASN A 85 0.22 0.89 -19.34
C ASN A 85 -0.25 -0.35 -20.11
N GLU A 86 -0.38 -0.20 -21.42
CA GLU A 86 -0.82 -1.30 -22.27
C GLU A 86 0.32 -2.27 -22.53
N GLY A 87 0.00 -3.56 -22.54
CA GLY A 87 1.02 -4.58 -22.78
C GLY A 87 1.07 -5.02 -24.22
N LYS A 1 10.16 -31.38 9.77
CA LYS A 1 9.03 -32.24 10.12
C LYS A 1 7.71 -31.63 9.63
N GLU A 2 7.54 -30.33 9.85
CA GLU A 2 6.33 -29.64 9.44
C GLU A 2 6.64 -28.58 8.38
N ALA A 3 5.63 -28.25 7.57
CA ALA A 3 5.79 -27.25 6.52
C ALA A 3 4.45 -26.87 5.90
N MET A 4 3.78 -25.90 6.53
CA MET A 4 2.47 -25.45 6.06
C MET A 4 2.43 -23.92 5.95
N ARG A 5 1.41 -23.40 5.29
CA ARG A 5 1.26 -21.96 5.12
C ARG A 5 2.44 -21.39 4.36
N MET A 6 2.18 -20.87 3.16
CA MET A 6 3.22 -20.30 2.32
C MET A 6 2.79 -18.96 1.74
N LEU A 7 3.77 -18.10 1.48
CA LEU A 7 3.50 -16.77 0.91
C LEU A 7 3.98 -16.68 -0.53
N MET A 8 3.19 -16.02 -1.38
CA MET A 8 3.54 -15.85 -2.77
C MET A 8 3.35 -14.41 -3.22
N ARG A 9 3.49 -13.47 -2.29
CA ARG A 9 3.32 -12.06 -2.61
C ARG A 9 4.58 -11.24 -2.26
N GLU A 10 5.18 -10.65 -3.27
CA GLU A 10 6.40 -9.85 -3.09
C GLU A 10 6.09 -8.36 -3.00
N GLU A 11 5.57 -7.81 -4.09
CA GLU A 11 5.26 -6.40 -4.17
C GLU A 11 4.44 -5.93 -2.98
N LEU A 12 3.55 -6.78 -2.49
CA LEU A 12 2.72 -6.44 -1.35
C LEU A 12 3.57 -6.32 -0.08
N GLU A 13 4.49 -7.26 0.09
CA GLU A 13 5.37 -7.28 1.27
C GLU A 13 6.53 -6.30 1.13
N LYS A 14 7.09 -6.18 -0.06
CA LYS A 14 8.22 -5.28 -0.30
C LYS A 14 7.85 -3.83 -0.01
N VAL A 15 6.60 -3.46 -0.26
CA VAL A 15 6.15 -2.10 -0.04
C VAL A 15 5.80 -1.82 1.42
N LEU A 16 5.02 -2.71 2.04
CA LEU A 16 4.61 -2.52 3.43
C LEU A 16 5.76 -2.61 4.43
N LYS A 17 6.74 -3.47 4.18
CA LYS A 17 7.87 -3.63 5.10
C LYS A 17 8.65 -2.32 5.33
N THR A 18 8.58 -1.41 4.35
CA THR A 18 9.31 -0.15 4.48
C THR A 18 8.46 0.92 5.18
N LEU A 19 7.14 0.86 4.98
CA LEU A 19 6.24 1.82 5.61
C LEU A 19 6.07 1.53 7.09
N SER A 20 5.83 2.59 7.87
CA SER A 20 5.62 2.44 9.31
C SER A 20 4.26 1.81 9.58
N PRO A 21 4.06 1.24 10.77
CA PRO A 21 2.79 0.58 11.13
C PRO A 21 1.58 1.45 10.78
N ARG A 22 1.57 2.68 11.29
CA ARG A 22 0.47 3.60 11.05
C ARG A 22 0.34 3.93 9.56
N GLU A 23 1.47 4.14 8.89
CA GLU A 23 1.46 4.48 7.46
C GLU A 23 0.97 3.30 6.65
N ALA A 24 1.56 2.12 6.88
CA ALA A 24 1.17 0.92 6.17
C ALA A 24 -0.27 0.52 6.50
N MET A 25 -0.72 0.84 7.71
CA MET A 25 -2.07 0.49 8.12
C MET A 25 -3.12 1.15 7.22
N VAL A 26 -2.84 2.37 6.76
CA VAL A 26 -3.76 3.07 5.88
C VAL A 26 -3.68 2.51 4.46
N LEU A 27 -2.48 2.06 4.08
CA LEU A 27 -2.29 1.51 2.76
C LEU A 27 -2.88 0.09 2.71
N ARG A 28 -2.58 -0.73 3.73
CA ARG A 28 -3.11 -2.08 3.78
C ARG A 28 -4.63 -2.00 3.75
N MET A 29 -5.16 -0.99 4.43
CA MET A 29 -6.59 -0.76 4.45
C MET A 29 -7.08 -0.45 3.06
N ARG A 30 -6.39 0.48 2.40
CA ARG A 30 -6.74 0.88 1.03
C ARG A 30 -6.64 -0.31 0.07
N TYR A 31 -5.75 -1.25 0.39
CA TYR A 31 -5.55 -2.43 -0.46
C TYR A 31 -6.69 -3.44 -0.28
N GLY A 32 -7.48 -3.29 0.78
CA GLY A 32 -8.56 -4.22 1.04
C GLY A 32 -8.09 -5.49 1.72
N LEU A 33 -6.90 -5.42 2.31
CA LEU A 33 -6.31 -6.57 3.00
C LEU A 33 -6.93 -6.78 4.38
N LEU A 34 -7.41 -5.70 4.99
CA LEU A 34 -8.02 -5.76 6.31
C LEU A 34 -9.25 -6.66 6.34
N ASP A 35 -10.12 -6.53 5.33
CA ASP A 35 -11.34 -7.33 5.28
C ASP A 35 -11.49 -8.09 3.96
N GLY A 36 -10.62 -7.79 2.99
CA GLY A 36 -10.70 -8.46 1.71
C GLY A 36 -11.39 -7.62 0.64
N LYS A 37 -11.79 -6.42 1.00
CA LYS A 37 -12.46 -5.51 0.08
C LYS A 37 -11.69 -4.19 -0.03
N PRO A 38 -11.01 -3.95 -1.16
CA PRO A 38 -10.25 -2.71 -1.36
C PRO A 38 -11.08 -1.46 -1.16
N LYS A 39 -10.57 -0.54 -0.37
CA LYS A 39 -11.25 0.71 -0.09
C LYS A 39 -10.43 1.90 -0.56
N THR A 40 -11.10 2.98 -0.94
CA THR A 40 -10.40 4.17 -1.40
C THR A 40 -9.84 4.95 -0.22
N LEU A 41 -8.92 5.88 -0.50
CA LEU A 41 -8.32 6.67 0.57
C LEU A 41 -9.37 7.38 1.41
N GLU A 42 -10.43 7.84 0.76
CA GLU A 42 -11.51 8.54 1.46
C GLU A 42 -12.06 7.71 2.60
N GLU A 43 -12.15 6.40 2.39
CA GLU A 43 -12.66 5.48 3.40
C GLU A 43 -11.64 5.27 4.52
N VAL A 44 -10.38 5.03 4.13
CA VAL A 44 -9.32 4.78 5.10
C VAL A 44 -8.93 6.06 5.84
N GLY A 45 -8.60 7.11 5.11
CA GLY A 45 -8.21 8.35 5.73
C GLY A 45 -9.26 8.85 6.71
N GLN A 46 -10.50 8.94 6.24
CA GLN A 46 -11.60 9.39 7.08
C GLN A 46 -11.83 8.41 8.23
N TYR A 47 -11.47 7.15 8.01
CA TYR A 47 -11.65 6.12 9.03
C TYR A 47 -10.76 6.44 10.24
N PHE A 48 -9.58 6.98 9.97
CA PHE A 48 -8.65 7.34 11.04
C PHE A 48 -8.88 8.79 11.48
N ASN A 49 -8.17 9.72 10.85
CA ASN A 49 -8.31 11.14 11.19
C ASN A 49 -7.45 12.01 10.29
N VAL A 50 -7.23 11.56 9.05
CA VAL A 50 -6.38 12.30 8.12
C VAL A 50 -6.95 12.30 6.70
N THR A 51 -6.67 13.37 5.97
CA THR A 51 -7.13 13.50 4.59
C THR A 51 -6.18 12.80 3.62
N ARG A 52 -6.49 12.88 2.32
CA ARG A 52 -5.67 12.26 1.29
C ARG A 52 -4.20 12.67 1.42
N GLU A 53 -3.99 13.90 1.85
CA GLU A 53 -2.64 14.45 1.99
C GLU A 53 -1.73 13.56 2.84
N ARG A 54 -2.28 12.91 3.86
CA ARG A 54 -1.46 12.05 4.70
C ARG A 54 -0.92 10.85 3.93
N ILE A 55 -1.79 10.11 3.24
CA ILE A 55 -1.32 8.99 2.45
C ILE A 55 -0.47 9.53 1.29
N ARG A 56 -0.84 10.71 0.83
CA ARG A 56 -0.10 11.40 -0.22
C ARG A 56 1.35 11.54 0.22
N GLN A 57 1.51 11.86 1.50
CA GLN A 57 2.84 12.00 2.10
C GLN A 57 3.51 10.64 2.23
N ILE A 58 2.77 9.64 2.69
CA ILE A 58 3.30 8.28 2.84
C ILE A 58 3.86 7.76 1.53
N GLU A 59 3.11 7.95 0.44
CA GLU A 59 3.57 7.50 -0.88
C GLU A 59 4.93 8.09 -1.19
N VAL A 60 5.05 9.42 -1.02
CA VAL A 60 6.30 10.11 -1.28
C VAL A 60 7.37 9.69 -0.27
N LYS A 61 7.04 9.80 1.02
CA LYS A 61 7.98 9.43 2.08
C LYS A 61 8.45 7.99 1.91
N ALA A 62 7.54 7.10 1.54
CA ALA A 62 7.89 5.70 1.34
C ALA A 62 9.00 5.60 0.31
N LEU A 63 8.87 6.40 -0.76
CA LEU A 63 9.86 6.43 -1.82
C LEU A 63 11.19 6.95 -1.29
N ARG A 64 11.14 7.97 -0.46
CA ARG A 64 12.35 8.55 0.13
C ARG A 64 13.04 7.52 1.03
N LYS A 65 12.24 6.82 1.83
CA LYS A 65 12.75 5.83 2.76
C LYS A 65 13.30 4.60 2.03
N LEU A 66 12.67 4.21 0.93
CA LEU A 66 13.11 3.04 0.18
C LEU A 66 14.37 3.33 -0.62
N ARG A 67 14.32 4.36 -1.48
CA ARG A 67 15.46 4.72 -2.31
C ARG A 67 15.42 6.19 -2.69
N HIS A 68 14.53 6.52 -3.63
CA HIS A 68 14.37 7.89 -4.09
C HIS A 68 13.26 7.93 -5.15
N PRO A 69 13.01 9.09 -5.76
CA PRO A 69 11.95 9.21 -6.77
C PRO A 69 12.06 8.14 -7.86
N SER A 70 13.27 7.60 -8.02
CA SER A 70 13.52 6.56 -9.02
C SER A 70 12.45 5.48 -8.95
N ARG A 71 12.34 4.68 -10.02
CA ARG A 71 11.35 3.61 -10.06
C ARG A 71 11.51 2.65 -8.89
N SER A 72 10.38 2.13 -8.40
CA SER A 72 10.39 1.20 -7.29
C SER A 72 9.19 0.26 -7.34
N LYS A 73 9.21 -0.78 -6.53
CA LYS A 73 8.12 -1.76 -6.49
C LYS A 73 6.79 -1.09 -6.18
N TYR A 74 6.82 0.00 -5.43
CA TYR A 74 5.62 0.74 -5.07
C TYR A 74 4.86 1.16 -6.31
N LEU A 75 5.60 1.71 -7.26
CA LEU A 75 5.04 2.18 -8.51
C LEU A 75 4.40 1.05 -9.32
N LYS A 76 5.21 0.07 -9.70
CA LYS A 76 4.73 -1.07 -10.47
C LYS A 76 3.65 -1.85 -9.71
N SER A 77 3.83 -1.99 -8.40
CA SER A 77 2.87 -2.70 -7.58
C SER A 77 1.52 -2.01 -7.60
N LEU A 78 1.53 -0.68 -7.63
CA LEU A 78 0.30 0.10 -7.65
C LEU A 78 -0.44 -0.14 -8.97
N LEU A 79 0.34 -0.29 -10.04
CA LEU A 79 -0.22 -0.52 -11.37
C LEU A 79 -0.91 -1.88 -11.42
N SER A 80 -0.34 -2.86 -10.73
CA SER A 80 -0.90 -4.21 -10.69
C SER A 80 -2.22 -4.25 -9.92
N LEU A 81 -2.35 -3.39 -8.92
CA LEU A 81 -3.56 -3.35 -8.10
C LEU A 81 -4.74 -2.70 -8.83
N MET A 82 -4.49 -1.74 -9.71
CA MET A 82 -5.57 -1.07 -10.42
C MET A 82 -5.14 -0.44 -11.75
N ASP A 83 -5.99 0.41 -12.33
CA ASP A 83 -5.67 1.04 -13.60
C ASP A 83 -4.86 2.34 -13.44
N GLU A 84 -4.15 2.46 -12.32
CA GLU A 84 -3.35 3.66 -12.06
C GLU A 84 -2.06 3.64 -12.88
N ASN A 85 -1.77 4.75 -13.54
CA ASN A 85 -0.56 4.88 -14.36
C ASN A 85 0.59 5.44 -13.54
N GLU A 86 0.52 6.72 -13.21
CA GLU A 86 1.57 7.37 -12.43
C GLU A 86 1.47 6.97 -10.96
N GLY A 87 2.63 6.85 -10.31
CA GLY A 87 2.66 6.47 -8.90
C GLY A 87 3.97 6.83 -8.24
#